data_1WI1
#
_entry.id   1WI1
#
_entity_poly.entity_id   1
_entity_poly.type   'polypeptide(L)'
_entity_poly.pdbx_seq_one_letter_code
;GSSGSSGMKHSGYLWAIGKNVWKRWKKRFFVLVQVSQYTFAMCSYREKKAEPQELLQLDGYTVDYTDPQPGLEGGRAFFN
AVKEGDTVIFASDDEQDRILWVQAMYRATGQSHKPVPPTQSGPSSG
;
_entity_poly.pdbx_strand_id   A
#
# COMPACT_ATOMS: atom_id res chain seq x y z
N GLY A 1 14.24 -13.29 -20.94
CA GLY A 1 13.74 -11.92 -20.86
C GLY A 1 12.38 -11.77 -21.51
N SER A 2 11.45 -12.64 -21.15
CA SER A 2 10.11 -12.60 -21.71
C SER A 2 9.40 -11.31 -21.33
N SER A 3 8.29 -11.01 -22.01
CA SER A 3 7.52 -9.80 -21.75
C SER A 3 7.06 -9.76 -20.30
N GLY A 4 6.51 -10.88 -19.82
CA GLY A 4 6.02 -10.95 -18.45
C GLY A 4 4.62 -11.49 -18.36
N SER A 5 3.87 -11.03 -17.35
CA SER A 5 2.50 -11.47 -17.15
C SER A 5 1.77 -10.57 -16.15
N SER A 6 0.67 -9.98 -16.61
CA SER A 6 -0.12 -9.08 -15.77
C SER A 6 -0.85 -9.86 -14.67
N GLY A 7 -1.44 -9.13 -13.74
CA GLY A 7 -2.17 -9.77 -12.65
C GLY A 7 -2.66 -8.78 -11.62
N MET A 8 -3.88 -9.00 -11.13
CA MET A 8 -4.47 -8.12 -10.14
C MET A 8 -4.70 -8.86 -8.81
N LYS A 9 -4.36 -8.21 -7.71
CA LYS A 9 -4.53 -8.80 -6.39
C LYS A 9 -5.59 -8.04 -5.59
N HIS A 10 -5.50 -6.72 -5.58
CA HIS A 10 -6.45 -5.89 -4.86
C HIS A 10 -6.48 -4.48 -5.44
N SER A 11 -7.69 -3.96 -5.63
CA SER A 11 -7.87 -2.63 -6.19
C SER A 11 -8.79 -1.78 -5.31
N GLY A 12 -8.64 -0.47 -5.39
CA GLY A 12 -9.46 0.42 -4.58
C GLY A 12 -8.74 1.71 -4.22
N TYR A 13 -9.51 2.77 -4.03
CA TYR A 13 -8.94 4.07 -3.68
C TYR A 13 -8.27 4.02 -2.31
N LEU A 14 -7.13 4.69 -2.20
CA LEU A 14 -6.37 4.72 -0.95
C LEU A 14 -5.56 6.00 -0.83
N TRP A 15 -5.16 6.34 0.39
CA TRP A 15 -4.37 7.54 0.63
C TRP A 15 -2.91 7.19 0.86
N ALA A 16 -2.04 7.68 -0.01
CA ALA A 16 -0.61 7.43 0.09
C ALA A 16 0.21 8.63 -0.38
N ILE A 17 1.37 8.82 0.22
CA ILE A 17 2.24 9.93 -0.14
C ILE A 17 3.71 9.52 -0.09
N GLY A 18 4.42 9.73 -1.20
CA GLY A 18 5.82 9.38 -1.26
C GLY A 18 6.71 10.59 -1.46
N LYS A 19 7.93 10.35 -1.94
CA LYS A 19 8.89 11.43 -2.17
C LYS A 19 8.97 11.76 -3.66
N ASN A 20 9.03 10.73 -4.49
CA ASN A 20 9.12 10.92 -5.94
C ASN A 20 7.73 10.89 -6.57
N VAL A 21 6.82 10.12 -5.98
CA VAL A 21 5.45 10.01 -6.48
C VAL A 21 4.44 10.33 -5.38
N TRP A 22 3.19 10.53 -5.79
CA TRP A 22 2.12 10.84 -4.84
C TRP A 22 2.59 11.87 -3.80
N LYS A 23 3.49 12.75 -4.22
CA LYS A 23 4.01 13.78 -3.33
C LYS A 23 2.92 14.31 -2.42
N ARG A 24 1.72 14.47 -2.97
CA ARG A 24 0.59 14.98 -2.20
C ARG A 24 -0.18 13.83 -1.53
N TRP A 25 -0.79 14.14 -0.40
CA TRP A 25 -1.55 13.13 0.35
C TRP A 25 -3.05 13.26 0.05
N LYS A 26 -3.53 12.48 -0.92
CA LYS A 26 -4.94 12.51 -1.29
C LYS A 26 -5.41 11.13 -1.72
N LYS A 27 -6.71 10.89 -1.60
CA LYS A 27 -7.29 9.61 -1.98
C LYS A 27 -7.21 9.40 -3.49
N ARG A 28 -6.32 8.51 -3.92
CA ARG A 28 -6.15 8.22 -5.33
C ARG A 28 -6.27 6.72 -5.60
N PHE A 29 -6.64 6.38 -6.84
CA PHE A 29 -6.79 4.98 -7.22
C PHE A 29 -5.49 4.21 -7.02
N PHE A 30 -5.60 2.99 -6.53
CA PHE A 30 -4.44 2.15 -6.28
C PHE A 30 -4.72 0.70 -6.69
N VAL A 31 -3.81 0.13 -7.47
CA VAL A 31 -3.96 -1.25 -7.94
C VAL A 31 -2.63 -2.01 -7.84
N LEU A 32 -2.67 -3.15 -7.17
CA LEU A 32 -1.48 -3.98 -6.99
C LEU A 32 -1.27 -4.90 -8.19
N VAL A 33 -0.24 -4.59 -8.98
CA VAL A 33 0.07 -5.40 -10.16
C VAL A 33 1.30 -6.27 -9.92
N GLN A 34 1.40 -7.37 -10.66
CA GLN A 34 2.52 -8.29 -10.54
C GLN A 34 3.49 -8.12 -11.70
N VAL A 35 4.63 -7.50 -11.43
CA VAL A 35 5.65 -7.28 -12.45
C VAL A 35 6.39 -8.57 -12.78
N SER A 36 7.00 -9.18 -11.76
CA SER A 36 7.73 -10.42 -11.94
C SER A 36 7.21 -11.50 -11.01
N GLN A 37 7.64 -12.74 -11.25
CA GLN A 37 7.21 -13.87 -10.43
C GLN A 37 7.16 -13.49 -8.95
N TYR A 38 8.17 -12.76 -8.51
CA TYR A 38 8.25 -12.32 -7.11
C TYR A 38 8.46 -10.82 -7.02
N THR A 39 7.81 -10.08 -7.92
CA THR A 39 7.91 -8.63 -7.93
C THR A 39 6.59 -7.98 -8.27
N PHE A 40 6.20 -6.98 -7.48
CA PHE A 40 4.94 -6.27 -7.69
C PHE A 40 5.16 -4.77 -7.65
N ALA A 41 4.16 -4.01 -8.12
CA ALA A 41 4.23 -2.56 -8.14
C ALA A 41 2.85 -1.94 -7.98
N MET A 42 2.80 -0.76 -7.37
CA MET A 42 1.55 -0.06 -7.16
C MET A 42 1.26 0.92 -8.31
N CYS A 43 0.37 0.52 -9.20
CA CYS A 43 0.01 1.35 -10.34
C CYS A 43 -1.25 2.17 -10.05
N SER A 44 -1.11 3.50 -10.13
CA SER A 44 -2.22 4.39 -9.86
C SER A 44 -2.87 4.85 -11.17
N TYR A 45 -3.92 4.13 -11.58
CA TYR A 45 -4.62 4.46 -12.81
C TYR A 45 -5.75 5.46 -12.55
N ARG A 46 -5.43 6.75 -12.67
CA ARG A 46 -6.42 7.80 -12.45
C ARG A 46 -7.20 8.10 -13.73
N GLU A 47 -6.53 7.98 -14.86
CA GLU A 47 -7.16 8.24 -16.15
C GLU A 47 -8.19 7.16 -16.48
N LYS A 48 -8.96 7.39 -17.53
CA LYS A 48 -9.98 6.45 -17.96
C LYS A 48 -9.54 5.68 -19.20
N LYS A 49 -9.00 4.49 -19.00
CA LYS A 49 -8.53 3.66 -20.10
C LYS A 49 -7.26 4.22 -20.71
N ALA A 50 -6.30 4.56 -19.86
CA ALA A 50 -5.03 5.11 -20.32
C ALA A 50 -3.88 4.64 -19.43
N GLU A 51 -2.65 4.98 -19.84
CA GLU A 51 -1.47 4.60 -19.07
C GLU A 51 -1.51 5.19 -17.66
N PRO A 52 -0.87 4.49 -16.72
CA PRO A 52 -0.82 4.92 -15.31
C PRO A 52 0.03 6.17 -15.12
N GLN A 53 -0.36 7.00 -14.16
CA GLN A 53 0.36 8.23 -13.87
C GLN A 53 1.54 7.97 -12.93
N GLU A 54 1.22 7.46 -11.74
CA GLU A 54 2.26 7.17 -10.75
C GLU A 54 2.42 5.66 -10.57
N LEU A 55 3.64 5.24 -10.28
CA LEU A 55 3.94 3.82 -10.08
C LEU A 55 5.07 3.63 -9.09
N LEU A 56 4.88 2.71 -8.15
CA LEU A 56 5.90 2.43 -7.14
C LEU A 56 6.14 0.92 -7.01
N GLN A 57 7.30 0.47 -7.49
CA GLN A 57 7.65 -0.94 -7.42
C GLN A 57 7.86 -1.39 -5.98
N LEU A 58 7.13 -2.42 -5.56
CA LEU A 58 7.24 -2.93 -4.21
C LEU A 58 8.39 -3.94 -4.10
N ASP A 59 9.43 -3.74 -4.91
CA ASP A 59 10.58 -4.62 -4.90
C ASP A 59 11.49 -4.32 -3.73
N GLY A 60 11.10 -4.76 -2.53
CA GLY A 60 11.90 -4.52 -1.35
C GLY A 60 11.11 -3.83 -0.26
N TYR A 61 10.29 -2.86 -0.63
CA TYR A 61 9.49 -2.13 0.33
C TYR A 61 8.97 -3.06 1.44
N THR A 62 9.06 -2.59 2.68
CA THR A 62 8.60 -3.37 3.82
C THR A 62 7.35 -2.77 4.45
N VAL A 63 6.19 -3.25 4.02
CA VAL A 63 4.92 -2.75 4.54
C VAL A 63 4.56 -3.44 5.85
N ASP A 64 4.10 -2.65 6.81
CA ASP A 64 3.72 -3.18 8.13
C ASP A 64 2.89 -2.17 8.90
N TYR A 65 2.01 -2.67 9.77
CA TYR A 65 1.16 -1.80 10.56
C TYR A 65 1.98 -0.79 11.36
N THR A 66 1.60 0.47 11.26
CA THR A 66 2.30 1.54 11.97
C THR A 66 1.33 2.57 12.53
N ASP A 67 1.71 3.18 13.65
CA ASP A 67 0.86 4.19 14.28
C ASP A 67 0.51 5.31 13.31
N PRO A 68 -0.58 6.02 13.60
CA PRO A 68 -1.05 7.13 12.75
C PRO A 68 -0.13 8.33 12.82
N GLN A 69 0.61 8.57 11.74
CA GLN A 69 1.53 9.71 11.68
C GLN A 69 0.78 11.02 11.78
N PRO A 70 1.39 12.00 12.48
CA PRO A 70 0.80 13.32 12.67
C PRO A 70 0.77 14.14 11.38
N GLY A 71 -0.42 14.30 10.81
CA GLY A 71 -0.57 15.06 9.58
C GLY A 71 -1.53 14.40 8.60
N LEU A 72 -1.18 13.19 8.17
CA LEU A 72 -2.01 12.45 7.22
C LEU A 72 -3.42 12.28 7.76
N GLU A 73 -4.36 13.02 7.19
CA GLU A 73 -5.76 12.95 7.61
C GLU A 73 -6.65 12.51 6.46
N GLY A 74 -6.45 11.28 5.99
CA GLY A 74 -7.24 10.76 4.90
C GLY A 74 -8.09 9.57 5.31
N GLY A 75 -7.42 8.49 5.70
CA GLY A 75 -8.13 7.28 6.11
C GLY A 75 -7.87 6.92 7.56
N ARG A 76 -8.50 5.86 8.02
CA ARG A 76 -8.34 5.41 9.40
C ARG A 76 -7.07 4.57 9.56
N ALA A 77 -7.08 3.38 8.98
CA ALA A 77 -5.94 2.48 9.05
C ALA A 77 -4.68 3.16 8.54
N PHE A 78 -3.54 2.84 9.15
CA PHE A 78 -2.27 3.42 8.75
C PHE A 78 -1.22 2.33 8.51
N PHE A 79 -0.56 2.39 7.36
CA PHE A 79 0.46 1.40 7.02
C PHE A 79 1.45 1.99 6.01
N ASN A 80 2.72 2.00 6.38
CA ASN A 80 3.77 2.53 5.51
C ASN A 80 4.80 1.45 5.19
N ALA A 81 5.50 1.63 4.07
CA ALA A 81 6.52 0.68 3.65
C ALA A 81 7.92 1.26 3.82
N VAL A 82 8.82 0.45 4.37
CA VAL A 82 10.20 0.88 4.59
C VAL A 82 11.11 0.42 3.46
N LYS A 83 11.84 1.36 2.87
CA LYS A 83 12.76 1.05 1.78
C LYS A 83 14.17 1.54 2.09
N GLU A 84 15.16 0.91 1.46
CA GLU A 84 16.55 1.27 1.67
C GLU A 84 16.69 2.77 1.92
N GLY A 85 16.18 3.57 0.98
CA GLY A 85 16.26 5.01 1.11
C GLY A 85 14.96 5.69 0.76
N ASP A 86 13.87 4.92 0.70
CA ASP A 86 12.56 5.46 0.37
C ASP A 86 11.54 5.08 1.43
N THR A 87 10.62 5.99 1.71
CA THR A 87 9.58 5.75 2.71
C THR A 87 8.23 6.28 2.23
N VAL A 88 7.24 5.40 2.17
CA VAL A 88 5.90 5.77 1.73
C VAL A 88 4.85 5.30 2.73
N ILE A 89 3.83 6.12 2.96
CA ILE A 89 2.76 5.78 3.89
C ILE A 89 1.46 5.48 3.13
N PHE A 90 0.61 4.67 3.74
CA PHE A 90 -0.67 4.30 3.14
C PHE A 90 -1.77 4.27 4.19
N ALA A 91 -3.00 4.56 3.75
CA ALA A 91 -4.14 4.56 4.65
C ALA A 91 -5.41 4.11 3.93
N SER A 92 -6.31 3.46 4.66
CA SER A 92 -7.56 2.97 4.08
C SER A 92 -8.76 3.56 4.82
N ASP A 93 -9.96 3.16 4.40
CA ASP A 93 -11.18 3.65 5.02
C ASP A 93 -11.50 2.87 6.30
N ASP A 94 -11.12 1.59 6.31
CA ASP A 94 -11.36 0.74 7.47
C ASP A 94 -10.11 -0.06 7.82
N GLU A 95 -10.08 -0.59 9.04
CA GLU A 95 -8.94 -1.37 9.50
C GLU A 95 -8.92 -2.75 8.83
N GLN A 96 -10.11 -3.27 8.54
CA GLN A 96 -10.23 -4.58 7.91
C GLN A 96 -9.50 -4.61 6.57
N ASP A 97 -9.71 -3.57 5.76
CA ASP A 97 -9.08 -3.48 4.46
C ASP A 97 -7.57 -3.49 4.60
N ARG A 98 -7.04 -2.64 5.48
CA ARG A 98 -5.61 -2.54 5.70
C ARG A 98 -4.97 -3.93 5.74
N ILE A 99 -5.48 -4.77 6.63
CA ILE A 99 -4.96 -6.13 6.77
C ILE A 99 -4.86 -6.82 5.42
N LEU A 100 -5.94 -6.81 4.67
CA LEU A 100 -5.97 -7.43 3.35
C LEU A 100 -4.87 -6.86 2.45
N TRP A 101 -4.53 -5.61 2.69
CA TRP A 101 -3.49 -4.94 1.91
C TRP A 101 -2.11 -5.35 2.38
N VAL A 102 -1.92 -5.39 3.70
CA VAL A 102 -0.64 -5.76 4.28
C VAL A 102 -0.29 -7.21 3.97
N GLN A 103 -1.29 -8.09 4.06
CA GLN A 103 -1.08 -9.51 3.77
C GLN A 103 -0.58 -9.71 2.34
N ALA A 104 -1.14 -8.95 1.41
CA ALA A 104 -0.75 -9.04 0.01
C ALA A 104 0.59 -8.35 -0.23
N MET A 105 0.67 -7.07 0.10
CA MET A 105 1.90 -6.31 -0.08
C MET A 105 3.08 -7.03 0.55
N TYR A 106 2.86 -7.63 1.71
CA TYR A 106 3.91 -8.35 2.42
C TYR A 106 4.58 -9.36 1.49
N ARG A 107 3.78 -10.22 0.89
CA ARG A 107 4.29 -11.25 -0.01
C ARG A 107 4.89 -10.62 -1.27
N ALA A 108 4.23 -9.59 -1.77
CA ALA A 108 4.70 -8.89 -2.97
C ALA A 108 6.15 -8.42 -2.80
N THR A 109 6.46 -7.91 -1.61
CA THR A 109 7.81 -7.44 -1.33
C THR A 109 8.71 -8.57 -0.88
N GLY A 110 8.21 -9.41 0.02
CA GLY A 110 8.98 -10.53 0.52
C GLY A 110 9.92 -10.14 1.63
N GLN A 111 9.48 -9.23 2.48
CA GLN A 111 10.29 -8.75 3.60
C GLN A 111 10.64 -9.91 4.54
N SER A 112 11.50 -9.63 5.51
CA SER A 112 11.93 -10.65 6.46
C SER A 112 10.98 -10.69 7.66
N HIS A 113 10.58 -9.52 8.14
CA HIS A 113 9.67 -9.42 9.27
C HIS A 113 8.22 -9.42 8.81
N LYS A 114 7.55 -10.56 8.98
CA LYS A 114 6.16 -10.69 8.57
C LYS A 114 5.25 -9.84 9.46
N PRO A 115 4.31 -9.13 8.83
CA PRO A 115 3.36 -8.26 9.54
C PRO A 115 2.35 -9.05 10.36
N VAL A 116 1.91 -8.47 11.47
CA VAL A 116 0.95 -9.12 12.35
C VAL A 116 -0.10 -8.13 12.85
N PRO A 117 -1.37 -8.57 12.84
CA PRO A 117 -2.49 -7.73 13.30
C PRO A 117 -2.46 -7.50 14.80
N PRO A 118 -2.53 -6.22 15.20
CA PRO A 118 -2.53 -5.83 16.62
C PRO A 118 -3.81 -6.23 17.34
N THR A 119 -3.93 -5.82 18.59
CA THR A 119 -5.11 -6.13 19.38
C THR A 119 -5.65 -4.89 20.08
N GLN A 120 -5.59 -3.75 19.38
CA GLN A 120 -6.08 -2.50 19.93
C GLN A 120 -7.57 -2.33 19.66
N SER A 121 -8.39 -2.81 20.60
CA SER A 121 -9.84 -2.72 20.46
C SER A 121 -10.25 -1.35 19.90
N GLY A 122 -9.93 -0.31 20.66
CA GLY A 122 -10.27 1.04 20.23
C GLY A 122 -10.26 2.03 21.37
N PRO A 123 -9.07 2.55 21.71
CA PRO A 123 -8.90 3.52 22.80
C PRO A 123 -9.50 4.88 22.46
N SER A 124 -9.45 5.80 23.41
CA SER A 124 -10.00 7.14 23.22
C SER A 124 -8.93 8.19 23.48
N SER A 125 -8.89 9.20 22.62
CA SER A 125 -7.92 10.28 22.74
C SER A 125 -8.40 11.34 23.73
N GLY A 126 -7.46 12.07 24.32
CA GLY A 126 -7.81 13.10 25.27
C GLY A 126 -6.66 14.05 25.57
N GLY A 1 11.25 -1.64 -22.67
CA GLY A 1 10.66 -2.86 -23.20
C GLY A 1 9.66 -3.48 -22.24
N SER A 2 8.38 -3.28 -22.52
CA SER A 2 7.32 -3.82 -21.68
C SER A 2 6.75 -5.11 -22.26
N SER A 3 6.46 -6.07 -21.40
CA SER A 3 5.92 -7.35 -21.83
C SER A 3 4.41 -7.26 -22.05
N GLY A 4 3.71 -6.69 -21.07
CA GLY A 4 2.28 -6.55 -21.17
C GLY A 4 1.54 -7.75 -20.62
N SER A 5 1.34 -7.78 -19.30
CA SER A 5 0.65 -8.88 -18.66
C SER A 5 -0.31 -8.36 -17.60
N SER A 6 -1.44 -9.07 -17.43
CA SER A 6 -2.44 -8.68 -16.45
C SER A 6 -2.20 -9.38 -15.13
N GLY A 7 -2.48 -8.67 -14.03
CA GLY A 7 -2.29 -9.24 -12.71
C GLY A 7 -2.82 -8.34 -11.60
N MET A 8 -4.14 -8.24 -11.53
CA MET A 8 -4.77 -7.41 -10.51
C MET A 8 -5.19 -8.24 -9.30
N LYS A 9 -4.65 -7.89 -8.13
CA LYS A 9 -4.96 -8.61 -6.90
C LYS A 9 -6.02 -7.86 -6.09
N HIS A 10 -5.75 -6.60 -5.79
CA HIS A 10 -6.68 -5.78 -5.02
C HIS A 10 -6.79 -4.39 -5.61
N SER A 11 -8.02 -3.98 -5.92
CA SER A 11 -8.27 -2.65 -6.50
C SER A 11 -9.20 -1.84 -5.62
N GLY A 12 -8.80 -0.61 -5.32
CA GLY A 12 -9.60 0.26 -4.48
C GLY A 12 -8.92 1.59 -4.20
N TYR A 13 -9.70 2.56 -3.73
CA TYR A 13 -9.16 3.88 -3.42
C TYR A 13 -8.40 3.86 -2.10
N LEU A 14 -7.19 4.42 -2.12
CA LEU A 14 -6.36 4.47 -0.92
C LEU A 14 -5.52 5.74 -0.89
N TRP A 15 -5.07 6.12 0.30
CA TRP A 15 -4.25 7.32 0.47
C TRP A 15 -2.77 6.96 0.59
N ALA A 16 -1.96 7.50 -0.31
CA ALA A 16 -0.52 7.23 -0.30
C ALA A 16 0.27 8.51 -0.54
N ILE A 17 1.45 8.59 0.07
CA ILE A 17 2.30 9.77 -0.07
C ILE A 17 3.78 9.37 -0.05
N GLY A 18 4.50 9.78 -1.09
CA GLY A 18 5.92 9.47 -1.18
C GLY A 18 6.77 10.68 -1.45
N LYS A 19 8.07 10.47 -1.63
CA LYS A 19 8.99 11.56 -1.90
C LYS A 19 8.99 11.93 -3.38
N ASN A 20 9.17 10.92 -4.23
CA ASN A 20 9.19 11.14 -5.67
C ASN A 20 7.78 11.05 -6.25
N VAL A 21 6.97 10.16 -5.68
CA VAL A 21 5.60 9.97 -6.15
C VAL A 21 4.60 10.31 -5.03
N TRP A 22 3.39 10.69 -5.43
CA TRP A 22 2.34 11.03 -4.47
C TRP A 22 2.86 12.03 -3.45
N LYS A 23 3.74 12.93 -3.88
CA LYS A 23 4.30 13.94 -3.01
C LYS A 23 3.23 14.55 -2.12
N ARG A 24 1.98 14.46 -2.56
CA ARG A 24 0.85 15.01 -1.80
C ARG A 24 -0.05 13.89 -1.28
N TRP A 25 -0.68 14.13 -0.15
CA TRP A 25 -1.57 13.15 0.45
C TRP A 25 -2.98 13.24 -0.14
N LYS A 26 -3.20 12.50 -1.22
CA LYS A 26 -4.51 12.51 -1.89
C LYS A 26 -5.06 11.08 -1.99
N LYS A 27 -6.38 10.99 -2.11
CA LYS A 27 -7.04 9.69 -2.22
C LYS A 27 -7.33 9.34 -3.67
N ARG A 28 -6.57 8.40 -4.21
CA ARG A 28 -6.75 7.98 -5.60
C ARG A 28 -6.88 6.46 -5.69
N PHE A 29 -7.25 5.98 -6.88
CA PHE A 29 -7.42 4.55 -7.10
C PHE A 29 -6.07 3.85 -7.12
N PHE A 30 -5.94 2.79 -6.32
CA PHE A 30 -4.69 2.03 -6.26
C PHE A 30 -4.92 0.57 -6.67
N VAL A 31 -3.94 0.00 -7.36
CA VAL A 31 -4.04 -1.38 -7.82
C VAL A 31 -2.70 -2.09 -7.69
N LEU A 32 -2.70 -3.22 -7.00
CA LEU A 32 -1.48 -4.01 -6.81
C LEU A 32 -1.16 -4.83 -8.05
N VAL A 33 -0.23 -4.35 -8.86
CA VAL A 33 0.17 -5.05 -10.08
C VAL A 33 1.38 -5.94 -9.83
N GLN A 34 1.47 -7.04 -10.59
CA GLN A 34 2.58 -7.97 -10.44
C GLN A 34 3.57 -7.82 -11.59
N VAL A 35 4.65 -7.08 -11.34
CA VAL A 35 5.66 -6.86 -12.36
C VAL A 35 6.33 -8.18 -12.78
N SER A 36 6.85 -8.90 -11.79
CA SER A 36 7.52 -10.18 -12.04
C SER A 36 6.97 -11.27 -11.14
N GLN A 37 7.56 -12.45 -11.23
CA GLN A 37 7.11 -13.59 -10.42
C GLN A 37 7.18 -13.24 -8.93
N TYR A 38 8.27 -12.62 -8.51
CA TYR A 38 8.46 -12.25 -7.12
C TYR A 38 8.58 -10.73 -6.97
N THR A 39 8.02 -10.00 -7.94
CA THR A 39 8.08 -8.55 -7.92
C THR A 39 6.69 -7.94 -8.15
N PHE A 40 6.42 -6.83 -7.49
CA PHE A 40 5.13 -6.16 -7.61
C PHE A 40 5.31 -4.64 -7.56
N ALA A 41 4.30 -3.92 -8.05
CA ALA A 41 4.33 -2.47 -8.06
C ALA A 41 2.94 -1.88 -7.85
N MET A 42 2.89 -0.72 -7.19
CA MET A 42 1.61 -0.07 -6.93
C MET A 42 1.30 0.97 -8.01
N CYS A 43 0.41 0.62 -8.92
CA CYS A 43 0.02 1.52 -10.01
C CYS A 43 -1.30 2.22 -9.69
N SER A 44 -1.31 3.54 -9.85
CA SER A 44 -2.51 4.32 -9.57
C SER A 44 -3.06 4.93 -10.86
N TYR A 45 -4.25 4.48 -11.26
CA TYR A 45 -4.89 4.98 -12.47
C TYR A 45 -5.99 5.99 -12.13
N ARG A 46 -6.03 7.09 -12.88
CA ARG A 46 -7.02 8.13 -12.67
C ARG A 46 -8.17 7.98 -13.65
N GLU A 47 -7.87 7.47 -14.85
CA GLU A 47 -8.89 7.29 -15.89
C GLU A 47 -8.92 5.84 -16.36
N LYS A 48 -9.98 5.48 -17.07
CA LYS A 48 -10.14 4.12 -17.58
C LYS A 48 -8.99 3.77 -18.52
N LYS A 49 -8.74 4.63 -19.50
CA LYS A 49 -7.67 4.41 -20.46
C LYS A 49 -6.58 5.47 -20.33
N ALA A 50 -5.52 5.13 -19.59
CA ALA A 50 -4.41 6.06 -19.39
C ALA A 50 -3.27 5.38 -18.64
N GLU A 51 -2.09 6.00 -18.68
CA GLU A 51 -0.92 5.46 -18.02
C GLU A 51 -0.86 5.90 -16.56
N PRO A 52 -0.28 5.05 -15.70
CA PRO A 52 -0.15 5.35 -14.27
C PRO A 52 0.84 6.47 -13.98
N GLN A 53 0.31 7.67 -13.77
CA GLN A 53 1.15 8.83 -13.48
C GLN A 53 2.19 8.50 -12.42
N GLU A 54 1.75 7.89 -11.33
CA GLU A 54 2.64 7.52 -10.23
C GLU A 54 2.73 6.01 -10.09
N LEU A 55 3.89 5.53 -9.69
CA LEU A 55 4.11 4.10 -9.50
C LEU A 55 5.18 3.84 -8.45
N LEU A 56 4.97 2.81 -7.64
CA LEU A 56 5.92 2.45 -6.59
C LEU A 56 6.21 0.96 -6.61
N GLN A 57 7.44 0.60 -7.00
CA GLN A 57 7.84 -0.80 -7.06
C GLN A 57 8.19 -1.32 -5.67
N LEU A 58 7.49 -2.36 -5.25
CA LEU A 58 7.72 -2.96 -3.94
C LEU A 58 8.84 -3.99 -4.00
N ASP A 59 9.83 -3.74 -4.86
CA ASP A 59 10.96 -4.65 -5.02
C ASP A 59 11.49 -5.08 -3.65
N GLY A 60 11.80 -4.10 -2.80
CA GLY A 60 12.32 -4.40 -1.48
C GLY A 60 11.62 -3.62 -0.39
N TYR A 61 10.41 -3.16 -0.67
CA TYR A 61 9.63 -2.39 0.29
C TYR A 61 9.05 -3.29 1.37
N THR A 62 9.03 -2.80 2.60
CA THR A 62 8.49 -3.56 3.73
C THR A 62 7.27 -2.87 4.33
N VAL A 63 6.09 -3.36 3.98
CA VAL A 63 4.85 -2.79 4.48
C VAL A 63 4.43 -3.46 5.79
N ASP A 64 4.08 -2.64 6.78
CA ASP A 64 3.66 -3.17 8.08
C ASP A 64 2.79 -2.14 8.82
N TYR A 65 1.99 -2.63 9.76
CA TYR A 65 1.11 -1.77 10.52
C TYR A 65 1.91 -0.79 11.38
N THR A 66 1.48 0.47 11.38
CA THR A 66 2.16 1.52 12.15
C THR A 66 1.17 2.56 12.66
N ASP A 67 1.62 3.38 13.60
CA ASP A 67 0.78 4.43 14.16
C ASP A 67 0.42 5.47 13.10
N PRO A 68 -0.71 6.16 13.31
CA PRO A 68 -1.20 7.18 12.39
C PRO A 68 -0.32 8.43 12.40
N GLN A 69 0.44 8.62 11.32
CA GLN A 69 1.33 9.78 11.21
C GLN A 69 0.55 11.07 11.43
N PRO A 70 1.18 12.01 12.15
CA PRO A 70 0.57 13.31 12.45
C PRO A 70 0.47 14.19 11.21
N GLY A 71 -0.76 14.41 10.75
CA GLY A 71 -0.97 15.25 9.57
C GLY A 71 -1.91 14.60 8.57
N LEU A 72 -1.52 13.43 8.06
CA LEU A 72 -2.33 12.72 7.08
C LEU A 72 -3.76 12.55 7.59
N GLU A 73 -4.70 13.22 6.93
CA GLU A 73 -6.10 13.14 7.31
C GLU A 73 -6.93 12.47 6.22
N GLY A 74 -6.75 11.16 6.08
CA GLY A 74 -7.49 10.42 5.07
C GLY A 74 -7.41 8.91 5.29
N GLY A 75 -8.42 8.36 5.94
CA GLY A 75 -8.44 6.93 6.21
C GLY A 75 -8.31 6.61 7.68
N ARG A 76 -8.70 5.40 8.05
CA ARG A 76 -8.63 4.96 9.45
C ARG A 76 -7.29 4.30 9.73
N ALA A 77 -7.01 3.21 9.03
CA ALA A 77 -5.76 2.48 9.21
C ALA A 77 -4.60 3.21 8.56
N PHE A 78 -3.41 3.04 9.12
CA PHE A 78 -2.21 3.70 8.59
C PHE A 78 -1.07 2.69 8.44
N PHE A 79 -0.75 2.35 7.20
CA PHE A 79 0.32 1.40 6.91
C PHE A 79 1.34 2.01 5.96
N ASN A 80 2.60 2.06 6.40
CA ASN A 80 3.66 2.61 5.58
C ASN A 80 4.72 1.55 5.28
N ALA A 81 5.50 1.78 4.22
CA ALA A 81 6.55 0.84 3.82
C ALA A 81 7.92 1.50 3.93
N VAL A 82 8.94 0.66 4.12
CA VAL A 82 10.31 1.16 4.25
C VAL A 82 11.19 0.59 3.14
N LYS A 83 12.02 1.45 2.55
CA LYS A 83 12.91 1.04 1.47
C LYS A 83 14.36 1.42 1.79
N GLU A 84 15.30 0.72 1.18
CA GLU A 84 16.72 0.98 1.40
C GLU A 84 16.96 2.47 1.63
N GLY A 85 16.46 3.29 0.73
CA GLY A 85 16.63 4.73 0.83
C GLY A 85 15.36 5.50 0.51
N ASP A 86 14.24 4.78 0.46
CA ASP A 86 12.96 5.41 0.16
C ASP A 86 11.92 5.06 1.23
N THR A 87 10.97 5.97 1.44
CA THR A 87 9.92 5.76 2.43
C THR A 87 8.56 6.22 1.90
N VAL A 88 7.54 5.43 2.17
CA VAL A 88 6.18 5.75 1.73
C VAL A 88 5.15 5.35 2.77
N ILE A 89 4.06 6.11 2.83
CA ILE A 89 3.00 5.84 3.79
C ILE A 89 1.67 5.62 3.08
N PHE A 90 0.89 4.65 3.58
CA PHE A 90 -0.41 4.34 2.99
C PHE A 90 -1.48 4.26 4.07
N ALA A 91 -2.74 4.41 3.65
CA ALA A 91 -3.86 4.36 4.58
C ALA A 91 -5.09 3.75 3.92
N SER A 92 -5.99 3.22 4.74
CA SER A 92 -7.21 2.59 4.24
C SER A 92 -8.44 3.20 4.90
N ASP A 93 -9.61 2.96 4.30
CA ASP A 93 -10.86 3.47 4.85
C ASP A 93 -11.23 2.77 6.14
N ASP A 94 -11.09 1.45 6.15
CA ASP A 94 -11.41 0.66 7.34
C ASP A 94 -10.24 -0.26 7.70
N GLU A 95 -10.07 -0.50 9.01
CA GLU A 95 -9.00 -1.36 9.49
C GLU A 95 -8.91 -2.64 8.67
N GLN A 96 -10.02 -3.38 8.63
CA GLN A 96 -10.07 -4.64 7.89
C GLN A 96 -9.44 -4.49 6.52
N ASP A 97 -9.81 -3.42 5.80
CA ASP A 97 -9.28 -3.17 4.48
C ASP A 97 -7.75 -3.23 4.49
N ARG A 98 -7.14 -2.49 5.40
CA ARG A 98 -5.68 -2.46 5.51
C ARG A 98 -5.11 -3.87 5.49
N ILE A 99 -5.48 -4.67 6.48
CA ILE A 99 -5.00 -6.04 6.58
C ILE A 99 -4.91 -6.69 5.20
N LEU A 100 -6.04 -6.74 4.51
CA LEU A 100 -6.09 -7.34 3.18
C LEU A 100 -4.93 -6.84 2.32
N TRP A 101 -4.60 -5.57 2.45
CA TRP A 101 -3.50 -4.98 1.69
C TRP A 101 -2.16 -5.40 2.26
N VAL A 102 -2.00 -5.25 3.58
CA VAL A 102 -0.77 -5.63 4.25
C VAL A 102 -0.36 -7.05 3.90
N GLN A 103 -1.30 -7.99 4.08
CA GLN A 103 -1.04 -9.39 3.80
C GLN A 103 -0.51 -9.57 2.38
N ALA A 104 -1.21 -9.00 1.41
CA ALA A 104 -0.80 -9.10 0.01
C ALA A 104 0.53 -8.40 -0.22
N MET A 105 0.54 -7.08 -0.04
CA MET A 105 1.75 -6.30 -0.23
C MET A 105 2.94 -6.96 0.45
N TYR A 106 2.69 -7.63 1.57
CA TYR A 106 3.74 -8.31 2.32
C TYR A 106 4.41 -9.38 1.46
N ARG A 107 3.63 -10.35 1.01
CA ARG A 107 4.15 -11.43 0.19
C ARG A 107 4.77 -10.89 -1.10
N ALA A 108 4.17 -9.82 -1.62
CA ALA A 108 4.67 -9.20 -2.85
C ALA A 108 6.16 -8.86 -2.73
N THR A 109 6.53 -8.24 -1.63
CA THR A 109 7.92 -7.85 -1.39
C THR A 109 8.73 -9.04 -0.90
N GLY A 110 8.15 -9.83 -0.01
CA GLY A 110 8.85 -10.99 0.53
C GLY A 110 9.77 -10.64 1.67
N GLN A 111 9.46 -9.57 2.38
CA GLN A 111 10.28 -9.12 3.50
C GLN A 111 10.57 -10.28 4.46
N SER A 112 11.36 -10.00 5.50
CA SER A 112 11.70 -11.02 6.48
C SER A 112 10.77 -10.95 7.68
N HIS A 113 10.48 -9.74 8.13
CA HIS A 113 9.59 -9.54 9.27
C HIS A 113 8.13 -9.52 8.83
N LYS A 114 7.40 -10.56 9.20
CA LYS A 114 5.99 -10.68 8.85
C LYS A 114 5.15 -9.67 9.65
N PRO A 115 4.28 -8.94 8.94
CA PRO A 115 3.41 -7.93 9.55
C PRO A 115 2.32 -8.57 10.41
N VAL A 116 2.00 -7.92 11.53
CA VAL A 116 0.96 -8.42 12.43
C VAL A 116 -0.08 -7.34 12.72
N PRO A 117 -1.35 -7.75 12.74
CA PRO A 117 -2.47 -6.84 13.01
C PRO A 117 -2.50 -6.36 14.46
N PRO A 118 -2.78 -5.06 14.65
CA PRO A 118 -2.85 -4.45 15.97
C PRO A 118 -4.04 -4.94 16.78
N THR A 119 -4.04 -4.64 18.08
CA THR A 119 -5.12 -5.05 18.96
C THR A 119 -5.59 -3.88 19.84
N GLN A 120 -6.47 -3.05 19.29
CA GLN A 120 -6.99 -1.91 20.02
C GLN A 120 -7.48 -2.32 21.41
N SER A 121 -6.71 -1.98 22.43
CA SER A 121 -7.06 -2.31 23.81
C SER A 121 -6.60 -1.23 24.77
N GLY A 122 -7.44 -0.93 25.76
CA GLY A 122 -7.10 0.09 26.73
C GLY A 122 -6.95 -0.47 28.14
N PRO A 123 -6.27 0.28 29.01
CA PRO A 123 -6.04 -0.13 30.40
C PRO A 123 -7.33 -0.11 31.23
N SER A 124 -7.27 -0.71 32.41
CA SER A 124 -8.43 -0.76 33.30
C SER A 124 -9.63 -1.39 32.58
N SER A 125 -9.37 -2.45 31.83
CA SER A 125 -10.42 -3.15 31.10
C SER A 125 -10.50 -4.61 31.52
N GLY A 126 -9.41 -5.34 31.31
CA GLY A 126 -9.37 -6.75 31.66
C GLY A 126 -8.35 -7.04 32.75
N GLY A 1 7.92 -8.91 -16.94
CA GLY A 1 6.77 -8.59 -17.76
C GLY A 1 5.78 -9.73 -17.83
N SER A 2 5.53 -10.38 -16.70
CA SER A 2 4.61 -11.51 -16.64
C SER A 2 3.26 -11.07 -16.07
N SER A 3 2.31 -10.81 -16.97
CA SER A 3 0.98 -10.38 -16.55
C SER A 3 -0.10 -11.17 -17.29
N GLY A 4 -0.85 -11.98 -16.56
CA GLY A 4 -1.90 -12.77 -17.16
C GLY A 4 -3.16 -12.77 -16.33
N SER A 5 -3.94 -13.86 -16.42
CA SER A 5 -5.18 -13.98 -15.68
C SER A 5 -5.01 -13.51 -14.24
N SER A 6 -6.10 -13.03 -13.65
CA SER A 6 -6.06 -12.54 -12.28
C SER A 6 -4.80 -11.73 -12.02
N GLY A 7 -4.47 -10.83 -12.94
CA GLY A 7 -3.28 -10.01 -12.80
C GLY A 7 -3.39 -9.05 -11.63
N MET A 8 -4.55 -8.45 -11.45
CA MET A 8 -4.78 -7.51 -10.37
C MET A 8 -5.15 -8.24 -9.08
N LYS A 9 -4.43 -7.95 -8.00
CA LYS A 9 -4.68 -8.57 -6.72
C LYS A 9 -5.70 -7.78 -5.92
N HIS A 10 -5.40 -6.50 -5.67
CA HIS A 10 -6.30 -5.63 -4.91
C HIS A 10 -6.49 -4.30 -5.64
N SER A 11 -7.74 -3.84 -5.67
CA SER A 11 -8.07 -2.58 -6.34
C SER A 11 -9.01 -1.75 -5.48
N GLY A 12 -8.72 -0.45 -5.38
CA GLY A 12 -9.54 0.44 -4.59
C GLY A 12 -8.85 1.74 -4.26
N TYR A 13 -9.61 2.72 -3.79
CA TYR A 13 -9.06 4.03 -3.45
C TYR A 13 -8.30 3.95 -2.12
N LEU A 14 -7.18 4.69 -2.05
CA LEU A 14 -6.36 4.71 -0.85
C LEU A 14 -5.57 6.01 -0.75
N TRP A 15 -5.12 6.33 0.45
CA TRP A 15 -4.35 7.56 0.67
C TRP A 15 -2.89 7.23 0.94
N ALA A 16 -2.01 7.74 0.09
CA ALA A 16 -0.58 7.51 0.23
C ALA A 16 0.22 8.76 -0.14
N ILE A 17 1.45 8.85 0.37
CA ILE A 17 2.31 9.99 0.10
C ILE A 17 3.78 9.60 0.16
N GLY A 18 4.50 9.86 -0.94
CA GLY A 18 5.91 9.51 -0.99
C GLY A 18 6.79 10.74 -1.12
N LYS A 19 8.02 10.54 -1.58
CA LYS A 19 8.96 11.63 -1.75
C LYS A 19 9.07 12.04 -3.22
N ASN A 20 9.08 11.04 -4.11
CA ASN A 20 9.17 11.30 -5.54
C ASN A 20 7.79 11.32 -6.18
N VAL A 21 6.92 10.42 -5.74
CA VAL A 21 5.56 10.34 -6.26
C VAL A 21 4.54 10.64 -5.19
N TRP A 22 3.29 10.82 -5.59
CA TRP A 22 2.22 11.12 -4.66
C TRP A 22 2.66 12.12 -3.61
N LYS A 23 3.46 13.10 -4.02
CA LYS A 23 3.97 14.11 -3.11
C LYS A 23 2.82 14.82 -2.40
N ARG A 24 1.62 14.65 -2.92
CA ARG A 24 0.43 15.27 -2.34
C ARG A 24 -0.48 14.23 -1.71
N TRP A 25 -0.79 14.42 -0.43
CA TRP A 25 -1.66 13.48 0.28
C TRP A 25 -3.11 13.62 -0.19
N LYS A 26 -3.52 12.69 -1.05
CA LYS A 26 -4.89 12.70 -1.58
C LYS A 26 -5.38 11.28 -1.82
N LYS A 27 -6.70 11.11 -1.82
CA LYS A 27 -7.30 9.80 -2.05
C LYS A 27 -7.30 9.45 -3.52
N ARG A 28 -6.38 8.59 -3.93
CA ARG A 28 -6.27 8.18 -5.33
C ARG A 28 -6.50 6.68 -5.46
N PHE A 29 -6.67 6.21 -6.70
CA PHE A 29 -6.89 4.80 -6.97
C PHE A 29 -5.58 4.02 -6.95
N PHE A 30 -5.50 3.02 -6.08
CA PHE A 30 -4.31 2.20 -5.95
C PHE A 30 -4.59 0.76 -6.35
N VAL A 31 -3.73 0.20 -7.20
CA VAL A 31 -3.89 -1.17 -7.66
C VAL A 31 -2.57 -1.94 -7.58
N LEU A 32 -2.61 -3.11 -6.96
CA LEU A 32 -1.42 -3.94 -6.81
C LEU A 32 -1.22 -4.82 -8.04
N VAL A 33 -0.23 -4.46 -8.86
CA VAL A 33 0.07 -5.23 -10.07
C VAL A 33 1.24 -6.17 -9.84
N GLN A 34 1.27 -7.26 -10.61
CA GLN A 34 2.34 -8.25 -10.50
C GLN A 34 3.32 -8.12 -11.66
N VAL A 35 4.55 -7.70 -11.34
CA VAL A 35 5.58 -7.55 -12.36
C VAL A 35 6.28 -8.87 -12.64
N SER A 36 6.86 -9.46 -11.60
CA SER A 36 7.56 -10.73 -11.74
C SER A 36 7.00 -11.77 -10.78
N GLN A 37 7.57 -12.97 -10.81
CA GLN A 37 7.13 -14.06 -9.95
C GLN A 37 6.95 -13.57 -8.51
N TYR A 38 7.97 -12.91 -7.99
CA TYR A 38 7.92 -12.39 -6.63
C TYR A 38 8.14 -10.88 -6.61
N THR A 39 7.56 -10.19 -7.58
CA THR A 39 7.69 -8.75 -7.68
C THR A 39 6.37 -8.10 -8.07
N PHE A 40 6.06 -6.97 -7.43
CA PHE A 40 4.82 -6.25 -7.71
C PHE A 40 5.05 -4.75 -7.72
N ALA A 41 4.03 -4.00 -8.12
CA ALA A 41 4.12 -2.54 -8.16
C ALA A 41 2.75 -1.90 -7.93
N MET A 42 2.76 -0.71 -7.34
CA MET A 42 1.52 0.01 -7.06
C MET A 42 1.22 1.01 -8.18
N CYS A 43 0.29 0.64 -9.05
CA CYS A 43 -0.11 1.51 -10.16
C CYS A 43 -1.28 2.39 -9.77
N SER A 44 -1.13 3.70 -9.99
CA SER A 44 -2.18 4.65 -9.66
C SER A 44 -2.91 5.12 -10.92
N TYR A 45 -3.90 4.34 -11.34
CA TYR A 45 -4.68 4.68 -12.53
C TYR A 45 -5.62 5.84 -12.26
N ARG A 46 -5.90 6.61 -13.31
CA ARG A 46 -6.79 7.77 -13.19
C ARG A 46 -7.98 7.63 -14.12
N GLU A 47 -7.80 6.90 -15.21
CA GLU A 47 -8.86 6.70 -16.18
C GLU A 47 -8.72 5.34 -16.88
N LYS A 48 -9.84 4.67 -17.08
CA LYS A 48 -9.84 3.36 -17.72
C LYS A 48 -8.88 3.34 -18.90
N LYS A 49 -8.87 4.41 -19.68
CA LYS A 49 -8.00 4.51 -20.83
C LYS A 49 -6.62 5.04 -20.43
N ALA A 50 -6.61 6.19 -19.77
CA ALA A 50 -5.35 6.79 -19.32
C ALA A 50 -4.46 5.76 -18.63
N GLU A 51 -3.15 5.87 -18.87
CA GLU A 51 -2.20 4.95 -18.27
C GLU A 51 -1.69 5.48 -16.94
N PRO A 52 -1.29 4.56 -16.05
CA PRO A 52 -0.78 4.92 -14.72
C PRO A 52 0.59 5.57 -14.79
N GLN A 53 0.65 6.84 -14.36
CA GLN A 53 1.90 7.58 -14.37
C GLN A 53 2.78 7.20 -13.19
N GLU A 54 2.38 7.64 -12.00
CA GLU A 54 3.13 7.35 -10.78
C GLU A 54 3.09 5.85 -10.46
N LEU A 55 4.24 5.20 -10.59
CA LEU A 55 4.34 3.77 -10.32
C LEU A 55 5.46 3.48 -9.32
N LEU A 56 5.11 2.84 -8.21
CA LEU A 56 6.08 2.50 -7.18
C LEU A 56 6.26 0.98 -7.09
N GLN A 57 7.49 0.53 -7.31
CA GLN A 57 7.79 -0.90 -7.25
C GLN A 57 8.07 -1.33 -5.81
N LEU A 58 7.40 -2.38 -5.38
CA LEU A 58 7.58 -2.90 -4.03
C LEU A 58 8.55 -4.07 -4.01
N ASP A 59 9.54 -4.03 -4.90
CA ASP A 59 10.53 -5.09 -4.98
C ASP A 59 11.26 -5.27 -3.65
N GLY A 60 11.38 -4.18 -2.90
CA GLY A 60 12.05 -4.23 -1.61
C GLY A 60 11.22 -3.62 -0.50
N TYR A 61 10.44 -2.61 -0.83
CA TYR A 61 9.60 -1.94 0.16
C TYR A 61 9.08 -2.93 1.19
N THR A 62 9.03 -2.49 2.44
CA THR A 62 8.56 -3.34 3.53
C THR A 62 7.32 -2.74 4.20
N VAL A 63 6.15 -3.19 3.77
CA VAL A 63 4.90 -2.70 4.32
C VAL A 63 4.54 -3.43 5.61
N ASP A 64 4.06 -2.68 6.59
CA ASP A 64 3.68 -3.26 7.87
C ASP A 64 2.80 -2.30 8.67
N TYR A 65 2.12 -2.82 9.68
CA TYR A 65 1.24 -2.01 10.52
C TYR A 65 2.04 -0.98 11.32
N THR A 66 1.61 0.27 11.25
CA THR A 66 2.29 1.35 11.96
C THR A 66 1.28 2.34 12.54
N ASP A 67 1.71 3.11 13.54
CA ASP A 67 0.86 4.09 14.18
C ASP A 67 0.50 5.22 13.21
N PRO A 68 -0.61 5.92 13.47
CA PRO A 68 -1.08 7.02 12.64
C PRO A 68 -0.17 8.24 12.73
N GLN A 69 0.45 8.59 11.61
CA GLN A 69 1.35 9.74 11.56
C GLN A 69 0.61 11.02 11.90
N PRO A 70 1.21 11.85 12.76
CA PRO A 70 0.62 13.13 13.17
C PRO A 70 0.60 14.16 12.05
N GLY A 71 -0.48 14.15 11.26
CA GLY A 71 -0.60 15.09 10.15
C GLY A 71 -1.63 14.65 9.14
N LEU A 72 -1.50 13.43 8.65
CA LEU A 72 -2.44 12.89 7.66
C LEU A 72 -3.85 12.83 8.22
N GLU A 73 -4.81 13.34 7.46
CA GLU A 73 -6.20 13.34 7.88
C GLU A 73 -7.08 12.57 6.89
N GLY A 74 -6.56 11.46 6.39
CA GLY A 74 -7.30 10.65 5.44
C GLY A 74 -7.26 9.18 5.77
N GLY A 75 -8.41 8.52 5.65
CA GLY A 75 -8.48 7.10 5.94
C GLY A 75 -8.29 6.80 7.42
N ARG A 76 -8.68 5.60 7.83
CA ARG A 76 -8.55 5.19 9.22
C ARG A 76 -7.23 4.48 9.47
N ALA A 77 -7.09 3.27 8.92
CA ALA A 77 -5.87 2.49 9.08
C ALA A 77 -4.67 3.23 8.50
N PHE A 78 -3.51 3.00 9.09
CA PHE A 78 -2.28 3.64 8.62
C PHE A 78 -1.17 2.61 8.42
N PHE A 79 -0.79 2.41 7.16
CA PHE A 79 0.26 1.44 6.84
C PHE A 79 1.27 2.05 5.85
N ASN A 80 2.54 1.92 6.17
CA ASN A 80 3.60 2.47 5.33
C ASN A 80 4.63 1.39 4.99
N ALA A 81 5.50 1.68 4.04
CA ALA A 81 6.54 0.74 3.64
C ALA A 81 7.93 1.30 3.93
N VAL A 82 8.86 0.41 4.26
CA VAL A 82 10.23 0.81 4.56
C VAL A 82 11.18 0.42 3.44
N LYS A 83 11.95 1.40 2.96
CA LYS A 83 12.91 1.15 1.89
C LYS A 83 14.31 1.63 2.28
N GLU A 84 15.32 1.05 1.65
CA GLU A 84 16.71 1.42 1.94
C GLU A 84 16.81 2.90 2.27
N GLY A 85 16.32 3.75 1.37
CA GLY A 85 16.37 5.18 1.59
C GLY A 85 15.09 5.88 1.18
N ASP A 86 14.01 5.11 1.07
CA ASP A 86 12.72 5.66 0.68
C ASP A 86 11.64 5.29 1.69
N THR A 87 10.68 6.18 1.88
CA THR A 87 9.59 5.94 2.83
C THR A 87 8.26 6.41 2.26
N VAL A 88 7.28 5.51 2.24
CA VAL A 88 5.96 5.83 1.72
C VAL A 88 4.86 5.34 2.67
N ILE A 89 3.90 6.21 2.94
CA ILE A 89 2.79 5.87 3.83
C ILE A 89 1.52 5.58 3.05
N PHE A 90 0.64 4.77 3.62
CA PHE A 90 -0.61 4.41 2.98
C PHE A 90 -1.75 4.32 3.99
N ALA A 91 -2.98 4.36 3.50
CA ALA A 91 -4.15 4.29 4.37
C ALA A 91 -5.29 3.54 3.69
N SER A 92 -6.39 3.34 4.41
CA SER A 92 -7.54 2.64 3.87
C SER A 92 -8.84 3.20 4.46
N ASP A 93 -9.96 2.75 3.92
CA ASP A 93 -11.28 3.21 4.39
C ASP A 93 -11.68 2.48 5.67
N ASP A 94 -11.46 1.17 5.69
CA ASP A 94 -11.79 0.36 6.86
C ASP A 94 -10.56 -0.38 7.38
N GLU A 95 -10.58 -0.70 8.67
CA GLU A 95 -9.47 -1.41 9.29
C GLU A 95 -9.23 -2.76 8.60
N GLN A 96 -10.29 -3.52 8.41
CA GLN A 96 -10.19 -4.82 7.77
C GLN A 96 -9.46 -4.72 6.44
N ASP A 97 -9.74 -3.66 5.69
CA ASP A 97 -9.11 -3.45 4.40
C ASP A 97 -7.59 -3.47 4.53
N ARG A 98 -7.07 -2.62 5.43
CA ARG A 98 -5.63 -2.55 5.65
C ARG A 98 -5.00 -3.94 5.68
N ILE A 99 -5.33 -4.71 6.70
CA ILE A 99 -4.80 -6.06 6.85
C ILE A 99 -4.68 -6.75 5.49
N LEU A 100 -5.79 -6.84 4.76
CA LEU A 100 -5.80 -7.46 3.45
C LEU A 100 -4.63 -6.98 2.61
N TRP A 101 -4.42 -5.67 2.59
CA TRP A 101 -3.32 -5.08 1.82
C TRP A 101 -1.97 -5.48 2.41
N VAL A 102 -1.85 -5.37 3.73
CA VAL A 102 -0.61 -5.72 4.41
C VAL A 102 -0.19 -7.15 4.08
N GLN A 103 -1.14 -8.07 4.16
CA GLN A 103 -0.88 -9.47 3.87
C GLN A 103 -0.36 -9.65 2.44
N ALA A 104 -1.04 -9.02 1.49
CA ALA A 104 -0.65 -9.10 0.09
C ALA A 104 0.67 -8.40 -0.15
N MET A 105 0.68 -7.08 -0.03
CA MET A 105 1.88 -6.29 -0.25
C MET A 105 3.09 -6.95 0.41
N TYR A 106 2.85 -7.58 1.56
CA TYR A 106 3.93 -8.26 2.29
C TYR A 106 4.60 -9.30 1.41
N ARG A 107 3.83 -10.27 0.92
CA ARG A 107 4.37 -11.31 0.07
C ARG A 107 4.92 -10.73 -1.23
N ALA A 108 4.31 -9.64 -1.70
CA ALA A 108 4.75 -8.99 -2.93
C ALA A 108 6.20 -8.57 -2.84
N THR A 109 6.56 -7.93 -1.72
CA THR A 109 7.93 -7.46 -1.51
C THR A 109 8.83 -8.60 -1.06
N GLY A 110 8.32 -9.44 -0.18
CA GLY A 110 9.10 -10.57 0.31
C GLY A 110 10.10 -10.16 1.39
N GLN A 111 9.70 -9.20 2.22
CA GLN A 111 10.57 -8.71 3.29
C GLN A 111 11.00 -9.86 4.20
N SER A 112 11.78 -9.52 5.23
CA SER A 112 12.26 -10.52 6.17
C SER A 112 11.35 -10.60 7.40
N HIS A 113 10.94 -9.45 7.90
CA HIS A 113 10.07 -9.38 9.07
C HIS A 113 8.60 -9.30 8.65
N LYS A 114 7.92 -10.44 8.71
CA LYS A 114 6.51 -10.49 8.34
C LYS A 114 5.67 -9.61 9.26
N PRO A 115 4.70 -8.90 8.67
CA PRO A 115 3.82 -8.00 9.41
C PRO A 115 2.83 -8.76 10.29
N VAL A 116 2.56 -8.23 11.48
CA VAL A 116 1.64 -8.85 12.41
C VAL A 116 0.41 -7.99 12.64
N PRO A 117 -0.77 -8.62 12.66
CA PRO A 117 -2.05 -7.94 12.87
C PRO A 117 -2.20 -7.41 14.29
N PRO A 118 -2.51 -6.11 14.41
CA PRO A 118 -2.68 -5.45 15.70
C PRO A 118 -3.95 -5.92 16.42
N THR A 119 -4.22 -5.33 17.58
CA THR A 119 -5.40 -5.68 18.37
C THR A 119 -5.99 -4.46 19.03
N GLN A 120 -7.15 -4.01 18.54
CA GLN A 120 -7.83 -2.85 19.10
C GLN A 120 -9.23 -3.22 19.59
N SER A 121 -9.59 -2.70 20.76
CA SER A 121 -10.89 -2.98 21.35
C SER A 121 -11.74 -1.71 21.42
N GLY A 122 -11.12 -0.61 21.84
CA GLY A 122 -11.83 0.65 21.93
C GLY A 122 -11.30 1.54 23.04
N PRO A 123 -12.06 2.58 23.39
CA PRO A 123 -11.67 3.53 24.45
C PRO A 123 -11.73 2.90 25.83
N SER A 124 -10.65 2.23 26.22
CA SER A 124 -10.57 1.58 27.52
C SER A 124 -9.25 1.90 28.22
N SER A 125 -9.34 2.34 29.47
CA SER A 125 -8.15 2.69 30.23
C SER A 125 -8.49 2.82 31.71
N GLY A 126 -7.46 3.03 32.53
CA GLY A 126 -7.67 3.18 33.97
C GLY A 126 -6.86 4.32 34.56
N GLY A 1 7.20 -11.93 -28.41
CA GLY A 1 6.26 -10.83 -28.20
C GLY A 1 6.35 -10.25 -26.81
N SER A 2 5.41 -9.38 -26.48
CA SER A 2 5.39 -8.73 -25.17
C SER A 2 4.14 -9.12 -24.39
N SER A 3 4.33 -9.94 -23.36
CA SER A 3 3.22 -10.40 -22.54
C SER A 3 2.18 -9.30 -22.38
N GLY A 4 0.92 -9.71 -22.18
CA GLY A 4 -0.15 -8.75 -22.02
C GLY A 4 -1.11 -9.13 -20.90
N SER A 5 -0.55 -9.45 -19.74
CA SER A 5 -1.35 -9.82 -18.59
C SER A 5 -1.48 -8.67 -17.59
N SER A 6 -2.70 -8.39 -17.17
CA SER A 6 -2.96 -7.31 -16.22
C SER A 6 -2.73 -7.78 -14.78
N GLY A 7 -3.34 -8.92 -14.44
CA GLY A 7 -3.20 -9.45 -13.10
C GLY A 7 -3.52 -8.42 -12.03
N MET A 8 -4.78 -8.39 -11.61
CA MET A 8 -5.21 -7.44 -10.58
C MET A 8 -5.48 -8.16 -9.26
N LYS A 9 -4.54 -8.04 -8.34
CA LYS A 9 -4.66 -8.68 -7.03
C LYS A 9 -5.67 -7.94 -6.15
N HIS A 10 -5.48 -6.62 -6.04
CA HIS A 10 -6.37 -5.79 -5.24
C HIS A 10 -6.46 -4.38 -5.81
N SER A 11 -7.67 -3.84 -5.84
CA SER A 11 -7.90 -2.50 -6.37
C SER A 11 -8.84 -1.71 -5.47
N GLY A 12 -8.61 -0.41 -5.38
CA GLY A 12 -9.44 0.45 -4.56
C GLY A 12 -8.74 1.73 -4.14
N TYR A 13 -9.51 2.79 -3.99
CA TYR A 13 -8.95 4.09 -3.59
C TYR A 13 -8.17 3.97 -2.28
N LEU A 14 -6.98 4.53 -2.26
CA LEU A 14 -6.14 4.50 -1.06
C LEU A 14 -5.25 5.74 -0.99
N TRP A 15 -5.12 6.29 0.21
CA TRP A 15 -4.30 7.48 0.42
C TRP A 15 -2.84 7.10 0.62
N ALA A 16 -1.97 7.71 -0.18
CA ALA A 16 -0.54 7.44 -0.11
C ALA A 16 0.27 8.68 -0.45
N ILE A 17 1.44 8.81 0.17
CA ILE A 17 2.32 9.95 -0.06
C ILE A 17 3.78 9.53 -0.11
N GLY A 18 4.46 9.86 -1.19
CA GLY A 18 5.86 9.50 -1.33
C GLY A 18 6.75 10.71 -1.51
N LYS A 19 8.04 10.48 -1.70
CA LYS A 19 9.01 11.56 -1.88
C LYS A 19 9.09 11.96 -3.35
N ASN A 20 9.07 10.97 -4.23
CA ASN A 20 9.15 11.21 -5.66
C ASN A 20 7.77 11.20 -6.30
N VAL A 21 6.89 10.34 -5.79
CA VAL A 21 5.53 10.23 -6.30
C VAL A 21 4.51 10.50 -5.21
N TRP A 22 3.27 10.81 -5.62
CA TRP A 22 2.20 11.10 -4.67
C TRP A 22 2.67 12.08 -3.60
N LYS A 23 3.62 12.95 -3.97
CA LYS A 23 4.15 13.94 -3.04
C LYS A 23 3.02 14.56 -2.21
N ARG A 24 1.81 14.54 -2.76
CA ARG A 24 0.65 15.09 -2.06
C ARG A 24 -0.21 13.99 -1.46
N TRP A 25 -0.70 14.22 -0.26
CA TRP A 25 -1.54 13.24 0.43
C TRP A 25 -2.99 13.36 -0.02
N LYS A 26 -3.38 12.52 -0.98
CA LYS A 26 -4.74 12.53 -1.50
C LYS A 26 -5.19 11.12 -1.88
N LYS A 27 -6.51 10.89 -1.85
CA LYS A 27 -7.06 9.59 -2.18
C LYS A 27 -6.99 9.33 -3.68
N ARG A 28 -6.30 8.27 -4.07
CA ARG A 28 -6.16 7.92 -5.47
C ARG A 28 -6.38 6.42 -5.69
N PHE A 29 -6.97 6.08 -6.83
CA PHE A 29 -7.25 4.68 -7.15
C PHE A 29 -5.95 3.87 -7.20
N PHE A 30 -5.73 3.07 -6.16
CA PHE A 30 -4.53 2.24 -6.09
C PHE A 30 -4.85 0.79 -6.47
N VAL A 31 -3.93 0.18 -7.22
CA VAL A 31 -4.11 -1.21 -7.64
C VAL A 31 -2.80 -1.97 -7.61
N LEU A 32 -2.81 -3.15 -6.99
CA LEU A 32 -1.62 -3.97 -6.89
C LEU A 32 -1.41 -4.79 -8.17
N VAL A 33 -0.28 -4.56 -8.82
CA VAL A 33 0.04 -5.27 -10.05
C VAL A 33 1.22 -6.22 -9.85
N GLN A 34 1.25 -7.30 -10.63
CA GLN A 34 2.33 -8.28 -10.52
C GLN A 34 3.28 -8.17 -11.71
N VAL A 35 4.48 -7.64 -11.45
CA VAL A 35 5.48 -7.47 -12.49
C VAL A 35 6.19 -8.78 -12.78
N SER A 36 6.83 -9.34 -11.76
CA SER A 36 7.56 -10.60 -11.90
C SER A 36 7.01 -11.66 -10.95
N GLN A 37 7.49 -12.88 -11.09
CA GLN A 37 7.05 -13.99 -10.24
C GLN A 37 7.06 -13.57 -8.76
N TYR A 38 8.08 -12.82 -8.37
CA TYR A 38 8.20 -12.36 -7.00
C TYR A 38 8.43 -10.85 -6.94
N THR A 39 7.77 -10.13 -7.84
CA THR A 39 7.90 -8.67 -7.89
C THR A 39 6.56 -8.01 -8.19
N PHE A 40 6.24 -6.98 -7.42
CA PHE A 40 4.98 -6.25 -7.60
C PHE A 40 5.20 -4.75 -7.54
N ALA A 41 4.21 -3.99 -7.97
CA ALA A 41 4.29 -2.54 -7.96
C ALA A 41 2.91 -1.90 -7.81
N MET A 42 2.87 -0.71 -7.20
CA MET A 42 1.62 -0.01 -7.00
C MET A 42 1.33 0.95 -8.15
N CYS A 43 0.37 0.58 -9.00
CA CYS A 43 0.01 1.40 -10.14
C CYS A 43 -1.24 2.21 -9.86
N SER A 44 -1.12 3.54 -9.85
CA SER A 44 -2.24 4.42 -9.59
C SER A 44 -2.82 4.97 -10.88
N TYR A 45 -3.59 4.15 -11.59
CA TYR A 45 -4.20 4.55 -12.85
C TYR A 45 -4.95 5.87 -12.69
N ARG A 46 -4.87 6.72 -13.71
CA ARG A 46 -5.54 8.02 -13.68
C ARG A 46 -6.94 7.91 -14.30
N GLU A 47 -7.17 6.84 -15.06
CA GLU A 47 -8.46 6.64 -15.70
C GLU A 47 -8.63 5.18 -16.13
N LYS A 48 -9.87 4.78 -16.38
CA LYS A 48 -10.17 3.41 -16.78
C LYS A 48 -9.09 2.88 -17.74
N LYS A 49 -8.70 3.72 -18.70
CA LYS A 49 -7.68 3.34 -19.66
C LYS A 49 -6.38 4.08 -19.40
N ALA A 50 -6.48 5.37 -19.10
CA ALA A 50 -5.31 6.19 -18.82
C ALA A 50 -4.23 5.38 -18.11
N GLU A 51 -2.99 5.50 -18.60
CA GLU A 51 -1.87 4.77 -18.02
C GLU A 51 -1.53 5.32 -16.63
N PRO A 52 -0.99 4.44 -15.77
CA PRO A 52 -0.60 4.81 -14.41
C PRO A 52 0.61 5.74 -14.38
N GLN A 53 0.34 7.05 -14.35
CA GLN A 53 1.40 8.05 -14.32
C GLN A 53 2.41 7.72 -13.22
N GLU A 54 1.93 7.66 -11.98
CA GLU A 54 2.81 7.37 -10.84
C GLU A 54 2.80 5.87 -10.53
N LEU A 55 3.97 5.33 -10.25
CA LEU A 55 4.11 3.91 -9.93
C LEU A 55 5.22 3.68 -8.91
N LEU A 56 4.91 2.88 -7.89
CA LEU A 56 5.89 2.58 -6.85
C LEU A 56 6.10 1.08 -6.72
N GLN A 57 7.26 0.61 -7.18
CA GLN A 57 7.59 -0.81 -7.12
C GLN A 57 7.94 -1.23 -5.69
N LEU A 58 7.25 -2.25 -5.19
CA LEU A 58 7.49 -2.74 -3.84
C LEU A 58 8.43 -3.94 -3.85
N ASP A 59 9.43 -3.89 -4.73
CA ASP A 59 10.39 -4.97 -4.85
C ASP A 59 11.30 -5.04 -3.62
N GLY A 60 11.38 -3.91 -2.90
CA GLY A 60 12.21 -3.87 -1.71
C GLY A 60 11.53 -3.14 -0.56
N TYR A 61 10.31 -2.67 -0.80
CA TYR A 61 9.55 -1.95 0.22
C TYR A 61 9.02 -2.92 1.27
N THR A 62 9.14 -2.53 2.54
CA THR A 62 8.67 -3.37 3.64
C THR A 62 7.44 -2.76 4.31
N VAL A 63 6.27 -3.21 3.87
CA VAL A 63 5.01 -2.72 4.42
C VAL A 63 4.65 -3.43 5.71
N ASP A 64 4.08 -2.69 6.66
CA ASP A 64 3.70 -3.26 7.94
C ASP A 64 2.89 -2.26 8.76
N TYR A 65 1.99 -2.76 9.59
CA TYR A 65 1.15 -1.91 10.43
C TYR A 65 2.00 -0.91 11.22
N THR A 66 1.55 0.33 11.26
CA THR A 66 2.27 1.38 11.99
C THR A 66 1.30 2.35 12.64
N ASP A 67 1.81 3.12 13.60
CA ASP A 67 0.98 4.10 14.30
C ASP A 67 0.51 5.21 13.37
N PRO A 68 -0.58 5.88 13.74
CA PRO A 68 -1.15 6.97 12.93
C PRO A 68 -0.26 8.21 12.93
N GLN A 69 0.48 8.41 11.84
CA GLN A 69 1.36 9.55 11.71
C GLN A 69 0.59 10.86 11.86
N PRO A 70 1.21 11.86 12.49
CA PRO A 70 0.60 13.17 12.72
C PRO A 70 0.46 13.96 11.42
N GLY A 71 -0.77 14.26 11.05
CA GLY A 71 -1.02 15.01 9.84
C GLY A 71 -1.98 14.31 8.90
N LEU A 72 -1.69 13.05 8.59
CA LEU A 72 -2.54 12.27 7.69
C LEU A 72 -3.87 11.95 8.35
N GLU A 73 -4.96 12.34 7.68
CA GLU A 73 -6.30 12.10 8.21
C GLU A 73 -7.05 11.10 7.33
N GLY A 74 -7.26 11.46 6.07
CA GLY A 74 -7.96 10.58 5.16
C GLY A 74 -7.66 9.12 5.41
N GLY A 75 -8.63 8.40 5.95
CA GLY A 75 -8.45 6.99 6.25
C GLY A 75 -8.14 6.73 7.71
N ARG A 76 -8.63 5.62 8.23
CA ARG A 76 -8.40 5.25 9.63
C ARG A 76 -7.13 4.41 9.77
N ALA A 77 -7.04 3.36 8.96
CA ALA A 77 -5.88 2.47 9.00
C ALA A 77 -4.63 3.20 8.51
N PHE A 78 -3.50 2.90 9.15
CA PHE A 78 -2.23 3.52 8.78
C PHE A 78 -1.16 2.46 8.56
N PHE A 79 -0.68 2.37 7.32
CA PHE A 79 0.35 1.41 6.97
C PHE A 79 1.36 2.02 6.00
N ASN A 80 2.63 1.96 6.39
CA ASN A 80 3.71 2.51 5.56
C ASN A 80 4.75 1.44 5.24
N ALA A 81 5.58 1.72 4.24
CA ALA A 81 6.63 0.79 3.83
C ALA A 81 8.02 1.36 4.09
N VAL A 82 8.99 0.49 4.30
CA VAL A 82 10.36 0.91 4.56
C VAL A 82 11.27 0.54 3.39
N LYS A 83 11.97 1.54 2.86
CA LYS A 83 12.89 1.33 1.75
C LYS A 83 14.30 1.80 2.09
N GLU A 84 15.29 1.23 1.41
CA GLU A 84 16.67 1.60 1.65
C GLU A 84 16.80 3.08 2.00
N GLY A 85 16.30 3.94 1.12
CA GLY A 85 16.36 5.37 1.36
C GLY A 85 15.06 6.07 1.01
N ASP A 86 13.99 5.30 0.93
CA ASP A 86 12.67 5.86 0.60
C ASP A 86 11.64 5.46 1.64
N THR A 87 10.67 6.34 1.86
CA THR A 87 9.61 6.07 2.84
C THR A 87 8.25 6.50 2.30
N VAL A 88 7.31 5.56 2.26
CA VAL A 88 5.97 5.85 1.77
C VAL A 88 4.91 5.35 2.74
N ILE A 89 3.86 6.14 2.92
CA ILE A 89 2.77 5.78 3.83
C ILE A 89 1.50 5.45 3.06
N PHE A 90 0.61 4.70 3.69
CA PHE A 90 -0.65 4.32 3.07
C PHE A 90 -1.78 4.28 4.10
N ALA A 91 -3.01 4.50 3.63
CA ALA A 91 -4.17 4.48 4.51
C ALA A 91 -5.41 3.98 3.78
N SER A 92 -6.32 3.36 4.53
CA SER A 92 -7.55 2.82 3.95
C SER A 92 -8.77 3.41 4.63
N ASP A 93 -9.95 2.93 4.24
CA ASP A 93 -11.20 3.40 4.82
C ASP A 93 -11.55 2.62 6.08
N ASP A 94 -11.34 1.32 6.04
CA ASP A 94 -11.62 0.45 7.19
C ASP A 94 -10.36 -0.26 7.66
N GLU A 95 -10.35 -0.65 8.93
CA GLU A 95 -9.21 -1.34 9.51
C GLU A 95 -9.01 -2.71 8.87
N GLN A 96 -10.12 -3.40 8.63
CA GLN A 96 -10.08 -4.73 8.02
C GLN A 96 -9.37 -4.68 6.67
N ASP A 97 -9.70 -3.66 5.87
CA ASP A 97 -9.10 -3.51 4.55
C ASP A 97 -7.58 -3.48 4.64
N ARG A 98 -7.06 -2.65 5.54
CA ARG A 98 -5.62 -2.52 5.72
C ARG A 98 -4.97 -3.90 5.79
N ILE A 99 -5.55 -4.79 6.58
CA ILE A 99 -5.02 -6.14 6.74
C ILE A 99 -4.88 -6.83 5.39
N LEU A 100 -5.95 -6.81 4.60
CA LEU A 100 -5.95 -7.44 3.28
C LEU A 100 -4.76 -6.95 2.45
N TRP A 101 -4.53 -5.64 2.46
CA TRP A 101 -3.43 -5.05 1.71
C TRP A 101 -2.09 -5.47 2.32
N VAL A 102 -1.99 -5.41 3.64
CA VAL A 102 -0.77 -5.78 4.33
C VAL A 102 -0.37 -7.22 4.02
N GLN A 103 -1.36 -8.10 3.96
CA GLN A 103 -1.10 -9.51 3.66
C GLN A 103 -0.54 -9.68 2.26
N ALA A 104 -1.14 -8.98 1.30
CA ALA A 104 -0.69 -9.05 -0.09
C ALA A 104 0.64 -8.34 -0.28
N MET A 105 0.64 -7.03 -0.05
CA MET A 105 1.85 -6.23 -0.19
C MET A 105 3.03 -6.89 0.53
N TYR A 106 2.73 -7.60 1.59
CA TYR A 106 3.77 -8.29 2.36
C TYR A 106 4.50 -9.31 1.50
N ARG A 107 3.74 -10.15 0.80
CA ARG A 107 4.33 -11.17 -0.06
C ARG A 107 4.91 -10.54 -1.32
N ALA A 108 4.26 -9.52 -1.83
CA ALA A 108 4.72 -8.83 -3.03
C ALA A 108 6.18 -8.42 -2.90
N THR A 109 6.54 -7.89 -1.73
CA THR A 109 7.90 -7.45 -1.47
C THR A 109 8.80 -8.62 -1.09
N GLY A 110 8.31 -9.44 -0.15
CA GLY A 110 9.09 -10.59 0.28
C GLY A 110 9.96 -10.28 1.48
N GLN A 111 9.57 -9.27 2.25
CA GLN A 111 10.33 -8.88 3.44
C GLN A 111 10.61 -10.07 4.33
N SER A 112 11.34 -9.84 5.42
CA SER A 112 11.68 -10.90 6.36
C SER A 112 10.76 -10.87 7.57
N HIS A 113 10.45 -9.66 8.05
CA HIS A 113 9.58 -9.50 9.20
C HIS A 113 8.11 -9.44 8.77
N LYS A 114 7.42 -10.57 8.90
CA LYS A 114 6.01 -10.64 8.53
C LYS A 114 5.16 -9.73 9.40
N PRO A 115 4.24 -8.98 8.78
CA PRO A 115 3.35 -8.06 9.48
C PRO A 115 2.32 -8.78 10.33
N VAL A 116 2.15 -8.32 11.56
CA VAL A 116 1.20 -8.94 12.48
C VAL A 116 -0.05 -8.07 12.63
N PRO A 117 -1.22 -8.72 12.66
CA PRO A 117 -2.51 -8.03 12.79
C PRO A 117 -2.70 -7.42 14.19
N PRO A 118 -2.75 -6.09 14.24
CA PRO A 118 -2.93 -5.36 15.50
C PRO A 118 -4.33 -5.54 16.08
N THR A 119 -4.58 -4.91 17.23
CA THR A 119 -5.87 -5.00 17.88
C THR A 119 -6.05 -3.88 18.91
N GLN A 120 -7.11 -3.10 18.75
CA GLN A 120 -7.39 -1.99 19.65
C GLN A 120 -8.81 -2.10 20.21
N SER A 121 -9.02 -1.54 21.40
CA SER A 121 -10.33 -1.57 22.04
C SER A 121 -11.27 -0.56 21.38
N GLY A 122 -10.91 0.72 21.48
CA GLY A 122 -11.74 1.76 20.90
C GLY A 122 -11.05 3.11 20.90
N PRO A 123 -11.41 3.95 21.88
CA PRO A 123 -10.84 5.30 22.01
C PRO A 123 -9.38 5.26 22.44
N SER A 124 -9.07 4.44 23.43
CA SER A 124 -7.71 4.31 23.93
C SER A 124 -7.23 5.63 24.53
N SER A 125 -8.13 6.33 25.20
CA SER A 125 -7.81 7.61 25.81
C SER A 125 -8.17 7.61 27.30
N GLY A 126 -7.26 7.08 28.12
CA GLY A 126 -7.50 7.03 29.55
C GLY A 126 -6.22 7.18 30.36
N GLY A 1 2.31 -7.10 -21.69
CA GLY A 1 3.72 -7.46 -21.72
C GLY A 1 3.94 -8.94 -21.48
N SER A 2 4.77 -9.55 -22.31
CA SER A 2 5.07 -10.99 -22.19
C SER A 2 3.78 -11.81 -22.17
N SER A 3 2.85 -11.45 -23.05
CA SER A 3 1.58 -12.15 -23.13
C SER A 3 0.75 -11.94 -21.86
N GLY A 4 0.76 -10.70 -21.35
CA GLY A 4 0.02 -10.39 -20.15
C GLY A 4 -0.49 -8.97 -20.13
N SER A 5 -1.78 -8.79 -20.41
CA SER A 5 -2.38 -7.47 -20.43
C SER A 5 -2.72 -7.00 -19.03
N SER A 6 -3.38 -7.87 -18.26
CA SER A 6 -3.76 -7.55 -16.89
C SER A 6 -3.33 -8.65 -15.93
N GLY A 7 -3.09 -8.27 -14.67
CA GLY A 7 -2.68 -9.24 -13.67
C GLY A 7 -2.45 -8.61 -12.31
N MET A 8 -3.54 -8.18 -11.68
CA MET A 8 -3.46 -7.56 -10.37
C MET A 8 -4.12 -8.43 -9.31
N LYS A 9 -3.78 -8.20 -8.04
CA LYS A 9 -4.33 -8.96 -6.94
C LYS A 9 -5.39 -8.14 -6.19
N HIS A 10 -5.02 -6.93 -5.80
CA HIS A 10 -5.94 -6.06 -5.09
C HIS A 10 -6.07 -4.71 -5.80
N SER A 11 -7.20 -4.04 -5.59
CA SER A 11 -7.44 -2.74 -6.21
C SER A 11 -8.37 -1.90 -5.35
N GLY A 12 -8.39 -0.59 -5.62
CA GLY A 12 -9.24 0.31 -4.85
C GLY A 12 -8.57 1.64 -4.59
N TYR A 13 -9.35 2.62 -4.13
CA TYR A 13 -8.82 3.94 -3.83
C TYR A 13 -8.25 4.00 -2.42
N LEU A 14 -7.01 4.48 -2.31
CA LEU A 14 -6.34 4.58 -1.03
C LEU A 14 -5.51 5.86 -0.94
N TRP A 15 -5.19 6.27 0.27
CA TRP A 15 -4.40 7.48 0.49
C TRP A 15 -2.93 7.13 0.73
N ALA A 16 -2.07 7.60 -0.16
CA ALA A 16 -0.63 7.34 -0.05
C ALA A 16 0.18 8.61 -0.31
N ILE A 17 1.37 8.67 0.27
CA ILE A 17 2.24 9.84 0.09
C ILE A 17 3.71 9.43 0.16
N GLY A 18 4.47 9.81 -0.86
CA GLY A 18 5.89 9.48 -0.90
C GLY A 18 6.76 10.72 -1.04
N LYS A 19 7.98 10.51 -1.54
CA LYS A 19 8.92 11.62 -1.73
C LYS A 19 8.96 12.05 -3.18
N ASN A 20 8.98 11.07 -4.09
CA ASN A 20 9.03 11.35 -5.52
C ASN A 20 7.62 11.38 -6.11
N VAL A 21 6.78 10.45 -5.66
CA VAL A 21 5.41 10.37 -6.15
C VAL A 21 4.41 10.70 -5.03
N TRP A 22 3.15 10.87 -5.41
CA TRP A 22 2.10 11.18 -4.45
C TRP A 22 2.62 12.13 -3.37
N LYS A 23 3.46 13.08 -3.77
CA LYS A 23 4.03 14.05 -2.84
C LYS A 23 2.96 14.57 -1.89
N ARG A 24 1.70 14.47 -2.29
CA ARG A 24 0.59 14.93 -1.47
C ARG A 24 -0.17 13.75 -0.88
N TRP A 25 -1.00 14.04 0.13
CA TRP A 25 -1.78 12.99 0.78
C TRP A 25 -3.25 13.08 0.37
N LYS A 26 -3.63 12.29 -0.63
CA LYS A 26 -5.00 12.27 -1.11
C LYS A 26 -5.40 10.88 -1.58
N LYS A 27 -6.69 10.59 -1.54
CA LYS A 27 -7.21 9.29 -1.96
C LYS A 27 -7.09 9.12 -3.47
N ARG A 28 -6.35 8.10 -3.89
CA ARG A 28 -6.16 7.84 -5.31
C ARG A 28 -6.43 6.37 -5.63
N PHE A 29 -6.80 6.09 -6.88
CA PHE A 29 -7.09 4.74 -7.31
C PHE A 29 -5.82 3.89 -7.35
N PHE A 30 -5.60 3.11 -6.30
CA PHE A 30 -4.42 2.25 -6.21
C PHE A 30 -4.74 0.83 -6.67
N VAL A 31 -3.82 0.24 -7.42
CA VAL A 31 -4.00 -1.12 -7.91
C VAL A 31 -2.71 -1.92 -7.83
N LEU A 32 -2.77 -3.04 -7.12
CA LEU A 32 -1.60 -3.89 -6.95
C LEU A 32 -1.37 -4.76 -8.18
N VAL A 33 -0.40 -4.39 -9.01
CA VAL A 33 -0.07 -5.13 -10.22
C VAL A 33 1.12 -6.05 -10.00
N GLN A 34 1.05 -7.24 -10.59
CA GLN A 34 2.13 -8.21 -10.46
C GLN A 34 3.05 -8.17 -11.68
N VAL A 35 4.20 -7.52 -11.52
CA VAL A 35 5.17 -7.41 -12.61
C VAL A 35 5.84 -8.75 -12.89
N SER A 36 6.54 -9.27 -11.89
CA SER A 36 7.24 -10.55 -12.01
C SER A 36 6.65 -11.58 -11.07
N GLN A 37 7.11 -12.83 -11.22
CA GLN A 37 6.62 -13.92 -10.38
C GLN A 37 6.67 -13.53 -8.91
N TYR A 38 7.74 -12.85 -8.50
CA TYR A 38 7.90 -12.42 -7.13
C TYR A 38 8.14 -10.92 -7.04
N THR A 39 7.53 -10.18 -7.97
CA THR A 39 7.68 -8.73 -8.01
C THR A 39 6.34 -8.05 -8.26
N PHE A 40 6.08 -6.98 -7.51
CA PHE A 40 4.83 -6.23 -7.66
C PHE A 40 5.08 -4.72 -7.59
N ALA A 41 4.10 -3.95 -8.04
CA ALA A 41 4.22 -2.50 -8.03
C ALA A 41 2.85 -1.84 -7.86
N MET A 42 2.83 -0.67 -7.23
CA MET A 42 1.59 0.06 -7.00
C MET A 42 1.34 1.05 -8.14
N CYS A 43 0.42 0.71 -9.02
CA CYS A 43 0.08 1.58 -10.16
C CYS A 43 -1.18 2.37 -9.87
N SER A 44 -1.09 3.69 -9.98
CA SER A 44 -2.24 4.56 -9.73
C SER A 44 -2.82 5.08 -11.04
N TYR A 45 -3.64 4.25 -11.69
CA TYR A 45 -4.27 4.61 -12.94
C TYR A 45 -5.25 5.77 -12.75
N ARG A 46 -4.89 6.92 -13.30
CA ARG A 46 -5.74 8.11 -13.19
C ARG A 46 -6.96 8.00 -14.11
N GLU A 47 -6.92 7.02 -15.02
CA GLU A 47 -8.02 6.81 -15.95
C GLU A 47 -8.00 5.39 -16.50
N LYS A 48 -9.00 5.06 -17.30
CA LYS A 48 -9.10 3.72 -17.89
C LYS A 48 -7.98 3.49 -18.90
N LYS A 49 -7.58 4.56 -19.59
CA LYS A 49 -6.52 4.47 -20.58
C LYS A 49 -5.26 5.18 -20.09
N ALA A 50 -5.41 6.42 -19.64
CA ALA A 50 -4.29 7.19 -19.14
C ALA A 50 -3.35 6.32 -18.31
N GLU A 51 -2.11 6.15 -18.79
CA GLU A 51 -1.13 5.34 -18.08
C GLU A 51 -0.88 5.89 -16.69
N PRO A 52 -0.49 4.99 -15.76
CA PRO A 52 -0.21 5.35 -14.37
C PRO A 52 1.06 6.19 -14.23
N GLN A 53 0.90 7.50 -14.21
CA GLN A 53 2.04 8.40 -14.07
C GLN A 53 2.95 7.98 -12.93
N GLU A 54 2.35 7.79 -11.75
CA GLU A 54 3.10 7.39 -10.57
C GLU A 54 3.06 5.87 -10.40
N LEU A 55 4.22 5.28 -10.12
CA LEU A 55 4.32 3.84 -9.93
C LEU A 55 5.43 3.49 -8.95
N LEU A 56 5.05 2.92 -7.81
CA LEU A 56 6.01 2.54 -6.78
C LEU A 56 6.21 1.03 -6.76
N GLN A 57 7.39 0.58 -7.19
CA GLN A 57 7.70 -0.84 -7.21
C GLN A 57 7.95 -1.37 -5.79
N LEU A 58 7.24 -2.44 -5.44
CA LEU A 58 7.38 -3.05 -4.12
C LEU A 58 8.42 -4.17 -4.14
N ASP A 59 9.46 -3.99 -4.93
CA ASP A 59 10.52 -4.98 -5.04
C ASP A 59 11.49 -4.87 -3.87
N GLY A 60 10.94 -4.70 -2.66
CA GLY A 60 11.77 -4.58 -1.48
C GLY A 60 11.05 -3.89 -0.34
N TYR A 61 10.23 -2.90 -0.67
CA TYR A 61 9.48 -2.15 0.34
C TYR A 61 8.98 -3.07 1.44
N THR A 62 8.96 -2.58 2.67
CA THR A 62 8.50 -3.36 3.81
C THR A 62 7.25 -2.75 4.42
N VAL A 63 6.09 -3.24 3.99
CA VAL A 63 4.81 -2.74 4.49
C VAL A 63 4.44 -3.43 5.80
N ASP A 64 4.01 -2.63 6.77
CA ASP A 64 3.62 -3.16 8.08
C ASP A 64 2.76 -2.17 8.84
N TYR A 65 1.95 -2.67 9.76
CA TYR A 65 1.08 -1.81 10.56
C TYR A 65 1.89 -0.82 11.38
N THR A 66 1.46 0.44 11.39
CA THR A 66 2.14 1.47 12.14
C THR A 66 1.15 2.51 12.67
N ASP A 67 1.59 3.29 13.65
CA ASP A 67 0.74 4.31 14.25
C ASP A 67 0.29 5.32 13.20
N PRO A 68 -0.87 5.94 13.45
CA PRO A 68 -1.44 6.93 12.53
C PRO A 68 -0.64 8.23 12.50
N GLN A 69 0.12 8.43 11.43
CA GLN A 69 0.93 9.63 11.29
C GLN A 69 0.13 10.89 11.63
N PRO A 70 0.76 11.81 12.36
CA PRO A 70 0.12 13.07 12.76
C PRO A 70 -0.12 14.01 11.59
N GLY A 71 -1.35 14.07 11.12
CA GLY A 71 -1.69 14.93 10.00
C GLY A 71 -2.42 14.19 8.90
N LEU A 72 -1.76 13.21 8.31
CA LEU A 72 -2.35 12.42 7.23
C LEU A 72 -3.85 12.21 7.47
N GLU A 73 -4.67 12.98 6.76
CA GLU A 73 -6.11 12.89 6.89
C GLU A 73 -6.74 12.33 5.62
N GLY A 74 -7.31 11.13 5.73
CA GLY A 74 -7.94 10.50 4.58
C GLY A 74 -8.58 9.17 4.93
N GLY A 75 -7.88 8.35 5.70
CA GLY A 75 -8.40 7.06 6.09
C GLY A 75 -8.18 6.76 7.57
N ARG A 76 -8.66 5.61 8.02
CA ARG A 76 -8.52 5.21 9.41
C ARG A 76 -7.21 4.45 9.63
N ALA A 77 -7.06 3.32 8.95
CA ALA A 77 -5.87 2.50 9.07
C ALA A 77 -4.66 3.20 8.44
N PHE A 78 -3.50 3.01 9.04
CA PHE A 78 -2.27 3.62 8.54
C PHE A 78 -1.16 2.58 8.38
N PHE A 79 -0.71 2.39 7.15
CA PHE A 79 0.36 1.42 6.87
C PHE A 79 1.38 2.01 5.91
N ASN A 80 2.64 2.04 6.35
CA ASN A 80 3.72 2.58 5.53
C ASN A 80 4.68 1.47 5.10
N ALA A 81 5.63 1.82 4.24
CA ALA A 81 6.61 0.86 3.76
C ALA A 81 8.04 1.38 3.95
N VAL A 82 8.93 0.49 4.36
CA VAL A 82 10.32 0.85 4.59
C VAL A 82 11.22 0.34 3.47
N LYS A 83 11.98 1.25 2.86
CA LYS A 83 12.87 0.89 1.77
C LYS A 83 14.31 1.32 2.08
N GLU A 84 15.27 0.64 1.45
CA GLU A 84 16.68 0.95 1.67
C GLU A 84 16.88 2.44 1.94
N GLY A 85 16.20 3.27 1.15
CA GLY A 85 16.31 4.71 1.33
C GLY A 85 15.05 5.44 0.92
N ASP A 86 13.92 4.74 0.96
CA ASP A 86 12.64 5.33 0.59
C ASP A 86 11.61 5.12 1.70
N THR A 87 10.69 6.08 1.83
CA THR A 87 9.66 6.00 2.85
C THR A 87 8.31 6.46 2.30
N VAL A 88 7.34 5.55 2.28
CA VAL A 88 6.01 5.87 1.78
C VAL A 88 4.93 5.41 2.75
N ILE A 89 3.90 6.21 2.91
CA ILE A 89 2.80 5.88 3.82
C ILE A 89 1.51 5.59 3.04
N PHE A 90 0.64 4.78 3.63
CA PHE A 90 -0.62 4.43 2.99
C PHE A 90 -1.75 4.35 4.02
N ALA A 91 -2.99 4.39 3.54
CA ALA A 91 -4.15 4.32 4.41
C ALA A 91 -5.30 3.60 3.74
N SER A 92 -6.38 3.39 4.49
CA SER A 92 -7.55 2.69 3.96
C SER A 92 -8.83 3.24 4.60
N ASP A 93 -9.97 2.74 4.14
CA ASP A 93 -11.26 3.16 4.67
C ASP A 93 -11.51 2.57 6.04
N ASP A 94 -11.19 1.29 6.20
CA ASP A 94 -11.39 0.60 7.47
C ASP A 94 -10.16 -0.25 7.81
N GLU A 95 -9.99 -0.52 9.11
CA GLU A 95 -8.86 -1.32 9.57
C GLU A 95 -8.80 -2.65 8.83
N GLN A 96 -9.95 -3.29 8.70
CA GLN A 96 -10.02 -4.58 8.01
C GLN A 96 -9.38 -4.51 6.63
N ASP A 97 -9.72 -3.46 5.89
CA ASP A 97 -9.18 -3.26 4.55
C ASP A 97 -7.65 -3.29 4.57
N ARG A 98 -7.06 -2.58 5.53
CA ARG A 98 -5.61 -2.52 5.65
C ARG A 98 -5.00 -3.92 5.58
N ILE A 99 -5.38 -4.78 6.53
CA ILE A 99 -4.86 -6.13 6.56
C ILE A 99 -4.80 -6.73 5.16
N LEU A 100 -5.95 -6.85 4.52
CA LEU A 100 -6.02 -7.41 3.17
C LEU A 100 -4.85 -6.94 2.32
N TRP A 101 -4.49 -5.67 2.47
CA TRP A 101 -3.38 -5.09 1.72
C TRP A 101 -2.04 -5.50 2.32
N VAL A 102 -1.91 -5.29 3.62
CA VAL A 102 -0.67 -5.64 4.33
C VAL A 102 -0.23 -7.06 3.99
N GLN A 103 -1.16 -8.00 4.10
CA GLN A 103 -0.87 -9.40 3.81
C GLN A 103 -0.32 -9.56 2.39
N ALA A 104 -1.02 -8.98 1.42
CA ALA A 104 -0.61 -9.05 0.03
C ALA A 104 0.73 -8.34 -0.19
N MET A 105 0.71 -7.03 0.01
CA MET A 105 1.92 -6.22 -0.17
C MET A 105 3.11 -6.87 0.54
N TYR A 106 2.84 -7.55 1.65
CA TYR A 106 3.89 -8.21 2.41
C TYR A 106 4.61 -9.25 1.56
N ARG A 107 3.85 -10.21 1.03
CA ARG A 107 4.40 -11.27 0.19
C ARG A 107 5.00 -10.68 -1.09
N ALA A 108 4.30 -9.72 -1.67
CA ALA A 108 4.76 -9.07 -2.90
C ALA A 108 6.18 -8.56 -2.75
N THR A 109 6.51 -8.09 -1.55
CA THR A 109 7.84 -7.56 -1.28
C THR A 109 8.78 -8.65 -0.80
N GLY A 110 8.27 -9.53 0.06
CA GLY A 110 9.09 -10.62 0.57
C GLY A 110 10.04 -10.16 1.65
N GLN A 111 9.58 -9.25 2.50
CA GLN A 111 10.40 -8.73 3.58
C GLN A 111 10.83 -9.84 4.53
N SER A 112 11.67 -9.51 5.51
CA SER A 112 12.15 -10.49 6.47
C SER A 112 11.19 -10.60 7.64
N HIS A 113 10.74 -9.46 8.16
CA HIS A 113 9.82 -9.43 9.28
C HIS A 113 8.37 -9.40 8.80
N LYS A 114 7.62 -10.44 9.15
CA LYS A 114 6.23 -10.53 8.75
C LYS A 114 5.35 -9.62 9.60
N PRO A 115 4.45 -8.88 8.94
CA PRO A 115 3.54 -7.95 9.62
C PRO A 115 2.49 -8.68 10.46
N VAL A 116 2.12 -8.10 11.60
CA VAL A 116 1.13 -8.69 12.48
C VAL A 116 0.01 -7.71 12.78
N PRO A 117 -1.23 -8.21 12.79
CA PRO A 117 -2.41 -7.38 13.06
C PRO A 117 -2.48 -6.94 14.53
N PRO A 118 -2.57 -5.62 14.74
CA PRO A 118 -2.64 -5.04 16.08
C PRO A 118 -3.97 -5.34 16.77
N THR A 119 -4.15 -4.77 17.97
CA THR A 119 -5.37 -4.98 18.73
C THR A 119 -5.38 -4.13 19.99
N GLN A 120 -6.54 -3.53 20.29
CA GLN A 120 -6.68 -2.70 21.47
C GLN A 120 -6.88 -3.54 22.71
N SER A 121 -6.09 -3.26 23.76
CA SER A 121 -6.18 -4.00 25.01
C SER A 121 -5.26 -3.39 26.06
N GLY A 122 -5.86 -2.80 27.09
CA GLY A 122 -5.08 -2.20 28.15
C GLY A 122 -5.69 -2.40 29.52
N PRO A 123 -4.84 -2.52 30.55
CA PRO A 123 -5.27 -2.74 31.93
C PRO A 123 -5.97 -1.51 32.51
N SER A 124 -6.80 -1.73 33.51
CA SER A 124 -7.52 -0.64 34.17
C SER A 124 -8.28 -1.13 35.39
N SER A 125 -8.10 -0.44 36.51
CA SER A 125 -8.75 -0.81 37.76
C SER A 125 -10.25 -0.51 37.70
N GLY A 126 -10.58 0.76 37.50
CA GLY A 126 -11.96 1.17 37.42
C GLY A 126 -12.24 2.09 36.25
N GLY A 1 -7.08 -16.66 -5.30
CA GLY A 1 -8.01 -15.57 -5.06
C GLY A 1 -8.19 -14.68 -6.27
N SER A 2 -8.65 -15.27 -7.37
CA SER A 2 -8.86 -14.53 -8.61
C SER A 2 -7.58 -13.83 -9.06
N SER A 3 -6.47 -14.55 -8.95
CA SER A 3 -5.17 -14.00 -9.34
C SER A 3 -4.38 -15.01 -10.18
N GLY A 4 -3.41 -14.51 -10.92
CA GLY A 4 -2.60 -15.37 -11.76
C GLY A 4 -2.76 -15.06 -13.24
N SER A 5 -3.86 -15.52 -13.82
CA SER A 5 -4.14 -15.30 -15.24
C SER A 5 -3.72 -13.90 -15.65
N SER A 6 -4.34 -12.89 -15.04
CA SER A 6 -4.04 -11.50 -15.35
C SER A 6 -2.90 -10.98 -14.47
N GLY A 7 -3.05 -11.14 -13.15
CA GLY A 7 -2.03 -10.69 -12.24
C GLY A 7 -2.60 -9.84 -11.11
N MET A 8 -3.47 -8.89 -11.46
CA MET A 8 -4.08 -8.01 -10.47
C MET A 8 -4.43 -8.78 -9.20
N LYS A 9 -4.06 -8.20 -8.05
CA LYS A 9 -4.33 -8.83 -6.77
C LYS A 9 -5.44 -8.11 -6.03
N HIS A 10 -5.28 -6.80 -5.85
CA HIS A 10 -6.29 -5.99 -5.16
C HIS A 10 -6.45 -4.64 -5.85
N SER A 11 -7.56 -3.97 -5.56
CA SER A 11 -7.85 -2.67 -6.15
C SER A 11 -8.83 -1.89 -5.29
N GLY A 12 -8.65 -0.57 -5.21
CA GLY A 12 -9.53 0.26 -4.43
C GLY A 12 -8.89 1.58 -4.03
N TYR A 13 -9.70 2.62 -3.88
CA TYR A 13 -9.21 3.93 -3.51
C TYR A 13 -8.35 3.85 -2.24
N LEU A 14 -7.23 4.56 -2.25
CA LEU A 14 -6.33 4.57 -1.10
C LEU A 14 -5.57 5.90 -1.03
N TRP A 15 -5.04 6.21 0.15
CA TRP A 15 -4.28 7.43 0.36
C TRP A 15 -2.82 7.13 0.63
N ALA A 16 -1.95 7.64 -0.23
CA ALA A 16 -0.51 7.43 -0.08
C ALA A 16 0.27 8.67 -0.46
N ILE A 17 1.47 8.81 0.10
CA ILE A 17 2.32 9.96 -0.18
C ILE A 17 3.79 9.58 -0.13
N GLY A 18 4.49 9.78 -1.24
CA GLY A 18 5.90 9.45 -1.30
C GLY A 18 6.77 10.67 -1.59
N LYS A 19 8.05 10.44 -1.81
CA LYS A 19 9.00 11.52 -2.09
C LYS A 19 9.02 11.85 -3.57
N ASN A 20 9.03 10.82 -4.40
CA ASN A 20 9.05 11.00 -5.85
C ASN A 20 7.64 10.98 -6.43
N VAL A 21 6.80 10.09 -5.89
CA VAL A 21 5.42 9.97 -6.35
C VAL A 21 4.44 10.31 -5.24
N TRP A 22 3.21 10.64 -5.62
CA TRP A 22 2.18 11.00 -4.65
C TRP A 22 2.69 12.04 -3.67
N LYS A 23 3.60 12.89 -4.14
CA LYS A 23 4.16 13.94 -3.31
C LYS A 23 3.10 14.58 -2.42
N ARG A 24 1.87 14.61 -2.93
CA ARG A 24 0.75 15.19 -2.19
C ARG A 24 -0.16 14.09 -1.64
N TRP A 25 -0.76 14.36 -0.48
CA TRP A 25 -1.65 13.39 0.15
C TRP A 25 -3.08 13.53 -0.39
N LYS A 26 -3.44 12.66 -1.33
CA LYS A 26 -4.76 12.68 -1.93
C LYS A 26 -5.29 11.26 -2.13
N LYS A 27 -6.61 11.13 -2.15
CA LYS A 27 -7.24 9.83 -2.35
C LYS A 27 -7.29 9.45 -3.83
N ARG A 28 -6.51 8.45 -4.20
CA ARG A 28 -6.46 8.01 -5.58
C ARG A 28 -6.68 6.50 -5.68
N PHE A 29 -6.96 6.02 -6.88
CA PHE A 29 -7.20 4.60 -7.10
C PHE A 29 -5.89 3.82 -7.14
N PHE A 30 -5.63 3.07 -6.09
CA PHE A 30 -4.40 2.27 -6.00
C PHE A 30 -4.65 0.82 -6.39
N VAL A 31 -3.72 0.23 -7.12
CA VAL A 31 -3.84 -1.15 -7.56
C VAL A 31 -2.51 -1.88 -7.45
N LEU A 32 -2.57 -3.15 -7.05
CA LEU A 32 -1.36 -3.96 -6.91
C LEU A 32 -1.13 -4.81 -8.15
N VAL A 33 -0.14 -4.42 -8.95
CA VAL A 33 0.19 -5.15 -10.17
C VAL A 33 1.40 -6.06 -9.95
N GLN A 34 1.34 -7.26 -10.52
CA GLN A 34 2.42 -8.23 -10.39
C GLN A 34 3.34 -8.17 -11.61
N VAL A 35 4.48 -7.52 -11.44
CA VAL A 35 5.45 -7.39 -12.53
C VAL A 35 6.14 -8.72 -12.81
N SER A 36 6.90 -9.21 -11.83
CA SER A 36 7.61 -10.47 -11.97
C SER A 36 7.11 -11.50 -10.96
N GLN A 37 7.67 -12.70 -11.02
CA GLN A 37 7.29 -13.77 -10.10
C GLN A 37 7.36 -13.31 -8.66
N TYR A 38 8.42 -12.57 -8.34
CA TYR A 38 8.62 -12.06 -6.98
C TYR A 38 8.79 -10.54 -6.99
N THR A 39 8.05 -9.88 -7.86
CA THR A 39 8.11 -8.42 -7.97
C THR A 39 6.73 -7.82 -8.23
N PHE A 40 6.43 -6.74 -7.53
CA PHE A 40 5.14 -6.07 -7.68
C PHE A 40 5.31 -4.56 -7.71
N ALA A 41 4.25 -3.86 -8.08
CA ALA A 41 4.28 -2.40 -8.15
C ALA A 41 2.90 -1.80 -7.92
N MET A 42 2.85 -0.66 -7.24
CA MET A 42 1.59 0.00 -6.94
C MET A 42 1.25 1.03 -8.02
N CYS A 43 0.33 0.67 -8.91
CA CYS A 43 -0.07 1.56 -9.98
C CYS A 43 -1.28 2.40 -9.57
N SER A 44 -1.19 3.71 -9.81
CA SER A 44 -2.27 4.63 -9.46
C SER A 44 -2.97 5.15 -10.71
N TYR A 45 -4.21 4.73 -10.91
CA TYR A 45 -4.99 5.16 -12.06
C TYR A 45 -6.03 6.21 -11.67
N ARG A 46 -6.16 7.24 -12.50
CA ARG A 46 -7.12 8.31 -12.23
C ARG A 46 -8.15 8.41 -13.35
N GLU A 47 -7.67 8.49 -14.58
CA GLU A 47 -8.55 8.59 -15.74
C GLU A 47 -8.74 7.22 -16.40
N LYS A 48 -9.82 7.09 -17.17
CA LYS A 48 -10.12 5.84 -17.85
C LYS A 48 -9.03 5.49 -18.87
N LYS A 49 -8.68 6.47 -19.70
CA LYS A 49 -7.65 6.27 -20.72
C LYS A 49 -6.41 7.09 -20.40
N ALA A 50 -5.80 6.81 -19.25
CA ALA A 50 -4.61 7.52 -18.83
C ALA A 50 -3.60 6.57 -18.18
N GLU A 51 -2.32 6.79 -18.47
CA GLU A 51 -1.27 5.95 -17.90
C GLU A 51 -1.00 6.30 -16.44
N PRO A 52 -0.58 5.30 -15.67
CA PRO A 52 -0.28 5.47 -14.24
C PRO A 52 0.97 6.31 -14.01
N GLN A 53 0.77 7.63 -13.86
CA GLN A 53 1.88 8.54 -13.63
C GLN A 53 2.67 8.14 -12.39
N GLU A 54 1.95 7.86 -11.31
CA GLU A 54 2.58 7.48 -10.05
C GLU A 54 2.66 5.95 -9.94
N LEU A 55 3.88 5.43 -9.79
CA LEU A 55 4.09 4.00 -9.67
C LEU A 55 5.21 3.69 -8.67
N LEU A 56 4.86 3.06 -7.56
CA LEU A 56 5.83 2.72 -6.53
C LEU A 56 6.06 1.21 -6.50
N GLN A 57 7.27 0.79 -6.84
CA GLN A 57 7.63 -0.62 -6.84
C GLN A 57 7.86 -1.13 -5.42
N LEU A 58 7.36 -2.32 -5.14
CA LEU A 58 7.50 -2.91 -3.81
C LEU A 58 8.53 -4.04 -3.84
N ASP A 59 9.60 -3.86 -4.60
CA ASP A 59 10.65 -4.85 -4.72
C ASP A 59 11.22 -5.21 -3.35
N GLY A 60 11.90 -4.25 -2.73
CA GLY A 60 12.49 -4.48 -1.42
C GLY A 60 11.77 -3.70 -0.33
N TYR A 61 10.56 -3.25 -0.62
CA TYR A 61 9.79 -2.48 0.35
C TYR A 61 9.22 -3.40 1.43
N THR A 62 9.04 -2.84 2.63
CA THR A 62 8.50 -3.59 3.75
C THR A 62 7.24 -2.94 4.30
N VAL A 63 6.09 -3.40 3.83
CA VAL A 63 4.81 -2.86 4.28
C VAL A 63 4.37 -3.50 5.58
N ASP A 64 3.90 -2.68 6.52
CA ASP A 64 3.45 -3.16 7.82
C ASP A 64 2.52 -2.16 8.47
N TYR A 65 2.07 -2.47 9.69
CA TYR A 65 1.17 -1.59 10.43
C TYR A 65 1.95 -0.50 11.16
N THR A 66 1.53 0.74 10.97
CA THR A 66 2.19 1.87 11.61
C THR A 66 1.17 2.88 12.14
N ASP A 67 1.56 3.63 13.17
CA ASP A 67 0.68 4.62 13.77
C ASP A 67 0.34 5.72 12.76
N PRO A 68 -0.83 6.35 12.95
CA PRO A 68 -1.30 7.43 12.07
C PRO A 68 -0.47 8.69 12.21
N GLN A 69 0.50 8.87 11.32
CA GLN A 69 1.35 10.05 11.36
C GLN A 69 0.54 11.32 11.51
N PRO A 70 1.05 12.27 12.31
CA PRO A 70 0.37 13.54 12.56
C PRO A 70 0.37 14.45 11.33
N GLY A 71 -0.71 14.41 10.58
CA GLY A 71 -0.81 15.23 9.38
C GLY A 71 -1.74 14.64 8.34
N LEU A 72 -1.51 13.38 7.99
CA LEU A 72 -2.34 12.70 7.00
C LEU A 72 -3.77 12.52 7.51
N GLU A 73 -4.70 13.27 6.94
CA GLU A 73 -6.09 13.19 7.34
C GLU A 73 -6.94 12.53 6.25
N GLY A 74 -6.65 11.26 5.98
CA GLY A 74 -7.39 10.55 4.95
C GLY A 74 -7.33 9.04 5.15
N GLY A 75 -8.36 8.49 5.77
CA GLY A 75 -8.41 7.06 6.01
C GLY A 75 -8.23 6.71 7.47
N ARG A 76 -8.73 5.54 7.86
CA ARG A 76 -8.62 5.09 9.24
C ARG A 76 -7.32 4.32 9.47
N ALA A 77 -7.18 3.19 8.76
CA ALA A 77 -5.98 2.37 8.89
C ALA A 77 -4.78 3.06 8.29
N PHE A 78 -3.60 2.83 8.88
CA PHE A 78 -2.37 3.43 8.41
C PHE A 78 -1.26 2.39 8.27
N PHE A 79 -0.69 2.31 7.08
CA PHE A 79 0.39 1.35 6.82
C PHE A 79 1.43 1.95 5.89
N ASN A 80 2.67 2.02 6.36
CA ASN A 80 3.76 2.57 5.57
C ASN A 80 4.80 1.50 5.25
N ALA A 81 5.55 1.71 4.18
CA ALA A 81 6.59 0.76 3.77
C ALA A 81 7.98 1.33 4.01
N VAL A 82 8.95 0.44 4.17
CA VAL A 82 10.33 0.84 4.40
C VAL A 82 11.25 0.34 3.29
N LYS A 83 12.05 1.25 2.73
CA LYS A 83 12.97 0.91 1.66
C LYS A 83 14.39 1.35 2.00
N GLU A 84 15.37 0.71 1.38
CA GLU A 84 16.77 1.04 1.62
C GLU A 84 16.93 2.54 1.88
N GLY A 85 16.40 3.35 0.98
CA GLY A 85 16.51 4.80 1.13
C GLY A 85 15.24 5.51 0.72
N ASP A 86 14.13 4.77 0.66
CA ASP A 86 12.85 5.34 0.28
C ASP A 86 11.78 5.03 1.31
N THR A 87 10.87 5.97 1.52
CA THR A 87 9.80 5.79 2.49
C THR A 87 8.46 6.25 1.92
N VAL A 88 7.41 5.46 2.17
CA VAL A 88 6.08 5.79 1.68
C VAL A 88 5.01 5.36 2.67
N ILE A 89 4.01 6.22 2.87
CA ILE A 89 2.93 5.93 3.80
C ILE A 89 1.63 5.67 3.05
N PHE A 90 0.79 4.81 3.61
CA PHE A 90 -0.50 4.47 3.00
C PHE A 90 -1.60 4.40 4.06
N ALA A 91 -2.84 4.45 3.59
CA ALA A 91 -4.00 4.39 4.49
C ALA A 91 -5.18 3.72 3.82
N SER A 92 -6.15 3.30 4.63
CA SER A 92 -7.34 2.63 4.12
C SER A 92 -8.60 3.18 4.79
N ASP A 93 -9.76 2.84 4.22
CA ASP A 93 -11.03 3.31 4.76
C ASP A 93 -11.29 2.69 6.13
N ASP A 94 -11.20 1.37 6.21
CA ASP A 94 -11.42 0.66 7.46
C ASP A 94 -10.19 -0.14 7.86
N GLU A 95 -10.14 -0.56 9.12
CA GLU A 95 -9.01 -1.34 9.63
C GLU A 95 -8.88 -2.66 8.88
N GLN A 96 -10.00 -3.35 8.71
CA GLN A 96 -10.01 -4.64 8.01
C GLN A 96 -9.31 -4.53 6.67
N ASP A 97 -9.74 -3.57 5.86
CA ASP A 97 -9.15 -3.35 4.54
C ASP A 97 -7.63 -3.43 4.61
N ARG A 98 -7.04 -2.65 5.51
CA ARG A 98 -5.59 -2.63 5.68
C ARG A 98 -5.02 -4.04 5.67
N ILE A 99 -5.37 -4.82 6.68
CA ILE A 99 -4.89 -6.19 6.80
C ILE A 99 -4.81 -6.86 5.43
N LEU A 100 -5.92 -6.83 4.69
CA LEU A 100 -5.96 -7.43 3.36
C LEU A 100 -4.81 -6.94 2.49
N TRP A 101 -4.50 -5.65 2.60
CA TRP A 101 -3.41 -5.05 1.83
C TRP A 101 -2.06 -5.47 2.39
N VAL A 102 -1.92 -5.38 3.72
CA VAL A 102 -0.67 -5.75 4.38
C VAL A 102 -0.30 -7.19 4.08
N GLN A 103 -1.31 -8.06 4.03
CA GLN A 103 -1.09 -9.47 3.76
C GLN A 103 -0.60 -9.69 2.33
N ALA A 104 -1.23 -8.99 1.38
CA ALA A 104 -0.86 -9.11 -0.03
C ALA A 104 0.49 -8.44 -0.28
N MET A 105 0.55 -7.15 -0.05
CA MET A 105 1.78 -6.38 -0.26
C MET A 105 2.96 -7.06 0.45
N TYR A 106 2.67 -7.70 1.58
CA TYR A 106 3.70 -8.38 2.35
C TYR A 106 4.40 -9.45 1.51
N ARG A 107 3.61 -10.35 0.94
CA ARG A 107 4.15 -11.42 0.11
C ARG A 107 4.76 -10.86 -1.18
N ALA A 108 4.13 -9.83 -1.73
CA ALA A 108 4.62 -9.21 -2.95
C ALA A 108 6.09 -8.81 -2.82
N THR A 109 6.43 -8.21 -1.68
CA THR A 109 7.81 -7.78 -1.44
C THR A 109 8.67 -8.94 -0.98
N GLY A 110 8.15 -9.73 -0.05
CA GLY A 110 8.90 -10.88 0.46
C GLY A 110 9.79 -10.51 1.62
N GLN A 111 9.36 -9.55 2.42
CA GLN A 111 10.13 -9.10 3.57
C GLN A 111 10.47 -10.28 4.49
N SER A 112 11.13 -9.97 5.60
CA SER A 112 11.53 -11.01 6.55
C SER A 112 10.62 -10.98 7.78
N HIS A 113 10.27 -9.78 8.22
CA HIS A 113 9.41 -9.61 9.39
C HIS A 113 7.94 -9.66 9.00
N LYS A 114 7.31 -10.80 9.23
CA LYS A 114 5.90 -10.98 8.90
C LYS A 114 5.03 -10.02 9.70
N PRO A 115 4.19 -9.24 8.99
CA PRO A 115 3.29 -8.27 9.61
C PRO A 115 2.15 -8.94 10.39
N VAL A 116 1.79 -8.37 11.52
CA VAL A 116 0.72 -8.91 12.35
C VAL A 116 -0.22 -7.81 12.83
N PRO A 117 -1.52 -8.07 12.78
CA PRO A 117 -2.55 -7.11 13.21
C PRO A 117 -2.55 -6.92 14.72
N PRO A 118 -2.64 -5.65 15.15
CA PRO A 118 -2.65 -5.29 16.57
C PRO A 118 -3.95 -5.71 17.26
N THR A 119 -3.92 -5.73 18.60
CA THR A 119 -5.10 -6.12 19.37
C THR A 119 -5.66 -4.93 20.14
N GLN A 120 -5.69 -3.77 19.48
CA GLN A 120 -6.21 -2.55 20.11
C GLN A 120 -7.61 -2.78 20.66
N SER A 121 -7.97 -2.01 21.68
CA SER A 121 -9.28 -2.14 22.29
C SER A 121 -10.27 -1.13 21.69
N GLY A 122 -9.94 0.16 21.82
CA GLY A 122 -10.80 1.19 21.27
C GLY A 122 -10.99 2.34 22.24
N PRO A 123 -11.67 3.40 21.77
CA PRO A 123 -11.94 4.59 22.58
C PRO A 123 -12.94 4.31 23.71
N SER A 124 -13.36 3.06 23.82
CA SER A 124 -14.32 2.67 24.85
C SER A 124 -14.09 3.47 26.13
N SER A 125 -12.89 3.35 26.69
CA SER A 125 -12.54 4.05 27.92
C SER A 125 -12.11 5.49 27.63
N GLY A 126 -12.10 6.32 28.65
CA GLY A 126 -11.71 7.71 28.48
C GLY A 126 -12.29 8.62 29.55
N GLY A 1 5.10 -20.36 -8.69
CA GLY A 1 4.09 -21.28 -9.15
C GLY A 1 3.83 -21.18 -10.65
N SER A 2 3.42 -22.27 -11.26
CA SER A 2 3.15 -22.31 -12.68
C SER A 2 1.75 -22.84 -12.97
N SER A 3 0.75 -22.20 -12.36
CA SER A 3 -0.63 -22.61 -12.54
C SER A 3 -1.58 -21.44 -12.30
N GLY A 4 -2.29 -21.03 -13.36
CA GLY A 4 -3.22 -19.92 -13.24
C GLY A 4 -2.53 -18.58 -13.27
N SER A 5 -3.08 -17.64 -14.03
CA SER A 5 -2.51 -16.30 -14.15
C SER A 5 -3.42 -15.26 -13.50
N SER A 6 -2.96 -14.71 -12.38
CA SER A 6 -3.74 -13.70 -11.66
C SER A 6 -2.85 -12.52 -11.26
N GLY A 7 -2.82 -11.50 -12.11
CA GLY A 7 -2.01 -10.32 -11.83
C GLY A 7 -2.61 -9.44 -10.75
N MET A 8 -3.58 -8.62 -11.13
CA MET A 8 -4.24 -7.74 -10.18
C MET A 8 -4.60 -8.47 -8.89
N LYS A 9 -4.08 -7.98 -7.78
CA LYS A 9 -4.33 -8.59 -6.48
C LYS A 9 -5.35 -7.77 -5.68
N HIS A 10 -5.07 -6.49 -5.52
CA HIS A 10 -5.98 -5.61 -4.78
C HIS A 10 -6.16 -4.28 -5.52
N SER A 11 -7.39 -3.77 -5.52
CA SER A 11 -7.69 -2.52 -6.19
C SER A 11 -8.72 -1.71 -5.39
N GLY A 12 -8.54 -0.40 -5.38
CA GLY A 12 -9.45 0.47 -4.65
C GLY A 12 -8.82 1.79 -4.26
N TYR A 13 -9.66 2.78 -3.99
CA TYR A 13 -9.17 4.10 -3.60
C TYR A 13 -8.39 4.04 -2.30
N LEU A 14 -7.19 4.61 -2.30
CA LEU A 14 -6.34 4.62 -1.12
C LEU A 14 -5.56 5.93 -1.01
N TRP A 15 -5.10 6.24 0.19
CA TRP A 15 -4.35 7.47 0.42
C TRP A 15 -2.87 7.15 0.67
N ALA A 16 -2.00 7.62 -0.21
CA ALA A 16 -0.57 7.39 -0.08
C ALA A 16 0.21 8.66 -0.35
N ILE A 17 1.45 8.71 0.16
CA ILE A 17 2.30 9.88 -0.03
C ILE A 17 3.77 9.50 0.06
N GLY A 18 4.53 9.83 -0.98
CA GLY A 18 5.95 9.52 -1.01
C GLY A 18 6.81 10.75 -1.19
N LYS A 19 8.07 10.54 -1.54
CA LYS A 19 9.01 11.64 -1.73
C LYS A 19 9.04 12.07 -3.20
N ASN A 20 9.07 11.09 -4.09
CA ASN A 20 9.10 11.37 -5.53
C ASN A 20 7.71 11.24 -6.14
N VAL A 21 6.91 10.33 -5.60
CA VAL A 21 5.55 10.11 -6.08
C VAL A 21 4.52 10.47 -5.01
N TRP A 22 3.29 10.73 -5.44
CA TRP A 22 2.22 11.08 -4.53
C TRP A 22 2.70 12.08 -3.48
N LYS A 23 3.59 12.97 -3.90
CA LYS A 23 4.13 13.99 -2.99
C LYS A 23 3.02 14.59 -2.12
N ARG A 24 1.79 14.59 -2.65
CA ARG A 24 0.66 15.14 -1.93
C ARG A 24 -0.22 14.01 -1.38
N TRP A 25 -0.88 14.27 -0.26
CA TRP A 25 -1.74 13.30 0.37
C TRP A 25 -3.17 13.42 -0.16
N LYS A 26 -3.54 12.56 -1.09
CA LYS A 26 -4.88 12.57 -1.68
C LYS A 26 -5.37 11.15 -1.92
N LYS A 27 -6.69 11.00 -1.98
CA LYS A 27 -7.30 9.69 -2.22
C LYS A 27 -7.36 9.38 -3.72
N ARG A 28 -6.59 8.39 -4.14
CA ARG A 28 -6.55 7.99 -5.55
C ARG A 28 -6.73 6.50 -5.70
N PHE A 29 -7.13 6.06 -6.89
CA PHE A 29 -7.34 4.65 -7.17
C PHE A 29 -6.01 3.89 -7.18
N PHE A 30 -5.85 2.96 -6.24
CA PHE A 30 -4.62 2.17 -6.13
C PHE A 30 -4.88 0.74 -6.55
N VAL A 31 -3.91 0.14 -7.25
CA VAL A 31 -4.02 -1.23 -7.72
C VAL A 31 -2.70 -1.96 -7.59
N LEU A 32 -2.75 -3.22 -7.16
CA LEU A 32 -1.56 -4.03 -6.99
C LEU A 32 -1.27 -4.85 -8.26
N VAL A 33 -0.27 -4.42 -9.01
CA VAL A 33 0.11 -5.12 -10.24
C VAL A 33 1.30 -6.04 -10.01
N GLN A 34 1.27 -7.21 -10.64
CA GLN A 34 2.34 -8.18 -10.50
C GLN A 34 3.33 -8.07 -11.66
N VAL A 35 4.48 -7.46 -11.40
CA VAL A 35 5.50 -7.28 -12.42
C VAL A 35 6.24 -8.60 -12.69
N SER A 36 6.91 -9.12 -11.67
CA SER A 36 7.66 -10.36 -11.80
C SER A 36 7.03 -11.45 -10.94
N GLN A 37 7.51 -12.69 -11.11
CA GLN A 37 7.00 -13.82 -10.35
C GLN A 37 6.90 -13.48 -8.86
N TYR A 38 7.91 -12.76 -8.37
CA TYR A 38 7.94 -12.37 -6.96
C TYR A 38 8.16 -10.86 -6.81
N THR A 39 7.58 -10.10 -7.73
CA THR A 39 7.70 -8.65 -7.72
C THR A 39 6.37 -7.98 -8.06
N PHE A 40 6.02 -6.94 -7.31
CA PHE A 40 4.78 -6.21 -7.54
C PHE A 40 5.02 -4.71 -7.47
N ALA A 41 4.03 -3.94 -7.93
CA ALA A 41 4.13 -2.49 -7.91
C ALA A 41 2.74 -1.85 -7.75
N MET A 42 2.72 -0.68 -7.12
CA MET A 42 1.46 0.03 -6.89
C MET A 42 1.18 1.01 -8.03
N CYS A 43 0.20 0.69 -8.87
CA CYS A 43 -0.15 1.54 -10.00
C CYS A 43 -1.38 2.39 -9.67
N SER A 44 -1.19 3.70 -9.61
CA SER A 44 -2.28 4.61 -9.30
C SER A 44 -2.90 5.18 -10.58
N TYR A 45 -4.04 4.63 -10.98
CA TYR A 45 -4.73 5.08 -12.18
C TYR A 45 -5.73 6.19 -11.86
N ARG A 46 -5.73 7.23 -12.69
CA ARG A 46 -6.64 8.35 -12.49
C ARG A 46 -7.85 8.24 -13.41
N GLU A 47 -7.60 8.34 -14.72
CA GLU A 47 -8.67 8.25 -15.70
C GLU A 47 -9.01 6.79 -16.02
N LYS A 48 -10.10 6.60 -16.74
CA LYS A 48 -10.54 5.24 -17.10
C LYS A 48 -9.37 4.42 -17.64
N LYS A 49 -8.83 4.83 -18.79
CA LYS A 49 -7.72 4.13 -19.41
C LYS A 49 -6.56 5.09 -19.67
N ALA A 50 -5.67 5.22 -18.71
CA ALA A 50 -4.51 6.10 -18.84
C ALA A 50 -3.38 5.67 -17.90
N GLU A 51 -2.16 5.65 -18.43
CA GLU A 51 -1.00 5.26 -17.65
C GLU A 51 -1.11 5.78 -16.22
N PRO A 52 -0.57 5.01 -15.26
CA PRO A 52 -0.58 5.37 -13.84
C PRO A 52 0.30 6.57 -13.53
N GLN A 53 -0.31 7.74 -13.39
CA GLN A 53 0.43 8.96 -13.09
C GLN A 53 1.60 8.67 -12.15
N GLU A 54 1.41 7.69 -11.27
CA GLU A 54 2.45 7.31 -10.31
C GLU A 54 2.57 5.80 -10.22
N LEU A 55 3.75 5.34 -9.81
CA LEU A 55 4.01 3.90 -9.67
C LEU A 55 5.12 3.65 -8.66
N LEU A 56 4.87 2.75 -7.72
CA LEU A 56 5.84 2.41 -6.70
C LEU A 56 6.08 0.90 -6.65
N GLN A 57 7.26 0.47 -7.09
CA GLN A 57 7.60 -0.93 -7.10
C GLN A 57 8.02 -1.41 -5.72
N LEU A 58 7.31 -2.40 -5.19
CA LEU A 58 7.60 -2.93 -3.87
C LEU A 58 8.65 -4.04 -3.95
N ASP A 59 9.60 -3.87 -4.86
CA ASP A 59 10.68 -4.84 -5.04
C ASP A 59 11.27 -5.25 -3.69
N GLY A 60 11.50 -4.26 -2.83
CA GLY A 60 12.06 -4.55 -1.52
C GLY A 60 11.28 -3.89 -0.40
N TYR A 61 10.54 -2.84 -0.74
CA TYR A 61 9.74 -2.12 0.24
C TYR A 61 9.17 -3.08 1.29
N THR A 62 9.17 -2.65 2.55
CA THR A 62 8.66 -3.46 3.64
C THR A 62 7.42 -2.84 4.26
N VAL A 63 6.26 -3.36 3.87
CA VAL A 63 4.99 -2.85 4.39
C VAL A 63 4.66 -3.47 5.74
N ASP A 64 4.00 -2.70 6.60
CA ASP A 64 3.63 -3.17 7.93
C ASP A 64 2.71 -2.17 8.62
N TYR A 65 2.10 -2.60 9.72
CA TYR A 65 1.20 -1.74 10.47
C TYR A 65 1.97 -0.73 11.30
N THR A 66 1.49 0.52 11.29
CA THR A 66 2.15 1.59 12.03
C THR A 66 1.12 2.57 12.60
N ASP A 67 1.58 3.47 13.46
CA ASP A 67 0.70 4.47 14.05
C ASP A 67 0.35 5.56 13.05
N PRO A 68 -0.81 6.20 13.24
CA PRO A 68 -1.28 7.27 12.36
C PRO A 68 -0.45 8.55 12.50
N GLN A 69 0.24 8.92 11.43
CA GLN A 69 1.07 10.11 11.44
C GLN A 69 0.21 11.37 11.58
N PRO A 70 0.72 12.35 12.35
CA PRO A 70 0.01 13.61 12.59
C PRO A 70 -0.03 14.49 11.34
N GLY A 71 -1.21 14.62 10.75
CA GLY A 71 -1.36 15.43 9.55
C GLY A 71 -2.19 14.75 8.49
N LEU A 72 -1.70 13.62 7.99
CA LEU A 72 -2.41 12.86 6.96
C LEU A 72 -3.86 12.63 7.36
N GLU A 73 -4.78 13.24 6.60
CA GLU A 73 -6.20 13.10 6.87
C GLU A 73 -6.93 12.54 5.66
N GLY A 74 -7.04 11.21 5.59
CA GLY A 74 -7.71 10.56 4.49
C GLY A 74 -8.49 9.34 4.91
N GLY A 75 -7.80 8.39 5.53
CA GLY A 75 -8.44 7.16 5.98
C GLY A 75 -8.19 6.87 7.45
N ARG A 76 -8.65 5.72 7.91
CA ARG A 76 -8.46 5.33 9.30
C ARG A 76 -7.14 4.60 9.49
N ALA A 77 -7.03 3.41 8.91
CA ALA A 77 -5.81 2.62 9.01
C ALA A 77 -4.63 3.34 8.37
N PHE A 78 -3.44 3.15 8.94
CA PHE A 78 -2.23 3.77 8.42
C PHE A 78 -1.11 2.76 8.28
N PHE A 79 -0.78 2.43 7.03
CA PHE A 79 0.28 1.47 6.75
C PHE A 79 1.36 2.09 5.86
N ASN A 80 2.60 2.03 6.32
CA ASN A 80 3.72 2.58 5.55
C ASN A 80 4.75 1.50 5.24
N ALA A 81 5.53 1.71 4.18
CA ALA A 81 6.55 0.77 3.78
C ALA A 81 7.95 1.32 4.04
N VAL A 82 8.90 0.42 4.25
CA VAL A 82 10.28 0.81 4.51
C VAL A 82 11.22 0.30 3.42
N LYS A 83 11.97 1.22 2.82
CA LYS A 83 12.91 0.87 1.77
C LYS A 83 14.34 1.26 2.15
N GLU A 84 15.31 0.58 1.58
CA GLU A 84 16.71 0.85 1.85
C GLU A 84 16.92 2.34 2.15
N GLY A 85 16.31 3.19 1.34
CA GLY A 85 16.43 4.63 1.54
C GLY A 85 15.17 5.38 1.14
N ASP A 86 14.06 4.67 1.07
CA ASP A 86 12.79 5.27 0.70
C ASP A 86 11.71 4.96 1.74
N THR A 87 10.79 5.90 1.94
CA THR A 87 9.72 5.73 2.90
C THR A 87 8.40 6.26 2.35
N VAL A 88 7.36 5.43 2.42
CA VAL A 88 6.04 5.82 1.94
C VAL A 88 4.95 5.37 2.90
N ILE A 89 3.93 6.20 3.06
CA ILE A 89 2.81 5.89 3.95
C ILE A 89 1.53 5.66 3.16
N PHE A 90 0.66 4.82 3.71
CA PHE A 90 -0.62 4.50 3.05
C PHE A 90 -1.75 4.46 4.07
N ALA A 91 -2.98 4.56 3.58
CA ALA A 91 -4.15 4.53 4.44
C ALA A 91 -5.34 3.90 3.72
N SER A 92 -6.23 3.26 4.49
CA SER A 92 -7.41 2.63 3.92
C SER A 92 -8.68 3.17 4.56
N ASP A 93 -9.83 2.78 4.01
CA ASP A 93 -11.11 3.23 4.54
C ASP A 93 -11.43 2.54 5.86
N ASP A 94 -11.29 1.22 5.90
CA ASP A 94 -11.55 0.46 7.10
C ASP A 94 -10.30 -0.29 7.56
N GLU A 95 -10.21 -0.55 8.86
CA GLU A 95 -9.07 -1.25 9.43
C GLU A 95 -8.93 -2.65 8.82
N GLN A 96 -10.05 -3.20 8.35
CA GLN A 96 -10.05 -4.52 7.75
C GLN A 96 -9.26 -4.52 6.45
N ASP A 97 -9.49 -3.51 5.62
CA ASP A 97 -8.80 -3.39 4.33
C ASP A 97 -7.30 -3.40 4.53
N ARG A 98 -6.82 -2.55 5.42
CA ARG A 98 -5.38 -2.47 5.70
C ARG A 98 -4.74 -3.84 5.70
N ILE A 99 -5.36 -4.78 6.43
CA ILE A 99 -4.84 -6.13 6.51
C ILE A 99 -4.78 -6.78 5.13
N LEU A 100 -5.86 -6.64 4.38
CA LEU A 100 -5.92 -7.22 3.04
C LEU A 100 -4.74 -6.76 2.19
N TRP A 101 -4.25 -5.57 2.46
CA TRP A 101 -3.12 -5.00 1.72
C TRP A 101 -1.81 -5.48 2.33
N VAL A 102 -1.70 -5.41 3.65
CA VAL A 102 -0.48 -5.83 4.34
C VAL A 102 -0.15 -7.29 4.03
N GLN A 103 -1.17 -8.14 4.09
CA GLN A 103 -0.98 -9.56 3.82
C GLN A 103 -0.47 -9.77 2.40
N ALA A 104 -1.09 -9.11 1.44
CA ALA A 104 -0.69 -9.23 0.03
C ALA A 104 0.67 -8.59 -0.20
N MET A 105 0.75 -7.28 -0.01
CA MET A 105 1.99 -6.55 -0.22
C MET A 105 3.15 -7.25 0.49
N TYR A 106 2.85 -7.87 1.63
CA TYR A 106 3.86 -8.58 2.40
C TYR A 106 4.56 -9.63 1.56
N ARG A 107 3.78 -10.43 0.83
CA ARG A 107 4.31 -11.48 -0.02
C ARG A 107 4.91 -10.89 -1.30
N ALA A 108 4.30 -9.81 -1.79
CA ALA A 108 4.77 -9.15 -3.00
C ALA A 108 6.21 -8.66 -2.84
N THR A 109 6.53 -8.20 -1.64
CA THR A 109 7.87 -7.70 -1.36
C THR A 109 8.79 -8.82 -0.90
N GLY A 110 8.26 -9.73 -0.09
CA GLY A 110 9.04 -10.85 0.41
C GLY A 110 9.98 -10.44 1.52
N GLN A 111 9.55 -9.49 2.34
CA GLN A 111 10.37 -9.02 3.46
C GLN A 111 10.78 -10.16 4.36
N SER A 112 11.57 -9.85 5.39
CA SER A 112 12.04 -10.87 6.33
C SER A 112 11.22 -10.83 7.62
N HIS A 113 10.59 -9.69 7.88
CA HIS A 113 9.79 -9.52 9.07
C HIS A 113 8.30 -9.60 8.74
N LYS A 114 7.64 -10.64 9.24
CA LYS A 114 6.21 -10.84 9.00
C LYS A 114 5.38 -9.81 9.76
N PRO A 115 4.55 -9.06 9.03
CA PRO A 115 3.68 -8.03 9.62
C PRO A 115 2.57 -8.62 10.46
N VAL A 116 2.32 -8.01 11.61
CA VAL A 116 1.28 -8.47 12.52
C VAL A 116 0.23 -7.38 12.77
N PRO A 117 -1.05 -7.77 12.76
CA PRO A 117 -2.16 -6.85 12.99
C PRO A 117 -2.22 -6.35 14.44
N PRO A 118 -2.49 -5.04 14.60
CA PRO A 118 -2.58 -4.42 15.92
C PRO A 118 -3.81 -4.88 16.70
N THR A 119 -3.70 -4.87 18.02
CA THR A 119 -4.80 -5.28 18.88
C THR A 119 -4.81 -4.50 20.18
N GLN A 120 -5.92 -3.81 20.46
CA GLN A 120 -6.04 -3.02 21.67
C GLN A 120 -7.29 -3.44 22.45
N SER A 121 -7.08 -4.07 23.61
CA SER A 121 -8.18 -4.51 24.45
C SER A 121 -7.80 -4.44 25.92
N GLY A 122 -8.79 -4.11 26.76
CA GLY A 122 -8.54 -4.01 28.18
C GLY A 122 -8.80 -5.32 28.91
N PRO A 123 -8.01 -5.58 29.96
CA PRO A 123 -8.15 -6.80 30.77
C PRO A 123 -9.43 -6.81 31.59
N SER A 124 -9.82 -5.66 32.10
CA SER A 124 -11.02 -5.54 32.91
C SER A 124 -12.27 -5.50 32.03
N SER A 125 -13.31 -6.19 32.46
CA SER A 125 -14.57 -6.23 31.71
C SER A 125 -15.63 -5.36 32.37
N GLY A 126 -15.92 -5.63 33.63
CA GLY A 126 -16.91 -4.86 34.35
C GLY A 126 -16.30 -4.01 35.45
N GLY A 1 0.93 -17.74 -20.60
CA GLY A 1 -0.45 -17.71 -21.03
C GLY A 1 -1.14 -16.41 -20.65
N SER A 2 -2.48 -16.43 -20.68
CA SER A 2 -3.26 -15.25 -20.33
C SER A 2 -3.54 -15.20 -18.84
N SER A 3 -3.40 -14.01 -18.25
CA SER A 3 -3.64 -13.84 -16.82
C SER A 3 -4.30 -12.49 -16.55
N GLY A 4 -5.26 -12.47 -15.63
CA GLY A 4 -5.95 -11.25 -15.28
C GLY A 4 -6.24 -11.14 -13.80
N SER A 5 -7.40 -11.65 -13.39
CA SER A 5 -7.81 -11.61 -12.00
C SER A 5 -6.61 -11.81 -11.08
N SER A 6 -5.74 -12.74 -11.45
CA SER A 6 -4.54 -13.03 -10.66
C SER A 6 -3.66 -11.78 -10.52
N GLY A 7 -3.23 -11.24 -11.65
CA GLY A 7 -2.39 -10.07 -11.63
C GLY A 7 -2.80 -9.08 -10.57
N MET A 8 -4.06 -8.64 -10.62
CA MET A 8 -4.58 -7.68 -9.65
C MET A 8 -4.93 -8.38 -8.34
N LYS A 9 -4.07 -8.21 -7.33
CA LYS A 9 -4.29 -8.82 -6.02
C LYS A 9 -5.33 -8.03 -5.22
N HIS A 10 -5.24 -6.71 -5.29
CA HIS A 10 -6.16 -5.85 -4.57
C HIS A 10 -6.16 -4.44 -5.17
N SER A 11 -7.32 -3.77 -5.10
CA SER A 11 -7.46 -2.43 -5.64
C SER A 11 -8.44 -1.61 -4.80
N GLY A 12 -8.57 -0.33 -5.14
CA GLY A 12 -9.49 0.54 -4.42
C GLY A 12 -8.83 1.84 -4.00
N TYR A 13 -9.61 2.92 -3.99
CA TYR A 13 -9.10 4.23 -3.61
C TYR A 13 -8.37 4.16 -2.26
N LEU A 14 -7.17 4.73 -2.22
CA LEU A 14 -6.37 4.73 -1.00
C LEU A 14 -5.59 6.03 -0.87
N TRP A 15 -5.16 6.35 0.35
CA TRP A 15 -4.40 7.56 0.61
C TRP A 15 -2.94 7.24 0.89
N ALA A 16 -2.04 7.75 0.06
CA ALA A 16 -0.62 7.52 0.21
C ALA A 16 0.18 8.76 -0.16
N ILE A 17 1.40 8.86 0.37
CA ILE A 17 2.27 9.99 0.09
C ILE A 17 3.74 9.58 0.12
N GLY A 18 4.48 10.01 -0.89
CA GLY A 18 5.90 9.68 -0.95
C GLY A 18 6.78 10.90 -1.10
N LYS A 19 8.07 10.68 -1.37
CA LYS A 19 9.00 11.78 -1.54
C LYS A 19 9.14 12.17 -3.01
N ASN A 20 9.15 11.16 -3.89
CA ASN A 20 9.26 11.39 -5.32
C ASN A 20 7.91 11.27 -6.01
N VAL A 21 7.00 10.53 -5.37
CA VAL A 21 5.66 10.33 -5.93
C VAL A 21 4.59 10.66 -4.90
N TRP A 22 3.35 10.81 -5.36
CA TRP A 22 2.24 11.13 -4.48
C TRP A 22 2.68 12.09 -3.38
N LYS A 23 3.66 12.93 -3.69
CA LYS A 23 4.16 13.90 -2.72
C LYS A 23 3.02 14.55 -1.95
N ARG A 24 1.86 14.62 -2.59
CA ARG A 24 0.68 15.22 -1.96
C ARG A 24 -0.25 14.14 -1.40
N TRP A 25 -0.75 14.37 -0.19
CA TRP A 25 -1.65 13.42 0.45
C TRP A 25 -3.06 13.52 -0.14
N LYS A 26 -3.37 12.62 -1.06
CA LYS A 26 -4.68 12.61 -1.69
C LYS A 26 -5.19 11.18 -1.91
N LYS A 27 -6.49 11.03 -2.01
CA LYS A 27 -7.10 9.72 -2.22
C LYS A 27 -7.19 9.38 -3.70
N ARG A 28 -6.42 8.40 -4.14
CA ARG A 28 -6.41 7.99 -5.54
C ARG A 28 -6.56 6.48 -5.66
N PHE A 29 -6.98 6.03 -6.83
CA PHE A 29 -7.16 4.60 -7.09
C PHE A 29 -5.81 3.87 -7.09
N PHE A 30 -5.70 2.84 -6.26
CA PHE A 30 -4.47 2.06 -6.17
C PHE A 30 -4.70 0.62 -6.60
N VAL A 31 -3.77 0.08 -7.38
CA VAL A 31 -3.87 -1.29 -7.86
C VAL A 31 -2.51 -1.99 -7.82
N LEU A 32 -2.45 -3.10 -7.11
CA LEU A 32 -1.20 -3.87 -7.00
C LEU A 32 -0.99 -4.74 -8.23
N VAL A 33 -0.07 -4.33 -9.09
CA VAL A 33 0.24 -5.08 -10.30
C VAL A 33 1.39 -6.05 -10.08
N GLN A 34 1.25 -7.26 -10.60
CA GLN A 34 2.28 -8.28 -10.46
C GLN A 34 3.31 -8.20 -11.58
N VAL A 35 4.40 -7.50 -11.33
CA VAL A 35 5.46 -7.33 -12.33
C VAL A 35 6.14 -8.66 -12.62
N SER A 36 6.85 -9.19 -11.62
CA SER A 36 7.56 -10.44 -11.77
C SER A 36 6.95 -11.52 -10.88
N GLN A 37 7.57 -12.70 -10.88
CA GLN A 37 7.09 -13.81 -10.07
C GLN A 37 6.96 -13.41 -8.61
N TYR A 38 8.00 -12.74 -8.10
CA TYR A 38 8.00 -12.29 -6.70
C TYR A 38 8.17 -10.78 -6.62
N THR A 39 7.73 -10.08 -7.66
CA THR A 39 7.83 -8.63 -7.71
C THR A 39 6.49 -8.00 -8.05
N PHE A 40 6.17 -6.91 -7.37
CA PHE A 40 4.90 -6.21 -7.61
C PHE A 40 5.12 -4.70 -7.62
N ALA A 41 4.10 -3.96 -8.05
CA ALA A 41 4.17 -2.51 -8.11
C ALA A 41 2.80 -1.88 -7.92
N MET A 42 2.78 -0.71 -7.29
CA MET A 42 1.52 0.00 -7.04
C MET A 42 1.23 1.00 -8.15
N CYS A 43 0.29 0.66 -9.02
CA CYS A 43 -0.09 1.53 -10.13
C CYS A 43 -1.32 2.35 -9.78
N SER A 44 -1.15 3.67 -9.79
CA SER A 44 -2.24 4.59 -9.47
C SER A 44 -2.84 5.19 -10.73
N TYR A 45 -3.77 4.46 -11.34
CA TYR A 45 -4.43 4.92 -12.57
C TYR A 45 -5.40 6.04 -12.26
N ARG A 46 -5.43 7.04 -13.13
CA ARG A 46 -6.32 8.18 -12.97
C ARG A 46 -7.58 8.02 -13.82
N GLU A 47 -7.40 7.54 -15.05
CA GLU A 47 -8.53 7.33 -15.96
C GLU A 47 -8.44 5.97 -16.64
N LYS A 48 -9.59 5.35 -16.86
CA LYS A 48 -9.64 4.05 -17.51
C LYS A 48 -8.73 4.01 -18.74
N LYS A 49 -8.88 5.00 -19.62
CA LYS A 49 -8.07 5.09 -20.83
C LYS A 49 -6.87 5.99 -20.61
N ALA A 50 -6.00 5.62 -19.67
CA ALA A 50 -4.81 6.40 -19.38
C ALA A 50 -3.74 5.53 -18.71
N GLU A 51 -2.59 6.13 -18.44
CA GLU A 51 -1.48 5.42 -17.81
C GLU A 51 -1.27 5.92 -16.38
N PRO A 52 -0.74 5.03 -15.52
CA PRO A 52 -0.46 5.35 -14.11
C PRO A 52 0.69 6.33 -13.97
N GLN A 53 0.36 7.61 -13.78
CA GLN A 53 1.38 8.64 -13.62
C GLN A 53 2.38 8.26 -12.54
N GLU A 54 1.87 7.83 -11.39
CA GLU A 54 2.73 7.43 -10.27
C GLU A 54 2.76 5.91 -10.13
N LEU A 55 3.95 5.36 -10.00
CA LEU A 55 4.13 3.92 -9.85
C LEU A 55 5.25 3.60 -8.87
N LEU A 56 4.89 2.99 -7.75
CA LEU A 56 5.86 2.64 -6.72
C LEU A 56 6.11 1.13 -6.72
N GLN A 57 7.35 0.74 -7.02
CA GLN A 57 7.72 -0.67 -7.05
C GLN A 57 8.09 -1.16 -5.66
N LEU A 58 7.50 -2.26 -5.24
CA LEU A 58 7.77 -2.84 -3.92
C LEU A 58 8.77 -3.99 -4.03
N ASP A 59 9.75 -3.83 -4.91
CA ASP A 59 10.78 -4.85 -5.11
C ASP A 59 11.59 -5.05 -3.83
N GLY A 60 11.57 -4.04 -2.96
CA GLY A 60 12.31 -4.13 -1.71
C GLY A 60 11.66 -3.35 -0.60
N TYR A 61 10.40 -2.97 -0.79
CA TYR A 61 9.66 -2.21 0.20
C TYR A 61 9.11 -3.12 1.30
N THR A 62 9.12 -2.63 2.53
CA THR A 62 8.64 -3.40 3.66
C THR A 62 7.37 -2.79 4.24
N VAL A 63 6.21 -3.30 3.80
CA VAL A 63 4.93 -2.79 4.27
C VAL A 63 4.52 -3.47 5.58
N ASP A 64 4.18 -2.65 6.56
CA ASP A 64 3.76 -3.17 7.86
C ASP A 64 2.87 -2.17 8.58
N TYR A 65 2.19 -2.63 9.64
CA TYR A 65 1.30 -1.78 10.41
C TYR A 65 2.08 -0.71 11.17
N THR A 66 1.52 0.49 11.23
CA THR A 66 2.17 1.60 11.92
C THR A 66 1.13 2.52 12.56
N ASP A 67 1.61 3.46 13.39
CA ASP A 67 0.73 4.40 14.06
C ASP A 67 0.31 5.52 13.11
N PRO A 68 -0.81 6.18 13.44
CA PRO A 68 -1.35 7.28 12.63
C PRO A 68 -0.48 8.53 12.70
N GLN A 69 0.21 8.83 11.60
CA GLN A 69 1.07 10.00 11.54
C GLN A 69 0.28 11.29 11.70
N PRO A 70 0.83 12.24 12.48
CA PRO A 70 0.18 13.52 12.73
C PRO A 70 0.14 14.41 11.48
N GLY A 71 -0.96 14.34 10.75
CA GLY A 71 -1.10 15.14 9.55
C GLY A 71 -2.01 14.50 8.52
N LEU A 72 -1.82 13.21 8.28
CA LEU A 72 -2.62 12.48 7.31
C LEU A 72 -4.05 12.29 7.83
N GLU A 73 -4.99 13.01 7.23
CA GLU A 73 -6.39 12.92 7.63
C GLU A 73 -7.27 12.55 6.44
N GLY A 74 -7.07 11.35 5.91
CA GLY A 74 -7.86 10.90 4.78
C GLY A 74 -8.59 9.60 5.06
N GLY A 75 -7.91 8.65 5.69
CA GLY A 75 -8.51 7.38 6.01
C GLY A 75 -8.31 6.98 7.46
N ARG A 76 -8.70 5.76 7.80
CA ARG A 76 -8.57 5.26 9.17
C ARG A 76 -7.28 4.46 9.32
N ALA A 77 -7.24 3.28 8.69
CA ALA A 77 -6.08 2.41 8.76
C ALA A 77 -4.83 3.15 8.30
N PHE A 78 -3.69 2.82 8.92
CA PHE A 78 -2.42 3.46 8.57
C PHE A 78 -1.34 2.40 8.36
N PHE A 79 -0.75 2.40 7.17
CA PHE A 79 0.30 1.45 6.83
C PHE A 79 1.31 2.07 5.86
N ASN A 80 2.58 2.01 6.23
CA ASN A 80 3.64 2.57 5.39
C ASN A 80 4.72 1.52 5.12
N ALA A 81 5.42 1.69 4.00
CA ALA A 81 6.49 0.77 3.62
C ALA A 81 7.86 1.39 3.81
N VAL A 82 8.81 0.59 4.29
CA VAL A 82 10.18 1.07 4.51
C VAL A 82 11.13 0.54 3.46
N LYS A 83 11.86 1.43 2.81
CA LYS A 83 12.81 1.06 1.78
C LYS A 83 14.24 1.45 2.18
N GLU A 84 15.22 0.77 1.59
CA GLU A 84 16.61 1.05 1.89
C GLU A 84 16.83 2.54 2.16
N GLY A 85 16.31 3.39 1.28
CA GLY A 85 16.45 4.81 1.45
C GLY A 85 15.19 5.57 1.06
N ASP A 86 14.09 4.84 0.86
CA ASP A 86 12.83 5.45 0.49
C ASP A 86 11.73 5.07 1.49
N THR A 87 10.78 5.98 1.67
CA THR A 87 9.67 5.74 2.59
C THR A 87 8.35 6.23 2.00
N VAL A 88 7.30 5.44 2.22
CA VAL A 88 5.97 5.78 1.70
C VAL A 88 4.88 5.35 2.67
N ILE A 89 3.88 6.20 2.85
CA ILE A 89 2.77 5.91 3.74
C ILE A 89 1.51 5.58 2.96
N PHE A 90 0.63 4.78 3.56
CA PHE A 90 -0.62 4.41 2.92
C PHE A 90 -1.76 4.33 3.94
N ALA A 91 -2.99 4.47 3.46
CA ALA A 91 -4.16 4.42 4.33
C ALA A 91 -5.36 3.85 3.60
N SER A 92 -6.23 3.17 4.34
CA SER A 92 -7.42 2.56 3.76
C SER A 92 -8.70 3.15 4.39
N ASP A 93 -9.84 2.67 3.93
CA ASP A 93 -11.12 3.13 4.45
C ASP A 93 -11.39 2.57 5.84
N ASP A 94 -10.96 1.34 6.07
CA ASP A 94 -11.16 0.69 7.36
C ASP A 94 -9.94 -0.16 7.73
N GLU A 95 -9.83 -0.51 9.01
CA GLU A 95 -8.72 -1.32 9.48
C GLU A 95 -8.75 -2.71 8.86
N GLN A 96 -9.95 -3.26 8.71
CA GLN A 96 -10.12 -4.58 8.13
C GLN A 96 -9.48 -4.66 6.75
N ASP A 97 -9.65 -3.59 5.96
CA ASP A 97 -9.08 -3.54 4.61
C ASP A 97 -7.56 -3.57 4.67
N ARG A 98 -6.99 -2.67 5.46
CA ARG A 98 -5.53 -2.59 5.59
C ARG A 98 -4.92 -3.99 5.68
N ILE A 99 -5.52 -4.84 6.50
CA ILE A 99 -5.03 -6.20 6.67
C ILE A 99 -4.86 -6.90 5.33
N LEU A 100 -5.91 -6.88 4.52
CA LEU A 100 -5.86 -7.51 3.21
C LEU A 100 -4.72 -6.95 2.37
N TRP A 101 -4.46 -5.66 2.52
CA TRP A 101 -3.38 -5.00 1.78
C TRP A 101 -2.02 -5.43 2.31
N VAL A 102 -1.89 -5.49 3.63
CA VAL A 102 -0.64 -5.88 4.26
C VAL A 102 -0.29 -7.32 3.92
N GLN A 103 -1.28 -8.21 4.01
CA GLN A 103 -1.07 -9.63 3.72
C GLN A 103 -0.54 -9.81 2.31
N ALA A 104 -1.17 -9.14 1.35
CA ALA A 104 -0.76 -9.23 -0.05
C ALA A 104 0.56 -8.51 -0.28
N MET A 105 0.60 -7.21 0.05
CA MET A 105 1.81 -6.42 -0.12
C MET A 105 3.01 -7.10 0.53
N TYR A 106 2.78 -7.71 1.68
CA TYR A 106 3.85 -8.41 2.41
C TYR A 106 4.52 -9.45 1.52
N ARG A 107 3.71 -10.39 1.02
CA ARG A 107 4.23 -11.45 0.16
C ARG A 107 4.83 -10.87 -1.12
N ALA A 108 4.17 -9.85 -1.66
CA ALA A 108 4.62 -9.21 -2.88
C ALA A 108 6.06 -8.73 -2.74
N THR A 109 6.39 -8.17 -1.58
CA THR A 109 7.72 -7.66 -1.32
C THR A 109 8.68 -8.79 -0.96
N GLY A 110 8.24 -9.67 -0.06
CA GLY A 110 9.06 -10.79 0.36
C GLY A 110 9.95 -10.44 1.54
N GLN A 111 9.46 -9.58 2.42
CA GLN A 111 10.22 -9.18 3.61
C GLN A 111 10.43 -10.35 4.55
N SER A 112 11.28 -10.14 5.55
CA SER A 112 11.58 -11.18 6.53
C SER A 112 10.81 -10.94 7.83
N HIS A 113 10.52 -9.67 8.10
CA HIS A 113 9.79 -9.30 9.31
C HIS A 113 8.28 -9.40 9.09
N LYS A 114 7.79 -10.62 8.96
CA LYS A 114 6.36 -10.85 8.75
C LYS A 114 5.53 -9.93 9.62
N PRO A 115 4.64 -9.15 8.97
CA PRO A 115 3.76 -8.21 9.67
C PRO A 115 2.69 -8.91 10.49
N VAL A 116 2.38 -8.36 11.65
CA VAL A 116 1.37 -8.93 12.53
C VAL A 116 0.16 -7.99 12.68
N PRO A 117 -1.04 -8.57 12.66
CA PRO A 117 -2.28 -7.81 12.80
C PRO A 117 -2.47 -7.24 14.20
N PRO A 118 -2.35 -5.91 14.31
CA PRO A 118 -2.51 -5.21 15.59
C PRO A 118 -3.95 -5.24 16.10
N THR A 119 -4.11 -5.01 17.40
CA THR A 119 -5.44 -5.01 18.01
C THR A 119 -5.84 -3.62 18.46
N GLN A 120 -6.72 -2.98 17.71
CA GLN A 120 -7.18 -1.63 18.03
C GLN A 120 -8.44 -1.68 18.89
N SER A 121 -8.26 -1.57 20.20
CA SER A 121 -9.38 -1.61 21.12
C SER A 121 -9.28 -0.49 22.16
N GLY A 122 -10.37 0.24 22.35
CA GLY A 122 -10.37 1.33 23.31
C GLY A 122 -9.72 2.58 22.76
N PRO A 123 -9.85 3.70 23.49
CA PRO A 123 -9.29 4.99 23.09
C PRO A 123 -7.76 5.00 23.16
N SER A 124 -7.11 5.02 22.01
CA SER A 124 -5.65 5.02 21.94
C SER A 124 -5.12 6.43 22.09
N SER A 125 -3.81 6.55 22.33
CA SER A 125 -3.16 7.84 22.51
C SER A 125 -3.73 8.57 23.73
N GLY A 126 -3.90 7.84 24.82
CA GLY A 126 -4.42 8.43 26.03
C GLY A 126 -4.02 7.66 27.28
N GLY A 1 7.43 -21.94 -11.57
CA GLY A 1 6.21 -22.70 -11.70
C GLY A 1 5.43 -22.35 -12.94
N SER A 2 4.15 -22.05 -12.78
CA SER A 2 3.29 -21.70 -13.90
C SER A 2 3.23 -20.19 -14.10
N SER A 3 3.44 -19.74 -15.34
CA SER A 3 3.42 -18.32 -15.65
C SER A 3 2.26 -17.62 -14.93
N GLY A 4 2.41 -16.31 -14.74
CA GLY A 4 1.37 -15.55 -14.06
C GLY A 4 0.20 -15.23 -14.97
N SER A 5 -0.95 -15.82 -14.67
CA SER A 5 -2.15 -15.61 -15.48
C SER A 5 -2.58 -14.14 -15.41
N SER A 6 -2.70 -13.62 -14.20
CA SER A 6 -3.12 -12.23 -14.00
C SER A 6 -2.44 -11.63 -12.78
N GLY A 7 -1.89 -10.43 -12.95
CA GLY A 7 -1.20 -9.76 -11.86
C GLY A 7 -2.17 -9.08 -10.91
N MET A 8 -3.09 -8.31 -11.46
CA MET A 8 -4.07 -7.60 -10.65
C MET A 8 -4.60 -8.48 -9.53
N LYS A 9 -4.33 -8.09 -8.29
CA LYS A 9 -4.78 -8.85 -7.13
C LYS A 9 -5.79 -8.05 -6.32
N HIS A 10 -5.41 -6.83 -5.94
CA HIS A 10 -6.29 -5.97 -5.16
C HIS A 10 -6.35 -4.57 -5.76
N SER A 11 -7.42 -3.85 -5.46
CA SER A 11 -7.60 -2.49 -5.97
C SER A 11 -8.56 -1.69 -5.10
N GLY A 12 -8.46 -0.37 -5.17
CA GLY A 12 -9.34 0.48 -4.38
C GLY A 12 -8.67 1.78 -3.98
N TYR A 13 -9.47 2.78 -3.64
CA TYR A 13 -8.96 4.08 -3.25
C TYR A 13 -8.17 3.98 -1.94
N LEU A 14 -7.01 4.62 -1.90
CA LEU A 14 -6.17 4.60 -0.71
C LEU A 14 -5.30 5.86 -0.64
N TRP A 15 -5.12 6.38 0.57
CA TRP A 15 -4.32 7.58 0.78
C TRP A 15 -2.84 7.22 0.94
N ALA A 16 -2.02 7.70 0.02
CA ALA A 16 -0.58 7.44 0.08
C ALA A 16 0.22 8.68 -0.30
N ILE A 17 1.41 8.80 0.27
CA ILE A 17 2.28 9.94 0.00
C ILE A 17 3.75 9.52 -0.02
N GLY A 18 4.42 9.82 -1.14
CA GLY A 18 5.82 9.46 -1.27
C GLY A 18 6.70 10.67 -1.53
N LYS A 19 8.00 10.45 -1.61
CA LYS A 19 8.96 11.53 -1.85
C LYS A 19 9.04 11.85 -3.34
N ASN A 20 9.12 10.81 -4.17
CA ASN A 20 9.21 10.99 -5.61
C ASN A 20 7.81 11.00 -6.25
N VAL A 21 6.94 10.12 -5.75
CA VAL A 21 5.58 10.04 -6.26
C VAL A 21 4.57 10.35 -5.17
N TRP A 22 3.38 10.79 -5.59
CA TRP A 22 2.32 11.12 -4.64
C TRP A 22 2.83 12.07 -3.55
N LYS A 23 3.69 13.00 -3.95
CA LYS A 23 4.25 13.97 -3.02
C LYS A 23 3.16 14.58 -2.15
N ARG A 24 1.94 14.63 -2.68
CA ARG A 24 0.81 15.18 -1.94
C ARG A 24 -0.06 14.08 -1.35
N TRP A 25 -0.70 14.37 -0.23
CA TRP A 25 -1.56 13.41 0.44
C TRP A 25 -2.98 13.47 -0.11
N LYS A 26 -3.28 12.60 -1.07
CA LYS A 26 -4.59 12.55 -1.68
C LYS A 26 -5.03 11.11 -1.93
N LYS A 27 -6.34 10.88 -1.94
CA LYS A 27 -6.89 9.55 -2.18
C LYS A 27 -7.10 9.30 -3.66
N ARG A 28 -6.40 8.31 -4.21
CA ARG A 28 -6.51 7.98 -5.62
C ARG A 28 -6.63 6.47 -5.81
N PHE A 29 -6.95 6.05 -7.03
CA PHE A 29 -7.09 4.64 -7.34
C PHE A 29 -5.74 3.92 -7.26
N PHE A 30 -5.69 2.84 -6.49
CA PHE A 30 -4.46 2.08 -6.32
C PHE A 30 -4.69 0.62 -6.68
N VAL A 31 -3.88 0.09 -7.59
CA VAL A 31 -3.98 -1.29 -8.02
C VAL A 31 -2.65 -2.02 -7.86
N LEU A 32 -2.71 -3.23 -7.32
CA LEU A 32 -1.51 -4.04 -7.12
C LEU A 32 -1.17 -4.83 -8.38
N VAL A 33 -0.11 -4.40 -9.07
CA VAL A 33 0.32 -5.07 -10.29
C VAL A 33 1.46 -6.04 -10.01
N GLN A 34 1.39 -7.22 -10.61
CA GLN A 34 2.41 -8.25 -10.42
C GLN A 34 3.45 -8.19 -11.54
N VAL A 35 4.56 -7.51 -11.27
CA VAL A 35 5.63 -7.38 -12.25
C VAL A 35 6.25 -8.73 -12.56
N SER A 36 6.79 -9.38 -11.54
CA SER A 36 7.42 -10.69 -11.71
C SER A 36 6.99 -11.65 -10.60
N GLN A 37 7.58 -12.83 -10.60
CA GLN A 37 7.25 -13.84 -9.59
C GLN A 37 7.24 -13.23 -8.19
N TYR A 38 8.37 -12.66 -7.78
CA TYR A 38 8.47 -12.05 -6.46
C TYR A 38 8.66 -10.54 -6.59
N THR A 39 7.92 -9.93 -7.50
CA THR A 39 7.99 -8.49 -7.73
C THR A 39 6.62 -7.90 -8.03
N PHE A 40 6.33 -6.76 -7.43
CA PHE A 40 5.05 -6.09 -7.63
C PHE A 40 5.22 -4.58 -7.68
N ALA A 41 4.17 -3.88 -8.11
CA ALA A 41 4.21 -2.42 -8.19
C ALA A 41 2.81 -1.83 -8.02
N MET A 42 2.75 -0.67 -7.36
CA MET A 42 1.48 0.00 -7.12
C MET A 42 1.18 1.00 -8.23
N CYS A 43 0.27 0.64 -9.13
CA CYS A 43 -0.10 1.51 -10.24
C CYS A 43 -1.33 2.34 -9.89
N SER A 44 -1.22 3.65 -10.09
CA SER A 44 -2.32 4.56 -9.78
C SER A 44 -2.91 5.15 -11.07
N TYR A 45 -3.88 4.44 -11.64
CA TYR A 45 -4.52 4.90 -12.87
C TYR A 45 -5.35 6.14 -12.62
N ARG A 46 -4.96 7.24 -13.26
CA ARG A 46 -5.68 8.50 -13.11
C ARG A 46 -7.18 8.27 -12.99
N GLU A 47 -7.79 7.76 -14.05
CA GLU A 47 -9.22 7.49 -14.06
C GLU A 47 -9.50 6.07 -14.54
N LYS A 48 -10.77 5.68 -14.50
CA LYS A 48 -11.18 4.35 -14.94
C LYS A 48 -10.35 3.88 -16.13
N LYS A 49 -10.08 4.81 -17.05
CA LYS A 49 -9.29 4.49 -18.24
C LYS A 49 -8.20 5.54 -18.46
N ALA A 50 -7.05 5.33 -17.81
CA ALA A 50 -5.93 6.26 -17.94
C ALA A 50 -4.65 5.64 -17.37
N GLU A 51 -3.58 5.71 -18.14
CA GLU A 51 -2.30 5.17 -17.71
C GLU A 51 -1.98 5.58 -16.27
N PRO A 52 -1.25 4.72 -15.55
CA PRO A 52 -0.86 4.98 -14.16
C PRO A 52 0.17 6.11 -14.05
N GLN A 53 -0.32 7.33 -13.88
CA GLN A 53 0.57 8.48 -13.76
C GLN A 53 1.69 8.21 -12.76
N GLU A 54 1.32 7.96 -11.52
CA GLU A 54 2.31 7.68 -10.47
C GLU A 54 2.41 6.17 -10.22
N LEU A 55 3.64 5.67 -10.20
CA LEU A 55 3.89 4.25 -9.96
C LEU A 55 4.96 4.05 -8.90
N LEU A 56 4.76 3.06 -8.04
CA LEU A 56 5.71 2.77 -6.98
C LEU A 56 5.94 1.25 -6.86
N GLN A 57 7.10 0.81 -7.32
CA GLN A 57 7.45 -0.61 -7.27
C GLN A 57 7.67 -1.06 -5.83
N LEU A 58 7.13 -2.22 -5.49
CA LEU A 58 7.27 -2.77 -4.14
C LEU A 58 8.39 -3.80 -4.08
N ASP A 59 9.41 -3.61 -4.93
CA ASP A 59 10.54 -4.53 -4.96
C ASP A 59 11.52 -4.24 -3.83
N GLY A 60 11.20 -4.73 -2.64
CA GLY A 60 12.05 -4.51 -1.49
C GLY A 60 11.32 -3.82 -0.35
N TYR A 61 10.41 -2.93 -0.70
CA TYR A 61 9.64 -2.19 0.30
C TYR A 61 9.14 -3.12 1.40
N THR A 62 9.20 -2.64 2.64
CA THR A 62 8.76 -3.43 3.78
C THR A 62 7.49 -2.83 4.40
N VAL A 63 6.34 -3.37 4.00
CA VAL A 63 5.06 -2.89 4.51
C VAL A 63 4.72 -3.56 5.84
N ASP A 64 4.20 -2.78 6.78
CA ASP A 64 3.83 -3.29 8.08
C ASP A 64 2.93 -2.31 8.83
N TYR A 65 2.32 -2.77 9.92
CA TYR A 65 1.43 -1.94 10.71
C TYR A 65 2.21 -0.84 11.43
N THR A 66 1.68 0.38 11.39
CA THR A 66 2.32 1.52 12.04
C THR A 66 1.28 2.48 12.60
N ASP A 67 1.68 3.23 13.62
CA ASP A 67 0.79 4.20 14.26
C ASP A 67 0.42 5.32 13.29
N PRO A 68 -0.67 6.04 13.60
CA PRO A 68 -1.14 7.14 12.77
C PRO A 68 -0.21 8.35 12.81
N GLN A 69 0.53 8.56 11.72
CA GLN A 69 1.46 9.67 11.64
C GLN A 69 0.76 10.99 11.96
N PRO A 70 1.45 11.87 12.72
CA PRO A 70 0.91 13.17 13.11
C PRO A 70 0.81 14.14 11.92
N GLY A 71 -0.32 14.05 11.21
CA GLY A 71 -0.52 14.92 10.06
C GLY A 71 -1.63 14.42 9.15
N LEU A 72 -1.51 13.17 8.71
CA LEU A 72 -2.51 12.57 7.82
C LEU A 72 -3.83 12.36 8.56
N GLU A 73 -4.94 12.57 7.86
CA GLU A 73 -6.26 12.39 8.45
C GLU A 73 -7.13 11.48 7.58
N GLY A 74 -7.26 11.84 6.30
CA GLY A 74 -8.06 11.04 5.39
C GLY A 74 -7.66 9.58 5.39
N GLY A 75 -8.35 8.78 6.21
CA GLY A 75 -8.05 7.36 6.28
C GLY A 75 -8.02 6.86 7.71
N ARG A 76 -8.65 5.70 7.94
CA ARG A 76 -8.69 5.11 9.28
C ARG A 76 -7.46 4.27 9.53
N ALA A 77 -7.19 3.32 8.64
CA ALA A 77 -6.03 2.45 8.77
C ALA A 77 -4.76 3.16 8.32
N PHE A 78 -3.66 2.85 9.01
CA PHE A 78 -2.36 3.46 8.70
C PHE A 78 -1.30 2.39 8.49
N PHE A 79 -0.71 2.37 7.29
CA PHE A 79 0.33 1.39 6.97
C PHE A 79 1.31 1.98 5.96
N ASN A 80 2.60 1.91 6.29
CA ASN A 80 3.65 2.43 5.42
C ASN A 80 4.69 1.35 5.13
N ALA A 81 5.56 1.63 4.15
CA ALA A 81 6.60 0.69 3.77
C ALA A 81 7.98 1.27 4.03
N VAL A 82 8.94 0.41 4.35
CA VAL A 82 10.31 0.84 4.61
C VAL A 82 11.25 0.42 3.48
N LYS A 83 12.01 1.38 2.97
CA LYS A 83 12.95 1.10 1.89
C LYS A 83 14.34 1.63 2.23
N GLU A 84 15.37 1.05 1.62
CA GLU A 84 16.74 1.47 1.86
C GLU A 84 16.81 2.97 2.13
N GLY A 85 16.33 3.77 1.18
CA GLY A 85 16.35 5.21 1.34
C GLY A 85 15.06 5.86 0.90
N ASP A 86 13.98 5.08 0.86
CA ASP A 86 12.68 5.59 0.45
C ASP A 86 11.62 5.26 1.50
N THR A 87 10.65 6.16 1.65
CA THR A 87 9.58 5.96 2.62
C THR A 87 8.23 6.38 2.04
N VAL A 88 7.25 5.50 2.16
CA VAL A 88 5.90 5.78 1.64
C VAL A 88 4.83 5.27 2.60
N ILE A 89 3.86 6.13 2.89
CA ILE A 89 2.77 5.77 3.79
C ILE A 89 1.50 5.46 3.03
N PHE A 90 0.62 4.67 3.63
CA PHE A 90 -0.65 4.30 3.01
C PHE A 90 -1.77 4.25 4.03
N ALA A 91 -3.00 4.44 3.56
CA ALA A 91 -4.17 4.41 4.44
C ALA A 91 -5.40 3.90 3.70
N SER A 92 -6.27 3.20 4.42
CA SER A 92 -7.49 2.66 3.84
C SER A 92 -8.72 3.24 4.50
N ASP A 93 -9.89 2.93 3.95
CA ASP A 93 -11.15 3.43 4.49
C ASP A 93 -11.47 2.76 5.83
N ASP A 94 -11.37 1.43 5.85
CA ASP A 94 -11.65 0.66 7.07
C ASP A 94 -10.43 -0.12 7.50
N GLU A 95 -10.28 -0.31 8.82
CA GLU A 95 -9.15 -1.04 9.37
C GLU A 95 -8.98 -2.38 8.66
N GLN A 96 -10.10 -3.08 8.48
CA GLN A 96 -10.08 -4.39 7.82
C GLN A 96 -9.30 -4.33 6.51
N ASP A 97 -9.72 -3.44 5.61
CA ASP A 97 -9.06 -3.27 4.33
C ASP A 97 -7.55 -3.38 4.47
N ARG A 98 -6.99 -2.57 5.37
CA ARG A 98 -5.55 -2.58 5.60
C ARG A 98 -5.01 -4.00 5.66
N ILE A 99 -5.44 -4.75 6.66
CA ILE A 99 -5.00 -6.13 6.84
C ILE A 99 -4.84 -6.83 5.48
N LEU A 100 -5.94 -6.95 4.75
CA LEU A 100 -5.92 -7.58 3.44
C LEU A 100 -4.74 -7.10 2.61
N TRP A 101 -4.52 -5.79 2.61
CA TRP A 101 -3.42 -5.20 1.85
C TRP A 101 -2.08 -5.64 2.43
N VAL A 102 -1.92 -5.51 3.74
CA VAL A 102 -0.68 -5.89 4.42
C VAL A 102 -0.33 -7.35 4.12
N GLN A 103 -1.34 -8.21 4.11
CA GLN A 103 -1.13 -9.62 3.85
C GLN A 103 -0.61 -9.84 2.43
N ALA A 104 -1.20 -9.14 1.47
CA ALA A 104 -0.79 -9.24 0.07
C ALA A 104 0.56 -8.57 -0.16
N MET A 105 0.61 -7.26 0.06
CA MET A 105 1.84 -6.50 -0.12
C MET A 105 3.01 -7.19 0.56
N TYR A 106 2.75 -7.79 1.72
CA TYR A 106 3.79 -8.48 2.47
C TYR A 106 4.52 -9.49 1.60
N ARG A 107 3.75 -10.29 0.87
CA ARG A 107 4.33 -11.30 -0.01
C ARG A 107 4.87 -10.66 -1.28
N ALA A 108 4.13 -9.70 -1.83
CA ALA A 108 4.53 -9.02 -3.04
C ALA A 108 5.94 -8.44 -2.91
N THR A 109 6.26 -7.94 -1.72
CA THR A 109 7.58 -7.37 -1.46
C THR A 109 8.63 -8.45 -1.29
N GLY A 110 8.34 -9.42 -0.42
CA GLY A 110 9.27 -10.50 -0.17
C GLY A 110 10.08 -10.30 1.08
N GLN A 111 9.49 -9.64 2.07
CA GLN A 111 10.17 -9.38 3.33
C GLN A 111 10.27 -10.64 4.17
N SER A 112 10.80 -10.51 5.38
CA SER A 112 10.97 -11.64 6.28
C SER A 112 10.38 -11.34 7.65
N HIS A 113 9.61 -10.26 7.73
CA HIS A 113 8.98 -9.86 8.99
C HIS A 113 7.49 -10.15 8.96
N LYS A 114 7.14 -11.43 8.81
CA LYS A 114 5.74 -11.84 8.78
C LYS A 114 4.90 -10.96 9.69
N PRO A 115 4.24 -9.95 9.10
CA PRO A 115 3.38 -9.03 9.85
C PRO A 115 2.10 -9.69 10.34
N VAL A 116 1.66 -9.30 11.52
CA VAL A 116 0.44 -9.85 12.11
C VAL A 116 -0.51 -8.75 12.55
N PRO A 117 -1.80 -8.89 12.18
CA PRO A 117 -2.83 -7.92 12.52
C PRO A 117 -3.16 -7.92 14.01
N PRO A 118 -2.78 -6.84 14.70
CA PRO A 118 -3.01 -6.69 16.14
C PRO A 118 -4.49 -6.50 16.46
N THR A 119 -4.80 -6.37 17.75
CA THR A 119 -6.17 -6.18 18.19
C THR A 119 -6.32 -4.88 18.98
N GLN A 120 -6.90 -3.88 18.34
CA GLN A 120 -7.09 -2.57 18.98
C GLN A 120 -8.31 -2.62 19.92
N SER A 121 -8.21 -1.87 21.01
CA SER A 121 -9.30 -1.83 21.99
C SER A 121 -9.57 -0.39 22.43
N GLY A 122 -10.64 0.19 21.90
CA GLY A 122 -10.99 1.55 22.24
C GLY A 122 -12.13 1.63 23.26
N PRO A 123 -12.08 2.64 24.13
CA PRO A 123 -13.09 2.83 25.16
C PRO A 123 -14.44 3.27 24.59
N SER A 124 -14.42 3.71 23.33
CA SER A 124 -15.63 4.16 22.66
C SER A 124 -16.76 3.15 22.84
N SER A 125 -17.96 3.65 23.10
CA SER A 125 -19.12 2.78 23.29
C SER A 125 -18.75 1.56 24.12
N GLY A 126 -17.97 1.78 25.17
CA GLY A 126 -17.56 0.69 26.04
C GLY A 126 -18.59 0.36 27.10
N GLY A 1 -2.73 -6.13 -25.76
CA GLY A 1 -2.75 -4.98 -24.86
C GLY A 1 -1.36 -4.50 -24.53
N SER A 2 -1.27 -3.50 -23.65
CA SER A 2 0.01 -2.94 -23.25
C SER A 2 0.36 -3.35 -21.82
N SER A 3 1.63 -3.66 -21.60
CA SER A 3 2.09 -4.08 -20.28
C SER A 3 1.05 -4.94 -19.58
N GLY A 4 0.46 -5.87 -20.32
CA GLY A 4 -0.55 -6.74 -19.75
C GLY A 4 0.04 -7.78 -18.82
N SER A 5 -0.49 -7.85 -17.60
CA SER A 5 -0.01 -8.80 -16.61
C SER A 5 -1.17 -9.36 -15.78
N SER A 6 -1.09 -10.64 -15.46
CA SER A 6 -2.13 -11.29 -14.67
C SER A 6 -1.89 -11.10 -13.18
N GLY A 7 -2.32 -9.96 -12.65
CA GLY A 7 -2.14 -9.67 -11.25
C GLY A 7 -3.35 -8.99 -10.63
N MET A 8 -3.40 -7.67 -10.74
CA MET A 8 -4.51 -6.90 -10.18
C MET A 8 -5.00 -7.50 -8.88
N LYS A 9 -4.08 -8.14 -8.16
CA LYS A 9 -4.42 -8.76 -6.87
C LYS A 9 -5.40 -7.90 -6.10
N HIS A 10 -4.98 -6.70 -5.74
CA HIS A 10 -5.83 -5.77 -5.00
C HIS A 10 -6.22 -4.58 -5.86
N SER A 11 -7.20 -3.82 -5.38
CA SER A 11 -7.68 -2.65 -6.11
C SER A 11 -8.72 -1.89 -5.29
N GLY A 12 -8.49 -0.58 -5.12
CA GLY A 12 -9.42 0.24 -4.36
C GLY A 12 -8.82 1.58 -3.99
N TYR A 13 -9.69 2.56 -3.72
CA TYR A 13 -9.24 3.89 -3.36
C TYR A 13 -8.43 3.86 -2.06
N LEU A 14 -7.29 4.53 -2.07
CA LEU A 14 -6.42 4.59 -0.89
C LEU A 14 -5.62 5.89 -0.86
N TRP A 15 -5.10 6.22 0.31
CA TRP A 15 -4.30 7.44 0.47
C TRP A 15 -2.83 7.11 0.67
N ALA A 16 -2.00 7.56 -0.27
CA ALA A 16 -0.57 7.31 -0.20
C ALA A 16 0.23 8.58 -0.51
N ILE A 17 1.45 8.64 0.00
CA ILE A 17 2.31 9.79 -0.23
C ILE A 17 3.78 9.40 -0.23
N GLY A 18 4.51 9.83 -1.26
CA GLY A 18 5.92 9.51 -1.36
C GLY A 18 6.77 10.73 -1.59
N LYS A 19 8.05 10.51 -1.87
CA LYS A 19 8.99 11.61 -2.11
C LYS A 19 8.96 12.01 -3.59
N ASN A 20 8.93 11.02 -4.47
CA ASN A 20 8.91 11.26 -5.90
C ASN A 20 7.48 11.20 -6.44
N VAL A 21 6.69 10.26 -5.93
CA VAL A 21 5.31 10.10 -6.36
C VAL A 21 4.34 10.44 -5.23
N TRP A 22 3.11 10.75 -5.58
CA TRP A 22 2.08 11.09 -4.60
C TRP A 22 2.63 12.08 -3.57
N LYS A 23 3.52 12.95 -4.01
CA LYS A 23 4.11 13.95 -3.13
C LYS A 23 3.07 14.51 -2.17
N ARG A 24 1.81 14.52 -2.60
CA ARG A 24 0.72 15.02 -1.76
C ARG A 24 -0.10 13.87 -1.19
N TRP A 25 -0.89 14.18 -0.16
CA TRP A 25 -1.73 13.17 0.48
C TRP A 25 -3.19 13.33 0.06
N LYS A 26 -3.63 12.47 -0.86
CA LYS A 26 -5.00 12.52 -1.34
C LYS A 26 -5.51 11.12 -1.68
N LYS A 27 -6.82 10.95 -1.68
CA LYS A 27 -7.43 9.66 -1.99
C LYS A 27 -7.39 9.39 -3.49
N ARG A 28 -6.62 8.38 -3.89
CA ARG A 28 -6.50 8.01 -5.29
C ARG A 28 -6.70 6.51 -5.48
N PHE A 29 -6.86 6.09 -6.74
CA PHE A 29 -7.06 4.68 -7.05
C PHE A 29 -5.72 3.95 -7.12
N PHE A 30 -5.52 3.00 -6.22
CA PHE A 30 -4.28 2.23 -6.17
C PHE A 30 -4.54 0.77 -6.55
N VAL A 31 -3.66 0.22 -7.39
CA VAL A 31 -3.79 -1.17 -7.82
C VAL A 31 -2.45 -1.89 -7.74
N LEU A 32 -2.46 -3.07 -7.12
CA LEU A 32 -1.24 -3.86 -6.97
C LEU A 32 -1.01 -4.72 -8.21
N VAL A 33 -0.06 -4.29 -9.05
CA VAL A 33 0.26 -5.01 -10.27
C VAL A 33 1.45 -5.94 -10.05
N GLN A 34 1.35 -7.16 -10.56
CA GLN A 34 2.42 -8.13 -10.43
C GLN A 34 3.41 -8.04 -11.59
N VAL A 35 4.55 -7.39 -11.35
CA VAL A 35 5.57 -7.23 -12.37
C VAL A 35 6.29 -8.54 -12.64
N SER A 36 6.97 -9.05 -11.61
CA SER A 36 7.70 -10.30 -11.74
C SER A 36 7.15 -11.36 -10.80
N GLN A 37 7.68 -12.58 -10.89
CA GLN A 37 7.23 -13.67 -10.05
C GLN A 37 7.21 -13.27 -8.59
N TYR A 38 8.23 -12.53 -8.16
CA TYR A 38 8.33 -12.08 -6.78
C TYR A 38 8.51 -10.56 -6.71
N THR A 39 7.90 -9.86 -7.67
CA THR A 39 8.00 -8.41 -7.72
C THR A 39 6.65 -7.79 -8.09
N PHE A 40 6.26 -6.75 -7.34
CA PHE A 40 5.00 -6.07 -7.59
C PHE A 40 5.19 -4.56 -7.56
N ALA A 41 4.16 -3.83 -7.98
CA ALA A 41 4.20 -2.37 -8.00
C ALA A 41 2.81 -1.78 -7.83
N MET A 42 2.74 -0.65 -7.13
CA MET A 42 1.46 0.02 -6.90
C MET A 42 1.20 1.07 -7.98
N CYS A 43 0.34 0.71 -8.94
CA CYS A 43 0.01 1.61 -10.03
C CYS A 43 -1.22 2.45 -9.69
N SER A 44 -1.18 3.73 -10.05
CA SER A 44 -2.29 4.64 -9.76
C SER A 44 -3.00 5.04 -11.05
N TYR A 45 -4.14 4.42 -11.31
CA TYR A 45 -4.91 4.71 -12.51
C TYR A 45 -5.95 5.79 -12.24
N ARG A 46 -6.04 6.76 -13.15
CA ARG A 46 -6.99 7.85 -13.01
C ARG A 46 -8.29 7.55 -13.76
N GLU A 47 -8.16 6.89 -14.91
CA GLU A 47 -9.32 6.55 -15.72
C GLU A 47 -9.33 5.06 -16.05
N LYS A 48 -10.36 4.62 -16.76
CA LYS A 48 -10.49 3.22 -17.14
C LYS A 48 -9.19 2.70 -17.74
N LYS A 49 -8.86 3.19 -18.93
CA LYS A 49 -7.65 2.77 -19.62
C LYS A 49 -6.68 3.94 -19.77
N ALA A 50 -5.97 4.26 -18.69
CA ALA A 50 -5.01 5.36 -18.71
C ALA A 50 -3.70 4.96 -18.03
N GLU A 51 -2.60 5.52 -18.53
CA GLU A 51 -1.29 5.21 -17.97
C GLU A 51 -1.26 5.48 -16.46
N PRO A 52 -0.49 4.66 -15.74
CA PRO A 52 -0.36 4.79 -14.28
C PRO A 52 0.42 6.04 -13.88
N GLN A 53 -0.30 7.11 -13.59
CA GLN A 53 0.32 8.36 -13.20
C GLN A 53 1.49 8.12 -12.25
N GLU A 54 1.24 7.32 -11.21
CA GLU A 54 2.28 7.00 -10.23
C GLU A 54 2.47 5.49 -10.12
N LEU A 55 3.73 5.07 -10.15
CA LEU A 55 4.05 3.64 -10.06
C LEU A 55 5.20 3.42 -9.08
N LEU A 56 4.91 2.76 -7.97
CA LEU A 56 5.92 2.48 -6.97
C LEU A 56 6.19 0.97 -6.86
N GLN A 57 7.44 0.59 -7.11
CA GLN A 57 7.83 -0.81 -7.06
C GLN A 57 8.09 -1.25 -5.62
N LEU A 58 7.42 -2.32 -5.20
CA LEU A 58 7.57 -2.84 -3.85
C LEU A 58 8.55 -4.01 -3.82
N ASP A 59 9.63 -3.88 -4.57
CA ASP A 59 10.65 -4.92 -4.64
C ASP A 59 11.16 -5.26 -3.24
N GLY A 60 11.99 -4.38 -2.69
CA GLY A 60 12.54 -4.60 -1.37
C GLY A 60 11.77 -3.87 -0.29
N TYR A 61 10.68 -3.23 -0.68
CA TYR A 61 9.84 -2.48 0.26
C TYR A 61 9.29 -3.41 1.34
N THR A 62 9.14 -2.87 2.55
CA THR A 62 8.62 -3.65 3.67
C THR A 62 7.42 -2.96 4.30
N VAL A 63 6.22 -3.40 3.89
CA VAL A 63 4.98 -2.83 4.42
C VAL A 63 4.60 -3.47 5.75
N ASP A 64 4.09 -2.66 6.66
CA ASP A 64 3.68 -3.15 7.97
C ASP A 64 2.88 -2.10 8.73
N TYR A 65 1.94 -2.56 9.55
CA TYR A 65 1.09 -1.65 10.32
C TYR A 65 1.95 -0.61 11.06
N THR A 66 1.47 0.63 11.07
CA THR A 66 2.18 1.72 11.72
C THR A 66 1.21 2.71 12.35
N ASP A 67 1.70 3.51 13.29
CA ASP A 67 0.87 4.50 13.96
C ASP A 67 0.51 5.64 13.01
N PRO A 68 -0.60 6.34 13.32
CA PRO A 68 -1.07 7.45 12.50
C PRO A 68 -0.16 8.67 12.58
N GLN A 69 0.71 8.82 11.59
CA GLN A 69 1.64 9.95 11.55
C GLN A 69 0.89 11.27 11.69
N PRO A 70 1.46 12.18 12.49
CA PRO A 70 0.88 13.51 12.72
C PRO A 70 0.93 14.40 11.48
N GLY A 71 -0.14 14.38 10.69
CA GLY A 71 -0.20 15.19 9.49
C GLY A 71 -1.21 14.69 8.50
N LEU A 72 -1.11 13.42 8.13
CA LEU A 72 -2.05 12.82 7.18
C LEU A 72 -3.48 12.86 7.71
N GLU A 73 -4.39 13.36 6.90
CA GLU A 73 -5.79 13.45 7.29
C GLU A 73 -6.70 12.84 6.23
N GLY A 74 -6.62 11.52 6.07
CA GLY A 74 -7.44 10.84 5.08
C GLY A 74 -7.39 9.33 5.23
N GLY A 75 -8.32 8.78 6.02
CA GLY A 75 -8.35 7.34 6.22
C GLY A 75 -8.19 6.97 7.69
N ARG A 76 -8.69 5.80 8.05
CA ARG A 76 -8.60 5.32 9.43
C ARG A 76 -7.36 4.46 9.62
N ALA A 77 -7.20 3.46 8.75
CA ALA A 77 -6.05 2.56 8.83
C ALA A 77 -4.77 3.26 8.36
N PHE A 78 -3.65 2.88 8.96
CA PHE A 78 -2.36 3.47 8.59
C PHE A 78 -1.31 2.38 8.37
N PHE A 79 -0.65 2.45 7.22
CA PHE A 79 0.37 1.47 6.88
C PHE A 79 1.39 2.07 5.90
N ASN A 80 2.67 1.97 6.27
CA ASN A 80 3.74 2.50 5.42
C ASN A 80 4.74 1.42 5.08
N ALA A 81 5.52 1.66 4.02
CA ALA A 81 6.53 0.69 3.58
C ALA A 81 7.94 1.21 3.85
N VAL A 82 8.89 0.30 3.98
CA VAL A 82 10.28 0.67 4.24
C VAL A 82 11.18 0.21 3.10
N LYS A 83 11.94 1.14 2.54
CA LYS A 83 12.87 0.84 1.45
C LYS A 83 14.28 1.29 1.77
N GLU A 84 15.26 0.69 1.13
CA GLU A 84 16.66 1.03 1.36
C GLU A 84 16.81 2.51 1.66
N GLY A 85 16.41 3.35 0.71
CA GLY A 85 16.51 4.79 0.90
C GLY A 85 15.23 5.51 0.53
N ASP A 86 14.12 4.78 0.50
CA ASP A 86 12.84 5.35 0.14
C ASP A 86 11.79 5.04 1.22
N THR A 87 10.87 5.97 1.43
CA THR A 87 9.82 5.80 2.42
C THR A 87 8.47 6.29 1.90
N VAL A 88 7.43 5.48 2.07
CA VAL A 88 6.10 5.83 1.62
C VAL A 88 5.04 5.39 2.62
N ILE A 89 4.04 6.24 2.84
CA ILE A 89 2.97 5.94 3.78
C ILE A 89 1.65 5.71 3.05
N PHE A 90 0.82 4.81 3.60
CA PHE A 90 -0.47 4.50 3.00
C PHE A 90 -1.56 4.47 4.06
N ALA A 91 -2.81 4.53 3.61
CA ALA A 91 -3.96 4.51 4.52
C ALA A 91 -5.15 3.82 3.87
N SER A 92 -6.16 3.50 4.68
CA SER A 92 -7.36 2.85 4.19
C SER A 92 -8.61 3.40 4.87
N ASP A 93 -9.76 3.14 4.28
CA ASP A 93 -11.03 3.62 4.83
C ASP A 93 -11.51 2.71 5.94
N ASP A 94 -11.33 1.41 5.77
CA ASP A 94 -11.74 0.43 6.77
C ASP A 94 -10.54 -0.33 7.32
N GLU A 95 -10.52 -0.50 8.64
CA GLU A 95 -9.43 -1.21 9.29
C GLU A 95 -9.25 -2.61 8.70
N GLN A 96 -10.36 -3.21 8.27
CA GLN A 96 -10.33 -4.54 7.69
C GLN A 96 -9.53 -4.55 6.39
N ASP A 97 -9.71 -3.52 5.58
CA ASP A 97 -9.01 -3.40 4.31
C ASP A 97 -7.49 -3.42 4.53
N ARG A 98 -7.02 -2.61 5.46
CA ARG A 98 -5.59 -2.52 5.76
C ARG A 98 -4.98 -3.92 5.84
N ILE A 99 -5.50 -4.74 6.74
CA ILE A 99 -5.00 -6.10 6.91
C ILE A 99 -4.83 -6.80 5.57
N LEU A 100 -5.93 -6.91 4.81
CA LEU A 100 -5.89 -7.55 3.51
C LEU A 100 -4.70 -7.07 2.69
N TRP A 101 -4.52 -5.75 2.64
CA TRP A 101 -3.42 -5.15 1.89
C TRP A 101 -2.08 -5.57 2.49
N VAL A 102 -1.96 -5.48 3.80
CA VAL A 102 -0.72 -5.87 4.48
C VAL A 102 -0.34 -7.31 4.18
N GLN A 103 -1.35 -8.16 4.03
CA GLN A 103 -1.13 -9.57 3.75
C GLN A 103 -0.61 -9.75 2.32
N ALA A 104 -1.21 -9.04 1.39
CA ALA A 104 -0.81 -9.11 -0.02
C ALA A 104 0.53 -8.42 -0.24
N MET A 105 0.58 -7.12 0.04
CA MET A 105 1.79 -6.34 -0.14
C MET A 105 2.98 -7.03 0.53
N TYR A 106 2.73 -7.70 1.64
CA TYR A 106 3.77 -8.40 2.37
C TYR A 106 4.45 -9.44 1.49
N ARG A 107 3.65 -10.35 0.95
CA ARG A 107 4.18 -11.41 0.09
C ARG A 107 4.72 -10.82 -1.21
N ALA A 108 4.10 -9.74 -1.67
CA ALA A 108 4.52 -9.09 -2.91
C ALA A 108 5.99 -8.67 -2.83
N THR A 109 6.38 -8.10 -1.70
CA THR A 109 7.76 -7.65 -1.51
C THR A 109 8.66 -8.82 -1.13
N GLY A 110 8.19 -9.66 -0.21
CA GLY A 110 8.96 -10.80 0.22
C GLY A 110 9.94 -10.46 1.34
N GLN A 111 9.56 -9.48 2.16
CA GLN A 111 10.42 -9.05 3.26
C GLN A 111 10.87 -10.25 4.10
N SER A 112 11.63 -9.98 5.15
CA SER A 112 12.13 -11.02 6.03
C SER A 112 11.20 -11.21 7.23
N HIS A 113 10.70 -10.10 7.75
CA HIS A 113 9.81 -10.14 8.91
C HIS A 113 8.37 -10.41 8.47
N LYS A 114 7.46 -10.42 9.43
CA LYS A 114 6.04 -10.66 9.15
C LYS A 114 5.16 -9.68 9.91
N PRO A 115 4.32 -8.93 9.17
CA PRO A 115 3.41 -7.95 9.75
C PRO A 115 2.28 -8.60 10.53
N VAL A 116 1.98 -8.05 11.70
CA VAL A 116 0.92 -8.58 12.55
C VAL A 116 -0.17 -7.53 12.78
N PRO A 117 -1.44 -7.97 12.73
CA PRO A 117 -2.59 -7.09 12.92
C PRO A 117 -2.72 -6.62 14.36
N PRO A 118 -2.95 -5.31 14.54
CA PRO A 118 -3.10 -4.70 15.87
C PRO A 118 -4.39 -5.13 16.56
N THR A 119 -4.54 -4.74 17.83
CA THR A 119 -5.73 -5.09 18.60
C THR A 119 -6.05 -4.00 19.62
N GLN A 120 -7.15 -3.29 19.39
CA GLN A 120 -7.57 -2.22 20.28
C GLN A 120 -8.03 -2.78 21.62
N SER A 121 -7.42 -2.30 22.70
CA SER A 121 -7.76 -2.76 24.04
C SER A 121 -8.90 -1.93 24.62
N GLY A 122 -10.13 -2.28 24.25
CA GLY A 122 -11.28 -1.56 24.75
C GLY A 122 -12.25 -2.46 25.51
N PRO A 123 -11.96 -2.67 26.81
CA PRO A 123 -12.79 -3.52 27.67
C PRO A 123 -14.15 -2.87 27.97
N SER A 124 -14.40 -1.71 27.38
CA SER A 124 -15.66 -1.00 27.59
C SER A 124 -16.85 -1.92 27.32
N SER A 125 -17.81 -1.89 28.22
CA SER A 125 -19.01 -2.72 28.09
C SER A 125 -19.54 -2.66 26.66
N GLY A 126 -19.96 -3.81 26.15
CA GLY A 126 -20.50 -3.87 24.80
C GLY A 126 -19.41 -3.98 23.74
N GLY A 1 2.83 -15.40 -31.21
CA GLY A 1 1.64 -15.76 -30.45
C GLY A 1 1.21 -14.69 -29.48
N SER A 2 1.22 -15.02 -28.19
CA SER A 2 0.83 -14.07 -27.15
C SER A 2 1.57 -14.36 -25.85
N SER A 3 2.12 -13.30 -25.24
CA SER A 3 2.86 -13.43 -24.00
C SER A 3 2.54 -12.27 -23.06
N GLY A 4 2.36 -12.59 -21.78
CA GLY A 4 2.05 -11.58 -20.80
C GLY A 4 0.57 -11.54 -20.43
N SER A 5 0.27 -10.92 -19.29
CA SER A 5 -1.11 -10.83 -18.83
C SER A 5 -1.21 -9.94 -17.61
N SER A 6 -2.24 -9.10 -17.57
CA SER A 6 -2.45 -8.18 -16.45
C SER A 6 -2.49 -8.95 -15.12
N GLY A 7 -1.39 -8.88 -14.39
CA GLY A 7 -1.32 -9.57 -13.11
C GLY A 7 -1.73 -8.69 -11.94
N MET A 8 -3.03 -8.51 -11.76
CA MET A 8 -3.56 -7.69 -10.68
C MET A 8 -4.05 -8.55 -9.52
N LYS A 9 -3.84 -8.06 -8.30
CA LYS A 9 -4.25 -8.79 -7.11
C LYS A 9 -5.44 -8.09 -6.44
N HIS A 10 -5.19 -6.89 -5.94
CA HIS A 10 -6.24 -6.12 -5.26
C HIS A 10 -6.37 -4.74 -5.89
N SER A 11 -7.43 -4.02 -5.51
CA SER A 11 -7.69 -2.69 -6.04
C SER A 11 -8.65 -1.92 -5.14
N GLY A 12 -8.57 -0.59 -5.18
CA GLY A 12 -9.44 0.23 -4.37
C GLY A 12 -8.81 1.56 -4.01
N TYR A 13 -9.65 2.54 -3.70
CA TYR A 13 -9.16 3.87 -3.33
C TYR A 13 -8.38 3.82 -2.02
N LEU A 14 -7.26 4.54 -1.99
CA LEU A 14 -6.41 4.57 -0.79
C LEU A 14 -5.63 5.88 -0.72
N TRP A 15 -5.16 6.22 0.46
CA TRP A 15 -4.39 7.44 0.66
C TRP A 15 -2.92 7.12 0.92
N ALA A 16 -2.05 7.59 0.02
CA ALA A 16 -0.62 7.35 0.15
C ALA A 16 0.18 8.60 -0.26
N ILE A 17 1.40 8.70 0.25
CA ILE A 17 2.26 9.83 -0.05
C ILE A 17 3.73 9.43 -0.05
N GLY A 18 4.43 9.75 -1.12
CA GLY A 18 5.85 9.42 -1.22
C GLY A 18 6.73 10.63 -1.40
N LYS A 19 7.97 10.41 -1.81
CA LYS A 19 8.91 11.50 -2.04
C LYS A 19 8.95 11.90 -3.50
N ASN A 20 9.01 10.90 -4.38
CA ASN A 20 9.06 11.15 -5.82
C ASN A 20 7.65 11.12 -6.42
N VAL A 21 6.80 10.23 -5.89
CA VAL A 21 5.44 10.11 -6.38
C VAL A 21 4.44 10.39 -5.26
N TRP A 22 3.19 10.64 -5.66
CA TRP A 22 2.13 10.93 -4.70
C TRP A 22 2.62 11.90 -3.62
N LYS A 23 3.52 12.79 -4.02
CA LYS A 23 4.07 13.78 -3.09
C LYS A 23 2.97 14.37 -2.21
N ARG A 24 1.73 14.32 -2.71
CA ARG A 24 0.59 14.85 -1.96
C ARG A 24 -0.24 13.72 -1.37
N TRP A 25 -0.78 13.95 -0.17
CA TRP A 25 -1.59 12.95 0.50
C TRP A 25 -3.04 13.01 0.02
N LYS A 26 -3.32 12.33 -1.09
CA LYS A 26 -4.66 12.30 -1.65
C LYS A 26 -5.12 10.87 -1.90
N LYS A 27 -6.43 10.67 -1.97
CA LYS A 27 -6.99 9.35 -2.20
C LYS A 27 -7.13 9.07 -3.70
N ARG A 28 -6.43 8.05 -4.17
CA ARG A 28 -6.46 7.69 -5.58
C ARG A 28 -6.62 6.17 -5.75
N PHE A 29 -7.06 5.76 -6.93
CA PHE A 29 -7.25 4.34 -7.21
C PHE A 29 -5.92 3.60 -7.19
N PHE A 30 -5.68 2.85 -6.11
CA PHE A 30 -4.45 2.08 -5.96
C PHE A 30 -4.67 0.62 -6.32
N VAL A 31 -3.74 0.06 -7.10
CA VAL A 31 -3.83 -1.33 -7.52
C VAL A 31 -2.47 -2.02 -7.43
N LEU A 32 -2.48 -3.29 -7.04
CA LEU A 32 -1.25 -4.06 -6.93
C LEU A 32 -1.02 -4.92 -8.17
N VAL A 33 0.04 -4.61 -8.90
CA VAL A 33 0.38 -5.36 -10.12
C VAL A 33 1.66 -6.16 -9.94
N GLN A 34 1.69 -7.37 -10.48
CA GLN A 34 2.87 -8.22 -10.39
C GLN A 34 3.74 -8.09 -11.64
N VAL A 35 4.88 -7.43 -11.49
CA VAL A 35 5.81 -7.23 -12.59
C VAL A 35 6.61 -8.49 -12.86
N SER A 36 7.32 -8.97 -11.85
CA SER A 36 8.13 -10.18 -11.98
C SER A 36 7.67 -11.26 -11.00
N GLN A 37 8.14 -12.48 -11.21
CA GLN A 37 7.78 -13.59 -10.34
C GLN A 37 7.77 -13.17 -8.88
N TYR A 38 8.81 -12.46 -8.47
CA TYR A 38 8.93 -11.99 -7.10
C TYR A 38 9.07 -10.47 -7.04
N THR A 39 8.32 -9.79 -7.91
CA THR A 39 8.36 -8.32 -7.96
C THR A 39 6.98 -7.75 -8.24
N PHE A 40 6.60 -6.75 -7.45
CA PHE A 40 5.30 -6.10 -7.62
C PHE A 40 5.43 -4.59 -7.64
N ALA A 41 4.37 -3.91 -8.06
CA ALA A 41 4.38 -2.45 -8.14
C ALA A 41 2.97 -1.89 -7.93
N MET A 42 2.90 -0.69 -7.36
CA MET A 42 1.62 -0.05 -7.11
C MET A 42 1.27 0.91 -8.24
N CYS A 43 0.34 0.50 -9.10
CA CYS A 43 -0.09 1.32 -10.22
C CYS A 43 -1.32 2.15 -9.86
N SER A 44 -1.20 3.46 -10.00
CA SER A 44 -2.30 4.36 -9.68
C SER A 44 -2.92 4.94 -10.95
N TYR A 45 -4.16 4.53 -11.22
CA TYR A 45 -4.87 4.99 -12.41
C TYR A 45 -5.97 5.99 -12.04
N ARG A 46 -6.38 6.78 -13.01
CA ARG A 46 -7.42 7.78 -12.79
C ARG A 46 -8.63 7.52 -13.68
N GLU A 47 -8.36 7.21 -14.95
CA GLU A 47 -9.43 6.94 -15.91
C GLU A 47 -9.53 5.45 -16.20
N LYS A 48 -10.61 5.05 -16.87
CA LYS A 48 -10.83 3.66 -17.21
C LYS A 48 -9.73 3.15 -18.14
N LYS A 49 -9.49 3.89 -19.23
CA LYS A 49 -8.47 3.52 -20.19
C LYS A 49 -7.37 4.57 -20.24
N ALA A 50 -6.33 4.38 -19.44
CA ALA A 50 -5.21 5.32 -19.40
C ALA A 50 -4.04 4.74 -18.61
N GLU A 51 -2.82 5.09 -19.00
CA GLU A 51 -1.62 4.61 -18.33
C GLU A 51 -1.50 5.21 -16.94
N PRO A 52 -0.88 4.46 -16.02
CA PRO A 52 -0.68 4.92 -14.64
C PRO A 52 0.33 6.05 -14.54
N GLN A 53 -0.13 7.21 -14.09
CA GLN A 53 0.75 8.37 -13.95
C GLN A 53 1.87 8.09 -12.95
N GLU A 54 1.50 7.57 -11.79
CA GLU A 54 2.47 7.25 -10.75
C GLU A 54 2.62 5.74 -10.58
N LEU A 55 3.82 5.31 -10.19
CA LEU A 55 4.10 3.89 -9.99
C LEU A 55 5.21 3.69 -8.97
N LEU A 56 5.01 2.74 -8.07
CA LEU A 56 6.00 2.45 -7.03
C LEU A 56 6.31 0.95 -6.99
N GLN A 57 7.51 0.59 -7.40
CA GLN A 57 7.93 -0.81 -7.40
C GLN A 57 8.21 -1.29 -5.98
N LEU A 58 7.44 -2.28 -5.55
CA LEU A 58 7.60 -2.83 -4.21
C LEU A 58 8.55 -4.03 -4.22
N ASP A 59 9.59 -3.95 -5.04
CA ASP A 59 10.57 -5.03 -5.15
C ASP A 59 11.32 -5.20 -3.84
N GLY A 60 11.46 -4.11 -3.09
CA GLY A 60 12.17 -4.16 -1.82
C GLY A 60 11.37 -3.55 -0.69
N TYR A 61 10.45 -2.67 -1.03
CA TYR A 61 9.62 -2.01 -0.03
C TYR A 61 9.10 -3.01 1.01
N THR A 62 9.05 -2.57 2.26
CA THR A 62 8.57 -3.44 3.34
C THR A 62 7.36 -2.81 4.04
N VAL A 63 6.17 -3.24 3.64
CA VAL A 63 4.94 -2.73 4.22
C VAL A 63 4.61 -3.46 5.52
N ASP A 64 3.96 -2.75 6.45
CA ASP A 64 3.58 -3.34 7.73
C ASP A 64 2.71 -2.37 8.53
N TYR A 65 2.24 -2.82 9.69
CA TYR A 65 1.40 -2.00 10.54
C TYR A 65 2.24 -1.01 11.35
N THR A 66 1.76 0.23 11.41
CA THR A 66 2.47 1.28 12.16
C THR A 66 1.49 2.30 12.73
N ASP A 67 1.89 2.95 13.81
CA ASP A 67 1.04 3.95 14.46
C ASP A 67 0.64 5.04 13.47
N PRO A 68 -0.46 5.72 13.77
CA PRO A 68 -0.99 6.79 12.92
C PRO A 68 -0.10 8.04 12.95
N GLN A 69 0.56 8.31 11.82
CA GLN A 69 1.45 9.47 11.72
C GLN A 69 0.66 10.76 11.93
N PRO A 70 1.08 11.56 12.93
CA PRO A 70 0.44 12.84 13.25
C PRO A 70 0.68 13.89 12.17
N GLY A 71 -0.19 13.93 11.18
CA GLY A 71 -0.05 14.89 10.11
C GLY A 71 -0.97 14.60 8.94
N LEU A 72 -0.98 13.35 8.49
CA LEU A 72 -1.82 12.95 7.37
C LEU A 72 -3.30 13.05 7.74
N GLU A 73 -4.11 13.49 6.78
CA GLU A 73 -5.55 13.64 7.01
C GLU A 73 -6.33 12.90 5.94
N GLY A 74 -6.76 11.68 6.26
CA GLY A 74 -7.52 10.89 5.31
C GLY A 74 -7.38 9.40 5.55
N GLY A 75 -8.39 8.80 6.17
CA GLY A 75 -8.35 7.37 6.45
C GLY A 75 -8.06 7.08 7.91
N ARG A 76 -8.44 5.88 8.35
CA ARG A 76 -8.23 5.48 9.73
C ARG A 76 -6.96 4.65 9.87
N ALA A 77 -6.94 3.49 9.22
CA ALA A 77 -5.78 2.61 9.27
C ALA A 77 -4.54 3.30 8.71
N PHE A 78 -3.38 2.96 9.26
CA PHE A 78 -2.12 3.55 8.82
C PHE A 78 -1.07 2.47 8.58
N PHE A 79 -0.62 2.37 7.33
CA PHE A 79 0.39 1.38 6.97
C PHE A 79 1.39 1.96 5.96
N ASN A 80 2.67 1.95 6.34
CA ASN A 80 3.72 2.48 5.48
C ASN A 80 4.71 1.39 5.11
N ALA A 81 5.53 1.66 4.09
CA ALA A 81 6.53 0.69 3.64
C ALA A 81 7.94 1.24 3.85
N VAL A 82 8.89 0.34 4.08
CA VAL A 82 10.29 0.73 4.30
C VAL A 82 11.15 0.31 3.12
N LYS A 83 11.92 1.27 2.59
CA LYS A 83 12.80 1.01 1.46
C LYS A 83 14.24 1.39 1.80
N GLU A 84 15.19 0.77 1.10
CA GLU A 84 16.60 1.05 1.32
C GLU A 84 16.82 2.52 1.68
N GLY A 85 16.30 3.41 0.84
CA GLY A 85 16.44 4.83 1.07
C GLY A 85 15.18 5.61 0.76
N ASP A 86 14.06 4.90 0.67
CA ASP A 86 12.78 5.53 0.36
C ASP A 86 11.74 5.16 1.41
N THR A 87 10.80 6.08 1.65
CA THR A 87 9.74 5.86 2.63
C THR A 87 8.40 6.35 2.12
N VAL A 88 7.36 5.53 2.29
CA VAL A 88 6.02 5.89 1.85
C VAL A 88 4.97 5.37 2.80
N ILE A 89 3.95 6.18 3.05
CA ILE A 89 2.87 5.81 3.96
C ILE A 89 1.57 5.59 3.20
N PHE A 90 0.70 4.75 3.76
CA PHE A 90 -0.59 4.45 3.14
C PHE A 90 -1.70 4.40 4.18
N ALA A 91 -2.93 4.56 3.72
CA ALA A 91 -4.09 4.53 4.61
C ALA A 91 -5.32 3.95 3.91
N SER A 92 -6.20 3.34 4.70
CA SER A 92 -7.40 2.73 4.14
C SER A 92 -8.65 3.35 4.76
N ASP A 93 -9.82 2.95 4.26
CA ASP A 93 -11.08 3.46 4.77
C ASP A 93 -11.44 2.82 6.10
N ASP A 94 -10.90 1.63 6.35
CA ASP A 94 -11.17 0.90 7.58
C ASP A 94 -9.99 -0.01 7.94
N GLU A 95 -9.95 -0.44 9.19
CA GLU A 95 -8.87 -1.31 9.67
C GLU A 95 -8.92 -2.67 8.96
N GLN A 96 -10.09 -3.31 8.99
CA GLN A 96 -10.27 -4.60 8.36
C GLN A 96 -9.87 -4.55 6.88
N ASP A 97 -9.72 -3.34 6.36
CA ASP A 97 -9.34 -3.15 4.97
C ASP A 97 -7.82 -3.15 4.81
N ARG A 98 -7.15 -2.36 5.65
CA ARG A 98 -5.69 -2.26 5.61
C ARG A 98 -5.05 -3.64 5.73
N ILE A 99 -5.77 -4.56 6.36
CA ILE A 99 -5.28 -5.92 6.54
C ILE A 99 -5.13 -6.64 5.21
N LEU A 100 -6.19 -6.63 4.41
CA LEU A 100 -6.18 -7.27 3.11
C LEU A 100 -5.02 -6.78 2.27
N TRP A 101 -4.79 -5.47 2.28
CA TRP A 101 -3.70 -4.87 1.52
C TRP A 101 -2.35 -5.19 2.16
N VAL A 102 -2.32 -5.22 3.49
CA VAL A 102 -1.10 -5.52 4.22
C VAL A 102 -0.67 -6.97 4.03
N GLN A 103 -1.66 -7.86 3.88
CA GLN A 103 -1.38 -9.27 3.68
C GLN A 103 -0.87 -9.54 2.28
N ALA A 104 -1.46 -8.87 1.30
CA ALA A 104 -1.07 -9.04 -0.09
C ALA A 104 0.22 -8.28 -0.39
N MET A 105 0.27 -7.01 0.01
CA MET A 105 1.45 -6.18 -0.22
C MET A 105 2.68 -6.79 0.46
N TYR A 106 2.44 -7.51 1.56
CA TYR A 106 3.53 -8.14 2.30
C TYR A 106 4.24 -9.19 1.44
N ARG A 107 3.47 -10.16 0.95
CA ARG A 107 4.02 -11.22 0.12
C ARG A 107 4.58 -10.66 -1.18
N ALA A 108 3.91 -9.63 -1.71
CA ALA A 108 4.33 -9.01 -2.95
C ALA A 108 5.81 -8.62 -2.90
N THR A 109 6.20 -7.96 -1.82
CA THR A 109 7.58 -7.53 -1.64
C THR A 109 8.48 -8.70 -1.26
N GLY A 110 8.04 -9.50 -0.29
CA GLY A 110 8.81 -10.65 0.14
C GLY A 110 9.75 -10.30 1.29
N GLN A 111 9.34 -9.38 2.14
CA GLN A 111 10.16 -8.97 3.28
C GLN A 111 10.45 -10.15 4.19
N SER A 112 11.40 -9.97 5.09
CA SER A 112 11.78 -11.02 6.04
C SER A 112 10.86 -11.02 7.25
N HIS A 113 10.55 -9.83 7.75
CA HIS A 113 9.67 -9.69 8.90
C HIS A 113 8.21 -9.56 8.47
N LYS A 114 7.41 -10.56 8.81
CA LYS A 114 6.00 -10.56 8.45
C LYS A 114 5.22 -9.60 9.34
N PRO A 115 4.34 -8.79 8.72
CA PRO A 115 3.51 -7.82 9.45
C PRO A 115 2.45 -8.48 10.31
N VAL A 116 2.11 -7.84 11.42
CA VAL A 116 1.10 -8.37 12.34
C VAL A 116 0.13 -7.29 12.76
N PRO A 117 -1.17 -7.65 12.83
CA PRO A 117 -2.23 -6.71 13.22
C PRO A 117 -2.16 -6.36 14.70
N PRO A 118 -2.20 -5.04 15.00
CA PRO A 118 -2.14 -4.55 16.37
C PRO A 118 -3.42 -4.86 17.16
N THR A 119 -3.36 -4.64 18.46
CA THR A 119 -4.52 -4.90 19.32
C THR A 119 -5.21 -6.20 18.94
N GLN A 120 -4.43 -7.27 18.77
CA GLN A 120 -4.97 -8.57 18.40
C GLN A 120 -5.69 -9.22 19.58
N SER A 121 -7.02 -9.14 19.58
CA SER A 121 -7.81 -9.71 20.65
C SER A 121 -7.69 -11.23 20.66
N GLY A 122 -7.52 -11.80 21.86
CA GLY A 122 -7.40 -13.24 21.99
C GLY A 122 -7.30 -13.68 23.43
N PRO A 123 -6.16 -13.39 24.07
CA PRO A 123 -5.92 -13.76 25.48
C PRO A 123 -6.79 -12.95 26.44
N SER A 124 -7.47 -11.94 25.92
CA SER A 124 -8.33 -11.09 26.73
C SER A 124 -9.25 -11.93 27.60
N SER A 125 -8.88 -12.08 28.88
CA SER A 125 -9.67 -12.87 29.82
C SER A 125 -11.00 -12.19 30.10
N GLY A 126 -10.95 -10.93 30.52
CA GLY A 126 -12.16 -10.20 30.83
C GLY A 126 -12.77 -9.55 29.60
N GLY A 1 8.10 -15.66 -22.80
CA GLY A 1 7.76 -16.07 -21.45
C GLY A 1 6.44 -15.49 -20.98
N SER A 2 5.58 -16.36 -20.45
CA SER A 2 4.27 -15.93 -19.97
C SER A 2 4.27 -15.76 -18.46
N SER A 3 3.17 -15.26 -17.92
CA SER A 3 3.05 -15.04 -16.48
C SER A 3 2.07 -16.02 -15.87
N GLY A 4 0.90 -16.14 -16.48
CA GLY A 4 -0.12 -17.06 -15.97
C GLY A 4 -1.51 -16.73 -16.48
N SER A 5 -2.47 -16.67 -15.57
CA SER A 5 -3.85 -16.37 -15.94
C SER A 5 -4.33 -15.10 -15.23
N SER A 6 -4.21 -15.08 -13.91
CA SER A 6 -4.63 -13.92 -13.12
C SER A 6 -3.42 -13.10 -12.68
N GLY A 7 -3.52 -11.78 -12.83
CA GLY A 7 -2.44 -10.90 -12.44
C GLY A 7 -2.79 -10.05 -11.24
N MET A 8 -3.72 -9.12 -11.43
CA MET A 8 -4.14 -8.23 -10.36
C MET A 8 -4.39 -9.01 -9.08
N LYS A 9 -4.33 -8.32 -7.94
CA LYS A 9 -4.54 -8.95 -6.65
C LYS A 9 -5.59 -8.19 -5.84
N HIS A 10 -5.40 -6.87 -5.73
CA HIS A 10 -6.33 -6.02 -4.99
C HIS A 10 -6.54 -4.70 -5.69
N SER A 11 -7.63 -4.02 -5.37
CA SER A 11 -7.96 -2.73 -5.98
C SER A 11 -8.87 -1.92 -5.07
N GLY A 12 -8.63 -0.61 -5.03
CA GLY A 12 -9.44 0.27 -4.20
C GLY A 12 -8.77 1.60 -3.93
N TYR A 13 -9.58 2.63 -3.70
CA TYR A 13 -9.05 3.96 -3.42
C TYR A 13 -8.34 4.01 -2.07
N LEU A 14 -7.14 4.58 -2.06
CA LEU A 14 -6.36 4.68 -0.83
C LEU A 14 -5.56 5.98 -0.81
N TRP A 15 -5.02 6.32 0.36
CA TRP A 15 -4.22 7.53 0.51
C TRP A 15 -2.75 7.19 0.73
N ALA A 16 -1.92 7.61 -0.22
CA ALA A 16 -0.49 7.35 -0.13
C ALA A 16 0.32 8.60 -0.46
N ILE A 17 1.51 8.71 0.12
CA ILE A 17 2.38 9.86 -0.12
C ILE A 17 3.84 9.45 -0.12
N GLY A 18 4.52 9.66 -1.24
CA GLY A 18 5.92 9.31 -1.35
C GLY A 18 6.81 10.53 -1.55
N LYS A 19 8.02 10.29 -2.06
CA LYS A 19 8.97 11.37 -2.29
C LYS A 19 9.00 11.75 -3.78
N ASN A 20 9.03 10.74 -4.64
CA ASN A 20 9.06 10.96 -6.08
C ASN A 20 7.65 10.87 -6.67
N VAL A 21 6.79 10.11 -6.01
CA VAL A 21 5.42 9.94 -6.46
C VAL A 21 4.42 10.26 -5.35
N TRP A 22 3.17 10.48 -5.74
CA TRP A 22 2.12 10.80 -4.77
C TRP A 22 2.62 11.81 -3.75
N LYS A 23 3.59 12.63 -4.14
CA LYS A 23 4.14 13.64 -3.26
C LYS A 23 3.04 14.32 -2.44
N ARG A 24 1.83 14.35 -2.99
CA ARG A 24 0.70 14.96 -2.32
C ARG A 24 -0.20 13.90 -1.70
N TRP A 25 -0.63 14.14 -0.46
CA TRP A 25 -1.49 13.21 0.25
C TRP A 25 -2.94 13.34 -0.21
N LYS A 26 -3.37 12.43 -1.08
CA LYS A 26 -4.73 12.45 -1.60
C LYS A 26 -5.25 11.04 -1.84
N LYS A 27 -6.56 10.87 -1.78
CA LYS A 27 -7.17 9.56 -1.99
C LYS A 27 -7.25 9.24 -3.47
N ARG A 28 -6.40 8.32 -3.92
CA ARG A 28 -6.37 7.92 -5.31
C ARG A 28 -6.56 6.40 -5.46
N PHE A 29 -6.91 5.96 -6.66
CA PHE A 29 -7.13 4.55 -6.92
C PHE A 29 -5.80 3.78 -6.89
N PHE A 30 -5.71 2.81 -5.98
CA PHE A 30 -4.50 2.01 -5.85
C PHE A 30 -4.77 0.55 -6.22
N VAL A 31 -3.90 -0.02 -7.04
CA VAL A 31 -4.04 -1.41 -7.46
C VAL A 31 -2.69 -2.11 -7.49
N LEU A 32 -2.59 -3.22 -6.77
CA LEU A 32 -1.35 -3.99 -6.71
C LEU A 32 -1.23 -4.90 -7.93
N VAL A 33 -0.13 -4.74 -8.67
CA VAL A 33 0.11 -5.56 -9.86
C VAL A 33 1.38 -6.38 -9.70
N GLN A 34 1.45 -7.49 -10.45
CA GLN A 34 2.61 -8.37 -10.39
C GLN A 34 3.50 -8.16 -11.60
N VAL A 35 4.56 -7.38 -11.42
CA VAL A 35 5.50 -7.11 -12.50
C VAL A 35 6.28 -8.35 -12.89
N SER A 36 7.09 -8.85 -11.96
CA SER A 36 7.89 -10.05 -12.20
C SER A 36 7.50 -11.17 -11.25
N GLN A 37 8.03 -12.36 -11.51
CA GLN A 37 7.73 -13.52 -10.67
C GLN A 37 7.79 -13.15 -9.19
N TYR A 38 8.79 -12.35 -8.82
CA TYR A 38 8.96 -11.92 -7.44
C TYR A 38 9.07 -10.40 -7.35
N THR A 39 8.31 -9.71 -8.19
CA THR A 39 8.32 -8.26 -8.21
C THR A 39 6.92 -7.69 -8.43
N PHE A 40 6.54 -6.72 -7.61
CA PHE A 40 5.22 -6.11 -7.71
C PHE A 40 5.33 -4.58 -7.67
N ALA A 41 4.28 -3.90 -8.12
CA ALA A 41 4.26 -2.45 -8.13
C ALA A 41 2.85 -1.92 -7.91
N MET A 42 2.75 -0.75 -7.29
CA MET A 42 1.45 -0.13 -7.02
C MET A 42 1.07 0.82 -8.15
N CYS A 43 0.18 0.36 -9.02
CA CYS A 43 -0.27 1.17 -10.15
C CYS A 43 -1.54 1.96 -9.78
N SER A 44 -1.53 3.25 -10.07
CA SER A 44 -2.66 4.12 -9.77
C SER A 44 -3.36 4.56 -11.05
N TYR A 45 -4.50 3.94 -11.32
CA TYR A 45 -5.28 4.28 -12.52
C TYR A 45 -6.36 5.32 -12.20
N ARG A 46 -6.23 6.49 -12.80
CA ARG A 46 -7.19 7.57 -12.58
C ARG A 46 -8.36 7.45 -13.55
N GLU A 47 -8.10 7.78 -14.82
CA GLU A 47 -9.13 7.72 -15.84
C GLU A 47 -9.43 6.28 -16.24
N LYS A 48 -10.44 6.09 -17.07
CA LYS A 48 -10.83 4.76 -17.52
C LYS A 48 -9.91 4.27 -18.64
N LYS A 49 -9.34 5.23 -19.38
CA LYS A 49 -8.44 4.90 -20.47
C LYS A 49 -7.17 5.75 -20.40
N ALA A 50 -6.17 5.27 -19.67
CA ALA A 50 -4.91 5.99 -19.53
C ALA A 50 -3.83 5.08 -18.95
N GLU A 51 -2.61 5.61 -18.85
CA GLU A 51 -1.49 4.84 -18.32
C GLU A 51 -1.19 5.26 -16.88
N PRO A 52 -0.74 4.29 -16.07
CA PRO A 52 -0.41 4.53 -14.66
C PRO A 52 0.85 5.38 -14.50
N GLN A 53 0.66 6.64 -14.12
CA GLN A 53 1.77 7.56 -13.93
C GLN A 53 2.54 7.22 -12.65
N GLU A 54 1.92 7.49 -11.51
CA GLU A 54 2.55 7.23 -10.22
C GLU A 54 2.69 5.71 -9.99
N LEU A 55 3.90 5.20 -10.21
CA LEU A 55 4.17 3.78 -10.02
C LEU A 55 5.19 3.56 -8.92
N LEU A 56 4.86 2.68 -7.98
CA LEU A 56 5.75 2.37 -6.87
C LEU A 56 6.13 0.89 -6.86
N GLN A 57 7.40 0.61 -7.15
CA GLN A 57 7.87 -0.77 -7.18
C GLN A 57 8.18 -1.26 -5.77
N LEU A 58 7.43 -2.27 -5.32
CA LEU A 58 7.62 -2.84 -3.99
C LEU A 58 8.75 -3.86 -3.99
N ASP A 59 9.79 -3.57 -4.76
CA ASP A 59 10.94 -4.46 -4.84
C ASP A 59 11.43 -4.86 -3.44
N GLY A 60 11.59 -3.86 -2.58
CA GLY A 60 12.05 -4.13 -1.23
C GLY A 60 11.31 -3.31 -0.19
N TYR A 61 10.17 -2.75 -0.59
CA TYR A 61 9.36 -1.93 0.31
C TYR A 61 8.68 -2.81 1.37
N THR A 62 9.21 -2.75 2.59
CA THR A 62 8.66 -3.53 3.69
C THR A 62 7.41 -2.88 4.26
N VAL A 63 6.25 -3.33 3.79
CA VAL A 63 4.98 -2.80 4.25
C VAL A 63 4.52 -3.48 5.53
N ASP A 64 4.07 -2.69 6.49
CA ASP A 64 3.60 -3.22 7.77
C ASP A 64 2.80 -2.17 8.53
N TYR A 65 2.06 -2.61 9.54
CA TYR A 65 1.26 -1.70 10.36
C TYR A 65 2.14 -0.70 11.09
N THR A 66 1.66 0.54 11.20
CA THR A 66 2.41 1.59 11.87
C THR A 66 1.46 2.63 12.47
N ASP A 67 1.90 3.26 13.56
CA ASP A 67 1.10 4.27 14.22
C ASP A 67 0.66 5.35 13.24
N PRO A 68 -0.48 5.99 13.53
CA PRO A 68 -1.04 7.05 12.68
C PRO A 68 -0.20 8.33 12.72
N GLN A 69 0.59 8.54 11.68
CA GLN A 69 1.44 9.73 11.59
C GLN A 69 0.64 10.99 11.91
N PRO A 70 1.26 11.91 12.67
CA PRO A 70 0.63 13.18 13.06
C PRO A 70 0.46 14.13 11.88
N GLY A 71 -0.73 14.13 11.31
CA GLY A 71 -1.01 15.00 10.18
C GLY A 71 -1.97 14.39 9.19
N LEU A 72 -1.61 13.23 8.64
CA LEU A 72 -2.45 12.54 7.67
C LEU A 72 -3.85 12.30 8.24
N GLU A 73 -4.85 12.91 7.61
CA GLU A 73 -6.23 12.77 8.06
C GLU A 73 -7.10 12.17 6.96
N GLY A 74 -6.53 11.22 6.22
CA GLY A 74 -7.26 10.59 5.14
C GLY A 74 -7.36 9.08 5.31
N GLY A 75 -8.22 8.65 6.23
CA GLY A 75 -8.38 7.23 6.47
C GLY A 75 -8.15 6.85 7.92
N ARG A 76 -8.56 5.64 8.29
CA ARG A 76 -8.40 5.17 9.65
C ARG A 76 -7.12 4.33 9.80
N ALA A 77 -6.96 3.34 8.93
CA ALA A 77 -5.80 2.47 8.96
C ALA A 77 -4.57 3.19 8.41
N PHE A 78 -3.42 2.91 9.00
CA PHE A 78 -2.17 3.52 8.58
C PHE A 78 -1.08 2.48 8.37
N PHE A 79 -0.61 2.35 7.13
CA PHE A 79 0.43 1.38 6.81
C PHE A 79 1.47 1.99 5.88
N ASN A 80 2.73 1.96 6.31
CA ASN A 80 3.82 2.52 5.53
C ASN A 80 4.84 1.44 5.17
N ALA A 81 5.70 1.74 4.20
CA ALA A 81 6.72 0.80 3.78
C ALA A 81 8.12 1.36 4.02
N VAL A 82 9.06 0.47 4.34
CA VAL A 82 10.44 0.87 4.60
C VAL A 82 11.35 0.48 3.45
N LYS A 83 12.13 1.44 2.97
CA LYS A 83 13.06 1.19 1.87
C LYS A 83 14.47 1.65 2.23
N GLU A 84 15.46 1.06 1.57
CA GLU A 84 16.85 1.42 1.82
C GLU A 84 16.99 2.90 2.16
N GLY A 85 16.46 3.75 1.29
CA GLY A 85 16.54 5.18 1.50
C GLY A 85 15.25 5.89 1.12
N ASP A 86 14.16 5.13 1.04
CA ASP A 86 12.86 5.70 0.69
C ASP A 86 11.81 5.33 1.72
N THR A 87 10.83 6.22 1.91
CA THR A 87 9.77 5.98 2.87
C THR A 87 8.42 6.43 2.32
N VAL A 88 7.44 5.53 2.38
CA VAL A 88 6.09 5.84 1.89
C VAL A 88 5.03 5.39 2.88
N ILE A 89 4.02 6.23 3.06
CA ILE A 89 2.93 5.92 3.99
C ILE A 89 1.61 5.74 3.24
N PHE A 90 0.79 4.80 3.71
CA PHE A 90 -0.50 4.52 3.09
C PHE A 90 -1.61 4.53 4.13
N ALA A 91 -2.85 4.61 3.66
CA ALA A 91 -4.01 4.63 4.55
C ALA A 91 -5.21 3.98 3.88
N SER A 92 -6.20 3.60 4.69
CA SER A 92 -7.41 2.96 4.19
C SER A 92 -8.64 3.53 4.87
N ASP A 93 -9.81 3.24 4.29
CA ASP A 93 -11.07 3.73 4.84
C ASP A 93 -11.57 2.81 5.95
N ASP A 94 -11.44 1.51 5.75
CA ASP A 94 -11.86 0.54 6.74
C ASP A 94 -10.69 -0.32 7.20
N GLU A 95 -10.53 -0.44 8.52
CA GLU A 95 -9.44 -1.22 9.08
C GLU A 95 -9.33 -2.57 8.38
N GLN A 96 -10.47 -3.19 8.11
CA GLN A 96 -10.50 -4.49 7.46
C GLN A 96 -9.69 -4.46 6.16
N ASP A 97 -9.88 -3.41 5.37
CA ASP A 97 -9.16 -3.26 4.11
C ASP A 97 -7.65 -3.34 4.33
N ARG A 98 -7.15 -2.53 5.26
CA ARG A 98 -5.72 -2.51 5.56
C ARG A 98 -5.15 -3.93 5.60
N ILE A 99 -5.59 -4.72 6.57
CA ILE A 99 -5.12 -6.09 6.71
C ILE A 99 -4.94 -6.75 5.34
N LEU A 100 -5.99 -6.72 4.53
CA LEU A 100 -5.95 -7.30 3.20
C LEU A 100 -4.75 -6.78 2.41
N TRP A 101 -4.48 -5.49 2.52
CA TRP A 101 -3.37 -4.87 1.82
C TRP A 101 -2.04 -5.31 2.43
N VAL A 102 -1.98 -5.36 3.75
CA VAL A 102 -0.76 -5.77 4.46
C VAL A 102 -0.44 -7.24 4.17
N GLN A 103 -1.47 -8.05 4.04
CA GLN A 103 -1.28 -9.47 3.75
C GLN A 103 -0.75 -9.68 2.35
N ALA A 104 -1.32 -8.95 1.39
CA ALA A 104 -0.91 -9.06 -0.01
C ALA A 104 0.45 -8.38 -0.23
N MET A 105 0.51 -7.08 0.04
CA MET A 105 1.73 -6.33 -0.13
C MET A 105 2.91 -7.04 0.52
N TYR A 106 2.64 -7.72 1.63
CA TYR A 106 3.67 -8.44 2.36
C TYR A 106 4.36 -9.47 1.46
N ARG A 107 3.54 -10.27 0.76
CA ARG A 107 4.07 -11.29 -0.14
C ARG A 107 4.70 -10.66 -1.37
N ALA A 108 4.09 -9.59 -1.87
CA ALA A 108 4.60 -8.89 -3.05
C ALA A 108 6.05 -8.47 -2.85
N THR A 109 6.36 -8.00 -1.65
CA THR A 109 7.71 -7.55 -1.33
C THR A 109 8.59 -8.73 -0.90
N GLY A 110 8.05 -9.58 -0.03
CA GLY A 110 8.79 -10.73 0.44
C GLY A 110 9.74 -10.38 1.58
N GLN A 111 9.28 -9.53 2.49
CA GLN A 111 10.09 -9.12 3.62
C GLN A 111 10.39 -10.29 4.55
N SER A 112 11.15 -10.04 5.60
CA SER A 112 11.51 -11.09 6.55
C SER A 112 10.63 -11.03 7.79
N HIS A 113 10.24 -9.82 8.18
CA HIS A 113 9.40 -9.61 9.36
C HIS A 113 7.93 -9.52 8.95
N LYS A 114 7.26 -10.66 8.92
CA LYS A 114 5.85 -10.71 8.57
C LYS A 114 5.03 -9.74 9.41
N PRO A 115 4.07 -9.05 8.77
CA PRO A 115 3.21 -8.08 9.44
C PRO A 115 2.23 -8.75 10.40
N VAL A 116 2.09 -8.19 11.59
CA VAL A 116 1.19 -8.73 12.60
C VAL A 116 0.10 -7.73 12.95
N PRO A 117 -1.17 -8.16 12.82
CA PRO A 117 -2.33 -7.31 13.12
C PRO A 117 -2.47 -7.04 14.61
N PRO A 118 -2.64 -5.75 14.96
CA PRO A 118 -2.79 -5.33 16.35
C PRO A 118 -4.13 -5.76 16.95
N THR A 119 -4.35 -5.39 18.21
CA THR A 119 -5.58 -5.75 18.90
C THR A 119 -6.40 -4.51 19.25
N GLN A 120 -6.39 -3.54 18.34
CA GLN A 120 -7.13 -2.29 18.55
C GLN A 120 -8.25 -2.14 17.53
N SER A 121 -9.46 -1.88 18.01
CA SER A 121 -10.61 -1.72 17.14
C SER A 121 -11.25 -0.35 17.32
N GLY A 122 -11.82 0.19 16.25
CA GLY A 122 -12.45 1.49 16.32
C GLY A 122 -13.34 1.65 17.53
N PRO A 123 -13.29 2.82 18.16
CA PRO A 123 -14.09 3.13 19.36
C PRO A 123 -15.58 3.24 19.05
N SER A 124 -16.33 2.22 19.43
CA SER A 124 -17.78 2.20 19.20
C SER A 124 -18.41 3.52 19.61
N SER A 125 -18.16 3.92 20.86
CA SER A 125 -18.71 5.16 21.38
C SER A 125 -17.64 5.98 22.09
N GLY A 126 -17.99 7.20 22.47
CA GLY A 126 -17.04 8.06 23.15
C GLY A 126 -16.48 9.15 22.25
N GLY A 1 10.08 -6.24 -22.56
CA GLY A 1 8.78 -6.30 -23.20
C GLY A 1 8.03 -4.99 -23.12
N SER A 2 6.77 -5.00 -23.55
CA SER A 2 5.94 -3.80 -23.52
C SER A 2 4.76 -3.98 -22.58
N SER A 3 4.08 -5.12 -22.70
CA SER A 3 2.92 -5.41 -21.86
C SER A 3 3.35 -5.91 -20.48
N GLY A 4 4.09 -7.01 -20.47
CA GLY A 4 4.55 -7.58 -19.22
C GLY A 4 3.70 -8.73 -18.75
N SER A 5 3.16 -8.62 -17.54
CA SER A 5 2.33 -9.67 -16.98
C SER A 5 1.21 -9.08 -16.12
N SER A 6 0.07 -9.77 -16.07
CA SER A 6 -1.08 -9.31 -15.30
C SER A 6 -1.18 -10.08 -13.99
N GLY A 7 -1.56 -9.38 -12.92
CA GLY A 7 -1.70 -10.01 -11.63
C GLY A 7 -2.30 -9.09 -10.60
N MET A 8 -3.53 -8.65 -10.84
CA MET A 8 -4.23 -7.76 -9.92
C MET A 8 -4.80 -8.53 -8.74
N LYS A 9 -4.16 -8.41 -7.59
CA LYS A 9 -4.60 -9.09 -6.38
C LYS A 9 -5.62 -8.25 -5.63
N HIS A 10 -5.36 -6.95 -5.53
CA HIS A 10 -6.26 -6.05 -4.83
C HIS A 10 -6.27 -4.67 -5.50
N SER A 11 -7.41 -3.98 -5.42
CA SER A 11 -7.55 -2.66 -6.02
C SER A 11 -8.51 -1.80 -5.20
N GLY A 12 -8.53 -0.50 -5.51
CA GLY A 12 -9.41 0.41 -4.80
C GLY A 12 -8.70 1.71 -4.43
N TYR A 13 -9.48 2.75 -4.17
CA TYR A 13 -8.94 4.05 -3.81
C TYR A 13 -8.25 3.99 -2.44
N LEU A 14 -7.10 4.63 -2.34
CA LEU A 14 -6.35 4.65 -1.08
C LEU A 14 -5.59 5.96 -0.93
N TRP A 15 -5.16 6.25 0.30
CA TRP A 15 -4.41 7.48 0.58
C TRP A 15 -2.95 7.17 0.85
N ALA A 16 -2.07 7.69 0.00
CA ALA A 16 -0.63 7.48 0.15
C ALA A 16 0.15 8.72 -0.23
N ILE A 17 1.35 8.86 0.32
CA ILE A 17 2.20 10.00 0.04
C ILE A 17 3.68 9.64 0.15
N GLY A 18 4.46 10.04 -0.85
CA GLY A 18 5.88 9.75 -0.85
C GLY A 18 6.73 10.99 -1.05
N LYS A 19 7.98 10.78 -1.46
CA LYS A 19 8.90 11.89 -1.70
C LYS A 19 9.08 12.13 -3.19
N ASN A 20 9.03 11.06 -3.97
CA ASN A 20 9.19 11.16 -5.42
C ASN A 20 7.83 11.16 -6.12
N VAL A 21 6.90 10.37 -5.59
CA VAL A 21 5.56 10.28 -6.17
C VAL A 21 4.49 10.52 -5.10
N TRP A 22 3.28 10.83 -5.55
CA TRP A 22 2.17 11.07 -4.62
C TRP A 22 2.57 12.08 -3.56
N LYS A 23 3.42 13.02 -3.93
CA LYS A 23 3.88 14.05 -3.00
C LYS A 23 2.71 14.64 -2.23
N ARG A 24 1.53 14.64 -2.85
CA ARG A 24 0.33 15.18 -2.22
C ARG A 24 -0.47 14.07 -1.55
N TRP A 25 -0.91 14.33 -0.32
CA TRP A 25 -1.69 13.36 0.43
C TRP A 25 -3.16 13.41 0.03
N LYS A 26 -3.52 12.63 -0.99
CA LYS A 26 -4.88 12.58 -1.47
C LYS A 26 -5.29 11.15 -1.84
N LYS A 27 -6.58 10.88 -1.81
CA LYS A 27 -7.09 9.56 -2.15
C LYS A 27 -7.05 9.33 -3.66
N ARG A 28 -6.36 8.27 -4.08
CA ARG A 28 -6.24 7.95 -5.50
C ARG A 28 -6.46 6.46 -5.73
N PHE A 29 -6.86 6.11 -6.95
CA PHE A 29 -7.11 4.72 -7.31
C PHE A 29 -5.82 3.92 -7.32
N PHE A 30 -5.65 3.03 -6.35
CA PHE A 30 -4.45 2.21 -6.26
C PHE A 30 -4.75 0.77 -6.70
N VAL A 31 -3.78 0.17 -7.38
CA VAL A 31 -3.93 -1.20 -7.86
C VAL A 31 -2.61 -1.97 -7.76
N LEU A 32 -2.64 -3.09 -7.04
CA LEU A 32 -1.45 -3.92 -6.87
C LEU A 32 -1.24 -4.82 -8.08
N VAL A 33 -0.28 -4.47 -8.92
CA VAL A 33 0.03 -5.25 -10.11
C VAL A 33 1.21 -6.18 -9.86
N GLN A 34 1.28 -7.26 -10.64
CA GLN A 34 2.36 -8.23 -10.50
C GLN A 34 3.38 -8.06 -11.62
N VAL A 35 4.59 -7.65 -11.25
CA VAL A 35 5.66 -7.45 -12.23
C VAL A 35 6.42 -8.75 -12.48
N SER A 36 7.05 -9.27 -11.44
CA SER A 36 7.80 -10.52 -11.56
C SER A 36 7.21 -11.60 -10.67
N GLN A 37 7.77 -12.80 -10.76
CA GLN A 37 7.30 -13.93 -9.96
C GLN A 37 7.07 -13.50 -8.51
N TYR A 38 8.06 -12.85 -7.92
CA TYR A 38 7.96 -12.39 -6.54
C TYR A 38 8.15 -10.88 -6.44
N THR A 39 7.63 -10.17 -7.44
CA THR A 39 7.75 -8.71 -7.48
C THR A 39 6.44 -8.07 -7.93
N PHE A 40 6.10 -6.94 -7.32
CA PHE A 40 4.88 -6.22 -7.67
C PHE A 40 5.11 -4.71 -7.66
N ALA A 41 4.09 -3.96 -8.07
CA ALA A 41 4.18 -2.52 -8.11
C ALA A 41 2.80 -1.87 -7.93
N MET A 42 2.77 -0.71 -7.30
CA MET A 42 1.52 0.01 -7.06
C MET A 42 1.26 1.01 -8.18
N CYS A 43 0.38 0.65 -9.10
CA CYS A 43 0.04 1.52 -10.22
C CYS A 43 -1.17 2.38 -9.89
N SER A 44 -0.98 3.70 -9.93
CA SER A 44 -2.06 4.63 -9.63
C SER A 44 -2.79 5.05 -10.90
N TYR A 45 -3.32 4.09 -11.62
CA TYR A 45 -4.04 4.36 -12.86
C TYR A 45 -4.91 5.60 -12.72
N ARG A 46 -4.43 6.72 -13.25
CA ARG A 46 -5.16 7.97 -13.18
C ARG A 46 -6.59 7.80 -13.67
N GLU A 47 -6.81 6.75 -14.46
CA GLU A 47 -8.13 6.46 -15.00
C GLU A 47 -8.18 5.07 -15.62
N LYS A 48 -9.39 4.59 -15.91
CA LYS A 48 -9.57 3.28 -16.52
C LYS A 48 -8.88 3.20 -17.86
N LYS A 49 -8.46 4.35 -18.38
CA LYS A 49 -7.78 4.41 -19.68
C LYS A 49 -6.40 5.05 -19.53
N ALA A 50 -6.37 6.23 -18.92
CA ALA A 50 -5.11 6.95 -18.72
C ALA A 50 -4.06 6.06 -18.07
N GLU A 51 -2.88 6.02 -18.66
CA GLU A 51 -1.79 5.21 -18.13
C GLU A 51 -1.36 5.69 -16.75
N PRO A 52 -0.98 4.74 -15.89
CA PRO A 52 -0.53 5.05 -14.52
C PRO A 52 0.82 5.75 -14.49
N GLN A 53 0.80 7.07 -14.41
CA GLN A 53 2.02 7.86 -14.37
C GLN A 53 2.88 7.47 -13.18
N GLU A 54 2.40 7.79 -11.98
CA GLU A 54 3.13 7.47 -10.75
C GLU A 54 3.10 5.97 -10.47
N LEU A 55 4.27 5.36 -10.42
CA LEU A 55 4.37 3.92 -10.16
C LEU A 55 5.45 3.64 -9.10
N LEU A 56 5.07 2.86 -8.09
CA LEU A 56 6.01 2.51 -7.02
C LEU A 56 6.20 0.99 -6.94
N GLN A 57 7.39 0.53 -7.31
CA GLN A 57 7.70 -0.88 -7.28
C GLN A 57 8.01 -1.34 -5.86
N LEU A 58 7.25 -2.31 -5.37
CA LEU A 58 7.44 -2.83 -4.02
C LEU A 58 8.39 -4.02 -4.04
N ASP A 59 9.37 -3.99 -4.94
CA ASP A 59 10.35 -5.06 -5.05
C ASP A 59 11.20 -5.16 -3.79
N GLY A 60 11.28 -4.06 -3.05
CA GLY A 60 12.08 -4.03 -1.83
C GLY A 60 11.31 -3.43 -0.66
N TYR A 61 10.36 -2.56 -0.97
CA TYR A 61 9.56 -1.91 0.07
C TYR A 61 9.05 -2.94 1.08
N THR A 62 8.92 -2.51 2.34
CA THR A 62 8.45 -3.38 3.40
C THR A 62 7.23 -2.79 4.10
N VAL A 63 6.05 -3.26 3.73
CA VAL A 63 4.82 -2.77 4.33
C VAL A 63 4.50 -3.52 5.62
N ASP A 64 4.11 -2.77 6.65
CA ASP A 64 3.78 -3.36 7.94
C ASP A 64 2.94 -2.40 8.78
N TYR A 65 2.43 -2.89 9.90
CA TYR A 65 1.60 -2.07 10.79
C TYR A 65 2.46 -1.05 11.53
N THR A 66 2.02 0.21 11.50
CA THR A 66 2.74 1.28 12.18
C THR A 66 1.78 2.22 12.89
N ASP A 67 2.34 3.18 13.62
CA ASP A 67 1.53 4.14 14.36
C ASP A 67 1.00 5.23 13.42
N PRO A 68 -0.13 5.84 13.81
CA PRO A 68 -0.77 6.90 13.02
C PRO A 68 0.04 8.19 13.01
N GLN A 69 0.66 8.49 11.89
CA GLN A 69 1.47 9.70 11.76
C GLN A 69 0.64 10.94 12.09
N PRO A 70 1.26 11.86 12.84
CA PRO A 70 0.59 13.11 13.26
C PRO A 70 0.39 14.06 12.08
N GLY A 71 -0.83 14.07 11.55
CA GLY A 71 -1.14 14.95 10.43
C GLY A 71 -2.12 14.32 9.46
N LEU A 72 -1.74 13.19 8.88
CA LEU A 72 -2.60 12.49 7.93
C LEU A 72 -3.92 12.09 8.58
N GLU A 73 -5.02 12.34 7.88
CA GLU A 73 -6.34 12.01 8.39
C GLU A 73 -7.04 11.02 7.46
N GLY A 74 -7.32 11.45 6.23
CA GLY A 74 -7.98 10.58 5.28
C GLY A 74 -7.58 9.12 5.44
N GLY A 75 -8.44 8.34 6.07
CA GLY A 75 -8.14 6.93 6.27
C GLY A 75 -8.02 6.56 7.73
N ARG A 76 -8.69 5.50 8.14
CA ARG A 76 -8.65 5.05 9.52
C ARG A 76 -7.38 4.25 9.80
N ALA A 77 -7.09 3.28 8.94
CA ALA A 77 -5.90 2.44 9.09
C ALA A 77 -4.66 3.18 8.62
N PHE A 78 -3.53 2.89 9.25
CA PHE A 78 -2.26 3.53 8.90
C PHE A 78 -1.18 2.48 8.65
N PHE A 79 -0.68 2.43 7.42
CA PHE A 79 0.35 1.47 7.04
C PHE A 79 1.32 2.08 6.04
N ASN A 80 2.61 1.99 6.34
CA ASN A 80 3.65 2.54 5.46
C ASN A 80 4.68 1.47 5.12
N ALA A 81 5.46 1.74 4.07
CA ALA A 81 6.49 0.81 3.63
C ALA A 81 7.88 1.37 3.91
N VAL A 82 8.82 0.48 4.23
CA VAL A 82 10.19 0.88 4.52
C VAL A 82 11.13 0.48 3.38
N LYS A 83 11.83 1.46 2.82
CA LYS A 83 12.76 1.21 1.73
C LYS A 83 14.18 1.63 2.12
N GLU A 84 15.17 1.01 1.48
CA GLU A 84 16.56 1.32 1.76
C GLU A 84 16.74 2.81 2.08
N GLY A 85 16.24 3.66 1.20
CA GLY A 85 16.36 5.09 1.41
C GLY A 85 15.09 5.83 1.02
N ASP A 86 13.99 5.10 0.89
CA ASP A 86 12.72 5.70 0.53
C ASP A 86 11.63 5.33 1.54
N THR A 87 10.66 6.22 1.71
CA THR A 87 9.57 5.99 2.64
C THR A 87 8.23 6.42 2.05
N VAL A 88 7.22 5.57 2.21
CA VAL A 88 5.89 5.85 1.69
C VAL A 88 4.80 5.38 2.65
N ILE A 89 3.88 6.28 2.98
CA ILE A 89 2.79 5.95 3.89
C ILE A 89 1.51 5.63 3.13
N PHE A 90 0.68 4.77 3.70
CA PHE A 90 -0.58 4.38 3.08
C PHE A 90 -1.70 4.31 4.10
N ALA A 91 -2.93 4.46 3.64
CA ALA A 91 -4.09 4.40 4.52
C ALA A 91 -5.28 3.73 3.83
N SER A 92 -6.28 3.36 4.62
CA SER A 92 -7.47 2.71 4.08
C SER A 92 -8.73 3.26 4.72
N ASP A 93 -9.88 2.99 4.10
CA ASP A 93 -11.16 3.47 4.60
C ASP A 93 -11.60 2.66 5.82
N ASP A 94 -11.22 1.38 5.84
CA ASP A 94 -11.58 0.51 6.96
C ASP A 94 -10.35 -0.23 7.48
N GLU A 95 -10.44 -0.74 8.70
CA GLU A 95 -9.33 -1.46 9.32
C GLU A 95 -9.13 -2.81 8.64
N GLN A 96 -10.22 -3.54 8.44
CA GLN A 96 -10.16 -4.85 7.80
C GLN A 96 -9.42 -4.78 6.47
N ASP A 97 -9.53 -3.63 5.80
CA ASP A 97 -8.86 -3.43 4.52
C ASP A 97 -7.35 -3.43 4.68
N ARG A 98 -6.86 -2.68 5.66
CA ARG A 98 -5.43 -2.59 5.92
C ARG A 98 -4.80 -3.98 5.99
N ILE A 99 -5.28 -4.80 6.93
CA ILE A 99 -4.77 -6.16 7.10
C ILE A 99 -4.70 -6.89 5.76
N LEU A 100 -5.71 -6.69 4.92
CA LEU A 100 -5.76 -7.33 3.61
C LEU A 100 -4.63 -6.83 2.72
N TRP A 101 -4.41 -5.51 2.72
CA TRP A 101 -3.36 -4.90 1.92
C TRP A 101 -1.99 -5.28 2.45
N VAL A 102 -1.88 -5.42 3.77
CA VAL A 102 -0.62 -5.78 4.40
C VAL A 102 -0.25 -7.24 4.12
N GLN A 103 -1.27 -8.09 4.06
CA GLN A 103 -1.07 -9.51 3.79
C GLN A 103 -0.71 -9.75 2.32
N ALA A 104 -1.32 -8.96 1.44
CA ALA A 104 -1.08 -9.08 0.01
C ALA A 104 0.21 -8.36 -0.38
N MET A 105 0.31 -7.09 0.00
CA MET A 105 1.49 -6.29 -0.32
C MET A 105 2.75 -6.93 0.24
N TYR A 106 2.62 -7.57 1.41
CA TYR A 106 3.75 -8.22 2.06
C TYR A 106 4.37 -9.26 1.14
N ARG A 107 3.55 -10.21 0.69
CA ARG A 107 4.02 -11.27 -0.19
C ARG A 107 4.57 -10.69 -1.50
N ALA A 108 4.08 -9.50 -1.86
CA ALA A 108 4.51 -8.84 -3.08
C ALA A 108 5.98 -8.43 -2.99
N THR A 109 6.38 -7.93 -1.83
CA THR A 109 7.76 -7.49 -1.62
C THR A 109 8.65 -8.66 -1.23
N GLY A 110 8.09 -9.60 -0.47
CA GLY A 110 8.86 -10.77 -0.06
C GLY A 110 9.78 -10.46 1.11
N GLN A 111 9.51 -9.36 1.81
CA GLN A 111 10.33 -8.97 2.96
C GLN A 111 10.56 -10.15 3.89
N SER A 112 11.53 -9.99 4.80
CA SER A 112 11.85 -11.04 5.75
C SER A 112 10.91 -11.00 6.96
N HIS A 113 10.61 -9.80 7.42
CA HIS A 113 9.72 -9.62 8.56
C HIS A 113 8.26 -9.78 8.14
N LYS A 114 7.58 -10.75 8.75
CA LYS A 114 6.18 -10.99 8.44
C LYS A 114 5.27 -10.18 9.35
N PRO A 115 4.41 -9.34 8.74
CA PRO A 115 3.47 -8.49 9.47
C PRO A 115 2.36 -9.29 10.13
N VAL A 116 2.04 -8.94 11.38
CA VAL A 116 0.99 -9.63 12.12
C VAL A 116 -0.03 -8.65 12.65
N PRO A 117 -1.32 -9.02 12.57
CA PRO A 117 -2.43 -8.19 13.04
C PRO A 117 -2.46 -8.08 14.56
N PRO A 118 -2.15 -6.88 15.07
CA PRO A 118 -2.14 -6.61 16.51
C PRO A 118 -3.55 -6.61 17.11
N THR A 119 -3.62 -6.45 18.42
CA THR A 119 -4.90 -6.43 19.12
C THR A 119 -5.14 -5.08 19.80
N GLN A 120 -5.32 -4.05 18.98
CA GLN A 120 -5.56 -2.70 19.50
C GLN A 120 -6.85 -2.66 20.32
N SER A 121 -6.70 -2.57 21.64
CA SER A 121 -7.85 -2.52 22.54
C SER A 121 -8.09 -1.10 23.04
N GLY A 122 -9.01 -0.39 22.38
CA GLY A 122 -9.32 0.97 22.77
C GLY A 122 -8.10 1.71 23.30
N PRO A 123 -7.94 1.73 24.63
CA PRO A 123 -6.83 2.41 25.29
C PRO A 123 -5.50 1.69 25.07
N SER A 124 -4.42 2.46 24.97
CA SER A 124 -3.10 1.90 24.75
C SER A 124 -2.20 2.12 25.96
N SER A 125 -1.90 1.04 26.67
CA SER A 125 -1.05 1.12 27.85
C SER A 125 0.35 1.60 27.49
N GLY A 126 0.96 2.38 28.38
CA GLY A 126 2.30 2.89 28.14
C GLY A 126 2.86 3.63 29.33
N GLY A 1 14.20 -6.78 -22.29
CA GLY A 1 13.13 -7.31 -23.11
C GLY A 1 12.10 -8.08 -22.30
N SER A 2 10.97 -7.44 -22.01
CA SER A 2 9.92 -8.08 -21.23
C SER A 2 8.58 -7.39 -21.46
N SER A 3 7.54 -8.19 -21.71
CA SER A 3 6.21 -7.66 -21.96
C SER A 3 5.45 -7.45 -20.65
N GLY A 4 5.50 -8.45 -19.78
CA GLY A 4 4.81 -8.37 -18.50
C GLY A 4 3.43 -8.99 -18.54
N SER A 5 3.10 -9.77 -17.52
CA SER A 5 1.81 -10.43 -17.44
C SER A 5 0.95 -9.81 -16.35
N SER A 6 0.25 -8.73 -16.69
CA SER A 6 -0.61 -8.04 -15.72
C SER A 6 -1.39 -9.04 -14.87
N GLY A 7 -1.12 -9.03 -13.57
CA GLY A 7 -1.80 -9.94 -12.67
C GLY A 7 -2.49 -9.21 -11.53
N MET A 8 -3.38 -8.28 -11.86
CA MET A 8 -4.11 -7.51 -10.87
C MET A 8 -4.49 -8.40 -9.67
N LYS A 9 -4.20 -7.92 -8.48
CA LYS A 9 -4.51 -8.65 -7.26
C LYS A 9 -5.52 -7.90 -6.40
N HIS A 10 -5.19 -6.64 -6.10
CA HIS A 10 -6.07 -5.80 -5.28
C HIS A 10 -6.27 -4.44 -5.93
N SER A 11 -7.41 -3.81 -5.64
CA SER A 11 -7.71 -2.50 -6.19
C SER A 11 -8.59 -1.69 -5.23
N GLY A 12 -8.70 -0.39 -5.48
CA GLY A 12 -9.51 0.46 -4.64
C GLY A 12 -8.83 1.80 -4.35
N TYR A 13 -9.60 2.74 -3.81
CA TYR A 13 -9.08 4.05 -3.48
C TYR A 13 -8.32 4.04 -2.15
N LEU A 14 -7.18 4.70 -2.13
CA LEU A 14 -6.35 4.75 -0.92
C LEU A 14 -5.54 6.04 -0.87
N TRP A 15 -5.01 6.35 0.30
CA TRP A 15 -4.19 7.56 0.47
C TRP A 15 -2.73 7.20 0.68
N ALA A 16 -1.87 7.64 -0.24
CA ALA A 16 -0.44 7.37 -0.16
C ALA A 16 0.37 8.61 -0.49
N ILE A 17 1.53 8.74 0.14
CA ILE A 17 2.41 9.88 -0.09
C ILE A 17 3.88 9.47 -0.06
N GLY A 18 4.57 9.69 -1.18
CA GLY A 18 5.97 9.34 -1.26
C GLY A 18 6.87 10.55 -1.45
N LYS A 19 8.12 10.30 -1.81
CA LYS A 19 9.08 11.37 -2.02
C LYS A 19 9.14 11.76 -3.50
N ASN A 20 9.25 10.76 -4.37
CA ASN A 20 9.32 10.99 -5.81
C ASN A 20 7.92 11.01 -6.42
N VAL A 21 7.05 10.16 -5.90
CA VAL A 21 5.68 10.06 -6.40
C VAL A 21 4.67 10.41 -5.30
N TRP A 22 3.44 10.70 -5.71
CA TRP A 22 2.39 11.05 -4.76
C TRP A 22 2.89 12.04 -3.73
N LYS A 23 3.72 12.98 -4.16
CA LYS A 23 4.28 13.99 -3.27
C LYS A 23 3.18 14.63 -2.43
N ARG A 24 1.94 14.52 -2.90
CA ARG A 24 0.80 15.09 -2.18
C ARG A 24 -0.06 13.98 -1.58
N TRP A 25 -0.66 14.27 -0.42
CA TRP A 25 -1.52 13.30 0.25
C TRP A 25 -2.95 13.37 -0.28
N LYS A 26 -3.25 12.52 -1.26
CA LYS A 26 -4.58 12.48 -1.86
C LYS A 26 -5.04 11.05 -2.08
N LYS A 27 -6.35 10.85 -2.13
CA LYS A 27 -6.91 9.52 -2.35
C LYS A 27 -7.14 9.26 -3.84
N ARG A 28 -6.46 8.24 -4.36
CA ARG A 28 -6.57 7.88 -5.77
C ARG A 28 -6.79 6.38 -5.93
N PHE A 29 -7.06 5.96 -7.16
CA PHE A 29 -7.28 4.54 -7.45
C PHE A 29 -5.97 3.77 -7.44
N PHE A 30 -5.75 3.01 -6.38
CA PHE A 30 -4.53 2.21 -6.24
C PHE A 30 -4.78 0.77 -6.65
N VAL A 31 -3.91 0.25 -7.51
CA VAL A 31 -4.04 -1.13 -7.98
C VAL A 31 -2.71 -1.88 -7.84
N LEU A 32 -2.77 -3.05 -7.22
CA LEU A 32 -1.58 -3.86 -7.01
C LEU A 32 -1.32 -4.76 -8.23
N VAL A 33 -0.21 -4.50 -8.92
CA VAL A 33 0.16 -5.28 -10.10
C VAL A 33 1.37 -6.15 -9.82
N GLN A 34 1.41 -7.32 -10.45
CA GLN A 34 2.53 -8.25 -10.27
C GLN A 34 3.47 -8.21 -11.46
N VAL A 35 4.63 -7.59 -11.27
CA VAL A 35 5.63 -7.49 -12.33
C VAL A 35 6.39 -8.80 -12.49
N SER A 36 6.89 -9.33 -11.39
CA SER A 36 7.65 -10.57 -11.41
C SER A 36 7.10 -11.57 -10.39
N GLN A 37 7.67 -12.77 -10.37
CA GLN A 37 7.24 -13.80 -9.44
C GLN A 37 7.26 -13.28 -8.01
N TYR A 38 8.24 -12.44 -7.69
CA TYR A 38 8.36 -11.88 -6.36
C TYR A 38 8.52 -10.36 -6.41
N THR A 39 7.93 -9.76 -7.44
CA THR A 39 8.01 -8.31 -7.61
C THR A 39 6.64 -7.72 -7.93
N PHE A 40 6.30 -6.62 -7.26
CA PHE A 40 5.02 -5.96 -7.47
C PHE A 40 5.20 -4.44 -7.53
N ALA A 41 4.17 -3.76 -8.01
CA ALA A 41 4.20 -2.30 -8.12
C ALA A 41 2.81 -1.70 -7.97
N MET A 42 2.73 -0.55 -7.30
CA MET A 42 1.46 0.12 -7.08
C MET A 42 1.18 1.13 -8.18
N CYS A 43 0.33 0.75 -9.13
CA CYS A 43 -0.01 1.62 -10.24
C CYS A 43 -1.22 2.49 -9.90
N SER A 44 -1.05 3.80 -9.98
CA SER A 44 -2.12 4.73 -9.67
C SER A 44 -2.82 5.21 -10.95
N TYR A 45 -3.72 4.38 -11.48
CA TYR A 45 -4.44 4.70 -12.69
C TYR A 45 -5.40 5.87 -12.45
N ARG A 46 -5.02 7.04 -12.95
CA ARG A 46 -5.84 8.24 -12.79
C ARG A 46 -6.70 8.48 -14.03
N GLU A 47 -6.04 8.74 -15.16
CA GLU A 47 -6.75 8.99 -16.41
C GLU A 47 -7.75 7.87 -16.71
N LYS A 48 -8.76 8.18 -17.50
CA LYS A 48 -9.78 7.20 -17.87
C LYS A 48 -9.17 6.08 -18.72
N LYS A 49 -8.51 6.45 -19.81
CA LYS A 49 -7.89 5.49 -20.70
C LYS A 49 -6.48 5.91 -21.06
N ALA A 50 -5.52 5.58 -20.20
CA ALA A 50 -4.12 5.93 -20.43
C ALA A 50 -3.22 5.31 -19.38
N GLU A 51 -1.91 5.42 -19.59
CA GLU A 51 -0.93 4.86 -18.65
C GLU A 51 -0.87 5.69 -17.38
N PRO A 52 -0.51 5.04 -16.26
CA PRO A 52 -0.42 5.69 -14.96
C PRO A 52 0.76 6.66 -14.89
N GLN A 53 0.54 7.81 -14.27
CA GLN A 53 1.58 8.83 -14.13
C GLN A 53 2.61 8.41 -13.08
N GLU A 54 2.11 8.03 -11.90
CA GLU A 54 2.99 7.62 -10.82
C GLU A 54 2.96 6.11 -10.63
N LEU A 55 4.10 5.53 -10.26
CA LEU A 55 4.19 4.09 -10.05
C LEU A 55 5.33 3.76 -9.09
N LEU A 56 5.02 2.95 -8.08
CA LEU A 56 6.02 2.55 -7.09
C LEU A 56 6.29 1.05 -7.18
N GLN A 57 7.57 0.68 -7.12
CA GLN A 57 7.96 -0.73 -7.19
C GLN A 57 8.27 -1.27 -5.80
N LEU A 58 7.50 -2.28 -5.39
CA LEU A 58 7.68 -2.90 -4.08
C LEU A 58 8.67 -4.05 -4.15
N ASP A 59 9.69 -3.89 -5.00
CA ASP A 59 10.72 -4.92 -5.15
C ASP A 59 11.46 -5.15 -3.84
N GLY A 60 11.53 -4.11 -3.01
CA GLY A 60 12.22 -4.22 -1.74
C GLY A 60 11.41 -3.64 -0.59
N TYR A 61 10.56 -2.67 -0.91
CA TYR A 61 9.74 -2.03 0.11
C TYR A 61 9.23 -3.05 1.13
N THR A 62 9.18 -2.63 2.39
CA THR A 62 8.73 -3.51 3.47
C THR A 62 7.52 -2.92 4.18
N VAL A 63 6.33 -3.38 3.80
CA VAL A 63 5.09 -2.89 4.42
C VAL A 63 4.80 -3.62 5.73
N ASP A 64 4.17 -2.92 6.66
CA ASP A 64 3.84 -3.50 7.95
C ASP A 64 3.00 -2.52 8.78
N TYR A 65 2.14 -3.08 9.64
CA TYR A 65 1.28 -2.26 10.48
C TYR A 65 2.09 -1.25 11.28
N THR A 66 1.63 -0.01 11.29
CA THR A 66 2.31 1.06 12.02
C THR A 66 1.32 2.03 12.63
N ASP A 67 1.78 2.81 13.60
CA ASP A 67 0.93 3.78 14.28
C ASP A 67 0.55 4.91 13.33
N PRO A 68 -0.52 5.65 13.68
CA PRO A 68 -1.02 6.77 12.86
C PRO A 68 -0.07 7.96 12.89
N GLN A 69 0.32 8.43 11.70
CA GLN A 69 1.22 9.57 11.61
C GLN A 69 0.46 10.89 11.73
N PRO A 70 1.07 11.86 12.42
CA PRO A 70 0.47 13.17 12.63
C PRO A 70 0.41 14.00 11.35
N GLY A 71 -0.80 14.28 10.88
CA GLY A 71 -0.97 15.06 9.66
C GLY A 71 -1.94 14.41 8.69
N LEU A 72 -1.71 13.14 8.38
CA LEU A 72 -2.57 12.41 7.45
C LEU A 72 -3.88 12.04 8.12
N GLU A 73 -4.99 12.36 7.46
CA GLU A 73 -6.32 12.06 7.99
C GLU A 73 -7.04 11.06 7.09
N GLY A 74 -7.26 11.45 5.84
CA GLY A 74 -7.94 10.58 4.89
C GLY A 74 -7.62 9.11 5.13
N GLY A 75 -8.63 8.35 5.53
CA GLY A 75 -8.44 6.94 5.78
C GLY A 75 -8.25 6.63 7.26
N ARG A 76 -8.79 5.50 7.69
CA ARG A 76 -8.67 5.09 9.09
C ARG A 76 -7.38 4.31 9.32
N ALA A 77 -7.26 3.15 8.68
CA ALA A 77 -6.07 2.32 8.82
C ALA A 77 -4.82 3.08 8.41
N PHE A 78 -3.70 2.76 9.06
CA PHE A 78 -2.43 3.41 8.76
C PHE A 78 -1.33 2.38 8.54
N PHE A 79 -0.81 2.32 7.31
CA PHE A 79 0.25 1.38 6.96
C PHE A 79 1.24 2.02 6.01
N ASN A 80 2.52 1.87 6.31
CA ASN A 80 3.59 2.43 5.48
C ASN A 80 4.70 1.41 5.25
N ALA A 81 5.51 1.64 4.22
CA ALA A 81 6.61 0.74 3.90
C ALA A 81 7.95 1.41 4.15
N VAL A 82 8.96 0.61 4.46
CA VAL A 82 10.30 1.12 4.72
C VAL A 82 11.29 0.66 3.66
N LYS A 83 12.00 1.61 3.07
CA LYS A 83 12.98 1.30 2.04
C LYS A 83 14.36 1.84 2.41
N GLU A 84 15.40 1.24 1.85
CA GLU A 84 16.78 1.65 2.14
C GLU A 84 16.84 3.16 2.35
N GLY A 85 16.39 3.92 1.35
CA GLY A 85 16.41 5.37 1.45
C GLY A 85 15.10 6.00 1.02
N ASP A 86 14.06 5.18 0.91
CA ASP A 86 12.75 5.67 0.49
C ASP A 86 11.68 5.28 1.51
N THR A 87 10.72 6.17 1.71
CA THR A 87 9.63 5.92 2.66
C THR A 87 8.28 6.36 2.09
N VAL A 88 7.29 5.49 2.21
CA VAL A 88 5.96 5.79 1.71
C VAL A 88 4.89 5.31 2.69
N ILE A 89 3.84 6.13 2.85
CA ILE A 89 2.75 5.78 3.75
C ILE A 89 1.49 5.43 2.98
N PHE A 90 0.60 4.68 3.62
CA PHE A 90 -0.65 4.26 2.99
C PHE A 90 -1.78 4.21 4.02
N ALA A 91 -3.01 4.36 3.54
CA ALA A 91 -4.18 4.31 4.41
C ALA A 91 -5.39 3.74 3.69
N SER A 92 -6.31 3.17 4.45
CA SER A 92 -7.52 2.58 3.88
C SER A 92 -8.77 3.21 4.49
N ASP A 93 -9.94 2.76 4.02
CA ASP A 93 -11.20 3.28 4.52
C ASP A 93 -11.57 2.60 5.84
N ASP A 94 -11.33 1.30 5.92
CA ASP A 94 -11.64 0.54 7.12
C ASP A 94 -10.38 -0.04 7.75
N GLU A 95 -10.43 -0.32 9.05
CA GLU A 95 -9.29 -0.87 9.76
C GLU A 95 -8.94 -2.25 9.23
N GLN A 96 -9.91 -3.15 9.22
CA GLN A 96 -9.70 -4.51 8.73
C GLN A 96 -9.18 -4.50 7.30
N ASP A 97 -9.59 -3.49 6.53
CA ASP A 97 -9.16 -3.37 5.15
C ASP A 97 -7.64 -3.25 5.05
N ARG A 98 -7.00 -3.07 6.19
CA ARG A 98 -5.55 -2.95 6.24
C ARG A 98 -4.88 -4.32 6.14
N ILE A 99 -5.42 -5.28 6.87
CA ILE A 99 -4.88 -6.64 6.86
C ILE A 99 -4.85 -7.21 5.44
N LEU A 100 -5.88 -6.91 4.67
CA LEU A 100 -5.97 -7.39 3.29
C LEU A 100 -4.82 -6.85 2.45
N TRP A 101 -4.59 -5.54 2.53
CA TRP A 101 -3.51 -4.91 1.78
C TRP A 101 -2.15 -5.30 2.34
N VAL A 102 -2.08 -5.49 3.64
CA VAL A 102 -0.84 -5.87 4.30
C VAL A 102 -0.43 -7.29 3.92
N GLN A 103 -1.40 -8.20 3.91
CA GLN A 103 -1.13 -9.59 3.57
C GLN A 103 -0.64 -9.71 2.13
N ALA A 104 -1.25 -8.94 1.24
CA ALA A 104 -0.88 -8.95 -0.18
C ALA A 104 0.45 -8.22 -0.40
N MET A 105 0.52 -6.98 0.06
CA MET A 105 1.72 -6.17 -0.09
C MET A 105 2.93 -6.90 0.49
N TYR A 106 2.72 -7.60 1.59
CA TYR A 106 3.79 -8.34 2.25
C TYR A 106 4.45 -9.32 1.28
N ARG A 107 3.68 -10.28 0.81
CA ARG A 107 4.18 -11.28 -0.13
C ARG A 107 4.65 -10.63 -1.43
N ALA A 108 3.98 -9.55 -1.81
CA ALA A 108 4.33 -8.83 -3.03
C ALA A 108 5.78 -8.38 -3.01
N THR A 109 6.24 -7.93 -1.85
CA THR A 109 7.62 -7.47 -1.69
C THR A 109 8.55 -8.64 -1.41
N GLY A 110 8.14 -9.53 -0.51
CA GLY A 110 8.96 -10.68 -0.18
C GLY A 110 9.88 -10.41 1.00
N GLN A 111 9.56 -9.38 1.77
CA GLN A 111 10.36 -9.02 2.94
C GLN A 111 10.65 -10.25 3.79
N SER A 112 11.50 -10.08 4.80
CA SER A 112 11.87 -11.17 5.69
C SER A 112 11.02 -11.13 6.97
N HIS A 113 10.71 -9.94 7.43
CA HIS A 113 9.91 -9.77 8.64
C HIS A 113 8.42 -9.82 8.31
N LYS A 114 7.80 -10.95 8.62
CA LYS A 114 6.37 -11.13 8.36
C LYS A 114 5.54 -10.28 9.31
N PRO A 115 4.71 -9.39 8.73
CA PRO A 115 3.84 -8.50 9.51
C PRO A 115 2.71 -9.24 10.20
N VAL A 116 2.22 -8.68 11.30
CA VAL A 116 1.13 -9.31 12.05
C VAL A 116 0.01 -8.30 12.34
N PRO A 117 -1.24 -8.75 12.20
CA PRO A 117 -2.41 -7.91 12.43
C PRO A 117 -2.60 -7.57 13.90
N PRO A 118 -2.64 -6.26 14.20
CA PRO A 118 -2.81 -5.76 15.58
C PRO A 118 -4.21 -6.04 16.12
N THR A 119 -4.45 -5.62 17.35
CA THR A 119 -5.74 -5.82 18.00
C THR A 119 -6.22 -4.55 18.69
N GLN A 120 -6.99 -3.74 17.98
CA GLN A 120 -7.51 -2.50 18.54
C GLN A 120 -9.01 -2.60 18.79
N SER A 121 -9.39 -2.63 20.07
CA SER A 121 -10.79 -2.73 20.45
C SER A 121 -11.20 -1.55 21.32
N GLY A 122 -10.71 -0.37 20.96
CA GLY A 122 -11.04 0.83 21.73
C GLY A 122 -12.06 1.71 21.03
N PRO A 123 -12.15 2.97 21.45
CA PRO A 123 -13.10 3.94 20.88
C PRO A 123 -12.71 4.33 19.46
N SER A 124 -13.60 4.05 18.51
CA SER A 124 -13.36 4.39 17.11
C SER A 124 -14.59 5.02 16.47
N SER A 125 -14.41 6.20 15.90
CA SER A 125 -15.50 6.92 15.27
C SER A 125 -16.01 6.17 14.04
N GLY A 126 -15.08 5.71 13.22
CA GLY A 126 -15.44 4.98 12.01
C GLY A 126 -14.95 5.65 10.75
N GLY A 1 4.46 -6.00 -27.22
CA GLY A 1 4.96 -7.11 -26.43
C GLY A 1 4.15 -7.35 -25.16
N SER A 2 4.84 -7.42 -24.02
CA SER A 2 4.18 -7.63 -22.74
C SER A 2 4.38 -6.45 -21.81
N SER A 3 5.46 -5.70 -22.04
CA SER A 3 5.78 -4.54 -21.21
C SER A 3 5.41 -4.79 -19.76
N GLY A 4 5.88 -5.91 -19.22
CA GLY A 4 5.60 -6.25 -17.83
C GLY A 4 4.41 -7.18 -17.70
N SER A 5 4.64 -8.36 -17.13
CA SER A 5 3.57 -9.34 -16.95
C SER A 5 2.38 -8.73 -16.21
N SER A 6 1.21 -9.35 -16.35
CA SER A 6 0.01 -8.86 -15.70
C SER A 6 -0.47 -9.84 -14.63
N GLY A 7 -0.69 -9.34 -13.43
CA GLY A 7 -1.15 -10.18 -12.34
C GLY A 7 -1.71 -9.39 -11.18
N MET A 8 -2.70 -8.55 -11.47
CA MET A 8 -3.31 -7.72 -10.43
C MET A 8 -3.63 -8.55 -9.18
N LYS A 9 -3.74 -7.88 -8.04
CA LYS A 9 -4.03 -8.55 -6.79
C LYS A 9 -5.19 -7.86 -6.06
N HIS A 10 -4.97 -6.60 -5.68
CA HIS A 10 -5.98 -5.82 -4.98
C HIS A 10 -6.21 -4.48 -5.67
N SER A 11 -7.40 -3.91 -5.45
CA SER A 11 -7.74 -2.62 -6.05
C SER A 11 -8.66 -1.83 -5.13
N GLY A 12 -8.61 -0.51 -5.27
CA GLY A 12 -9.45 0.35 -4.44
C GLY A 12 -8.75 1.65 -4.07
N TYR A 13 -9.53 2.71 -3.90
CA TYR A 13 -8.99 4.01 -3.54
C TYR A 13 -8.26 3.94 -2.20
N LEU A 14 -7.14 4.63 -2.11
CA LEU A 14 -6.34 4.66 -0.88
C LEU A 14 -5.54 5.95 -0.78
N TRP A 15 -5.19 6.33 0.45
CA TRP A 15 -4.42 7.54 0.68
C TRP A 15 -2.93 7.21 0.87
N ALA A 16 -2.10 7.70 -0.04
CA ALA A 16 -0.67 7.47 0.04
C ALA A 16 0.11 8.74 -0.29
N ILE A 17 1.34 8.82 0.22
CA ILE A 17 2.20 9.97 -0.03
C ILE A 17 3.67 9.61 0.08
N GLY A 18 4.40 9.84 -1.00
CA GLY A 18 5.83 9.52 -1.01
C GLY A 18 6.69 10.76 -1.16
N LYS A 19 8.00 10.55 -1.25
CA LYS A 19 8.94 11.66 -1.39
C LYS A 19 9.15 12.01 -2.86
N ASN A 20 9.10 10.99 -3.72
CA ASN A 20 9.28 11.20 -5.16
C ASN A 20 7.94 11.23 -5.87
N VAL A 21 7.02 10.37 -5.43
CA VAL A 21 5.69 10.29 -6.04
C VAL A 21 4.61 10.52 -4.99
N TRP A 22 3.42 10.89 -5.45
CA TRP A 22 2.28 11.13 -4.56
C TRP A 22 2.67 12.11 -3.46
N LYS A 23 3.62 13.00 -3.77
CA LYS A 23 4.06 14.01 -2.82
C LYS A 23 2.90 14.56 -2.01
N ARG A 24 1.73 14.59 -2.63
CA ARG A 24 0.52 15.10 -1.97
C ARG A 24 -0.27 13.97 -1.32
N TRP A 25 -1.10 14.30 -0.35
CA TRP A 25 -1.92 13.31 0.34
C TRP A 25 -3.38 13.41 -0.10
N LYS A 26 -3.78 12.53 -1.01
CA LYS A 26 -5.15 12.51 -1.50
C LYS A 26 -5.60 11.09 -1.81
N LYS A 27 -6.91 10.86 -1.77
CA LYS A 27 -7.47 9.54 -2.05
C LYS A 27 -7.46 9.25 -3.54
N ARG A 28 -6.45 8.52 -3.99
CA ARG A 28 -6.31 8.17 -5.40
C ARG A 28 -6.48 6.67 -5.61
N PHE A 29 -7.00 6.29 -6.77
CA PHE A 29 -7.22 4.89 -7.09
C PHE A 29 -5.89 4.13 -7.10
N PHE A 30 -5.78 3.12 -6.24
CA PHE A 30 -4.57 2.32 -6.16
C PHE A 30 -4.84 0.88 -6.56
N VAL A 31 -3.91 0.29 -7.32
CA VAL A 31 -4.05 -1.08 -7.77
C VAL A 31 -2.72 -1.81 -7.74
N LEU A 32 -2.68 -2.93 -7.01
CA LEU A 32 -1.46 -3.72 -6.88
C LEU A 32 -1.27 -4.61 -8.10
N VAL A 33 -0.16 -4.41 -8.81
CA VAL A 33 0.15 -5.20 -9.99
C VAL A 33 1.35 -6.11 -9.76
N GLN A 34 1.36 -7.25 -10.45
CA GLN A 34 2.45 -8.21 -10.31
C GLN A 34 3.39 -8.13 -11.50
N VAL A 35 4.61 -7.67 -11.28
CA VAL A 35 5.61 -7.55 -12.33
C VAL A 35 6.35 -8.86 -12.53
N SER A 36 6.89 -9.40 -11.44
CA SER A 36 7.64 -10.65 -11.50
C SER A 36 7.12 -11.64 -10.46
N GLN A 37 7.63 -12.87 -10.50
CA GLN A 37 7.21 -13.90 -9.57
C GLN A 37 7.25 -13.39 -8.13
N TYR A 38 8.27 -12.60 -7.82
CA TYR A 38 8.42 -12.05 -6.48
C TYR A 38 8.58 -10.53 -6.53
N THR A 39 7.95 -9.92 -7.54
CA THR A 39 8.01 -8.47 -7.70
C THR A 39 6.64 -7.89 -7.98
N PHE A 40 6.37 -6.71 -7.41
CA PHE A 40 5.09 -6.05 -7.59
C PHE A 40 5.26 -4.53 -7.61
N ALA A 41 4.25 -3.83 -8.14
CA ALA A 41 4.29 -2.37 -8.22
C ALA A 41 2.91 -1.78 -7.98
N MET A 42 2.88 -0.61 -7.37
CA MET A 42 1.61 0.08 -7.09
C MET A 42 1.25 1.03 -8.22
N CYS A 43 0.33 0.61 -9.08
CA CYS A 43 -0.11 1.44 -10.20
C CYS A 43 -1.47 2.07 -9.92
N SER A 44 -1.52 3.39 -9.96
CA SER A 44 -2.77 4.11 -9.71
C SER A 44 -3.39 4.59 -11.01
N TYR A 45 -4.67 4.27 -11.21
CA TYR A 45 -5.38 4.66 -12.41
C TYR A 45 -6.53 5.62 -12.08
N ARG A 46 -6.24 6.91 -12.11
CA ARG A 46 -7.25 7.92 -11.81
C ARG A 46 -8.39 7.86 -12.81
N GLU A 47 -8.09 8.14 -14.08
CA GLU A 47 -9.10 8.12 -15.13
C GLU A 47 -9.67 6.71 -15.30
N LYS A 48 -10.77 6.62 -16.04
CA LYS A 48 -11.41 5.33 -16.29
C LYS A 48 -10.47 4.38 -17.01
N LYS A 49 -9.84 4.86 -18.08
CA LYS A 49 -8.91 4.04 -18.85
C LYS A 49 -7.78 4.90 -19.40
N ALA A 50 -6.60 4.77 -18.80
CA ALA A 50 -5.44 5.53 -19.24
C ALA A 50 -4.16 4.99 -18.59
N GLU A 51 -3.03 5.61 -18.92
CA GLU A 51 -1.75 5.19 -18.38
C GLU A 51 -1.58 5.68 -16.94
N PRO A 52 -0.89 4.87 -16.12
CA PRO A 52 -0.64 5.20 -14.72
C PRO A 52 0.35 6.35 -14.55
N GLN A 53 -0.01 7.32 -13.71
CA GLN A 53 0.84 8.48 -13.47
C GLN A 53 2.06 8.10 -12.64
N GLU A 54 1.82 7.73 -11.39
CA GLU A 54 2.91 7.35 -10.49
C GLU A 54 2.97 5.82 -10.35
N LEU A 55 4.19 5.30 -10.24
CA LEU A 55 4.39 3.86 -10.10
C LEU A 55 5.52 3.57 -9.12
N LEU A 56 5.21 2.85 -8.05
CA LEU A 56 6.20 2.49 -7.04
C LEU A 56 6.41 0.99 -7.00
N GLN A 57 7.67 0.57 -7.19
CA GLN A 57 8.00 -0.85 -7.17
C GLN A 57 8.29 -1.32 -5.76
N LEU A 58 7.54 -2.32 -5.30
CA LEU A 58 7.71 -2.87 -3.96
C LEU A 58 8.67 -4.06 -3.99
N ASP A 59 9.69 -3.98 -4.82
CA ASP A 59 10.68 -5.05 -4.93
C ASP A 59 11.55 -5.11 -3.68
N GLY A 60 11.61 -4.00 -2.94
CA GLY A 60 12.41 -3.96 -1.73
C GLY A 60 11.70 -3.27 -0.59
N TYR A 61 10.46 -2.85 -0.83
CA TYR A 61 9.67 -2.16 0.18
C TYR A 61 9.14 -3.15 1.23
N THR A 62 9.00 -2.68 2.46
CA THR A 62 8.52 -3.52 3.54
C THR A 62 7.30 -2.90 4.22
N VAL A 63 6.11 -3.35 3.82
CA VAL A 63 4.87 -2.85 4.39
C VAL A 63 4.54 -3.54 5.70
N ASP A 64 3.99 -2.78 6.65
CA ASP A 64 3.62 -3.32 7.95
C ASP A 64 2.79 -2.31 8.74
N TYR A 65 1.82 -2.82 9.49
CA TYR A 65 0.95 -1.97 10.30
C TYR A 65 1.76 -0.97 11.09
N THR A 66 1.32 0.30 11.08
CA THR A 66 2.01 1.35 11.81
C THR A 66 1.02 2.37 12.37
N ASP A 67 1.43 3.09 13.40
CA ASP A 67 0.58 4.09 14.03
C ASP A 67 0.12 5.12 13.01
N PRO A 68 -1.01 5.79 13.30
CA PRO A 68 -1.58 6.81 12.42
C PRO A 68 -0.72 8.08 12.37
N GLN A 69 0.03 8.23 11.29
CA GLN A 69 0.89 9.41 11.13
C GLN A 69 0.19 10.67 11.62
N PRO A 70 0.93 11.51 12.34
CA PRO A 70 0.40 12.76 12.89
C PRO A 70 0.13 13.79 11.80
N GLY A 71 -1.13 13.89 11.37
CA GLY A 71 -1.49 14.83 10.34
C GLY A 71 -2.45 14.24 9.32
N LEU A 72 -2.03 13.16 8.68
CA LEU A 72 -2.87 12.49 7.68
C LEU A 72 -4.27 12.22 8.23
N GLU A 73 -5.22 13.06 7.85
CA GLU A 73 -6.59 12.90 8.30
C GLU A 73 -7.50 12.44 7.16
N GLY A 74 -7.04 11.44 6.41
CA GLY A 74 -7.82 10.94 5.30
C GLY A 74 -8.57 9.66 5.65
N GLY A 75 -7.83 8.63 6.06
CA GLY A 75 -8.45 7.38 6.43
C GLY A 75 -8.19 6.99 7.86
N ARG A 76 -8.56 5.76 8.22
CA ARG A 76 -8.36 5.28 9.59
C ARG A 76 -7.05 4.53 9.71
N ALA A 77 -6.99 3.33 9.12
CA ALA A 77 -5.78 2.51 9.15
C ALA A 77 -4.63 3.19 8.42
N PHE A 78 -3.43 3.07 8.96
CA PHE A 78 -2.25 3.66 8.36
C PHE A 78 -1.12 2.65 8.26
N PHE A 79 -0.71 2.33 7.04
CA PHE A 79 0.37 1.38 6.81
C PHE A 79 1.43 1.97 5.90
N ASN A 80 2.66 2.01 6.38
CA ASN A 80 3.78 2.55 5.61
C ASN A 80 4.80 1.47 5.28
N ALA A 81 5.52 1.64 4.18
CA ALA A 81 6.54 0.69 3.77
C ALA A 81 7.94 1.24 3.98
N VAL A 82 8.90 0.34 4.18
CA VAL A 82 10.28 0.74 4.40
C VAL A 82 11.17 0.31 3.23
N LYS A 83 11.86 1.28 2.63
CA LYS A 83 12.74 1.00 1.50
C LYS A 83 14.19 1.31 1.86
N GLU A 84 15.11 0.68 1.15
CA GLU A 84 16.54 0.88 1.38
C GLU A 84 16.81 2.33 1.80
N GLY A 85 16.21 3.27 1.09
CA GLY A 85 16.40 4.67 1.39
C GLY A 85 15.17 5.51 1.09
N ASP A 86 14.05 4.84 0.87
CA ASP A 86 12.80 5.53 0.57
C ASP A 86 11.72 5.16 1.59
N THR A 87 10.76 6.06 1.78
CA THR A 87 9.68 5.85 2.73
C THR A 87 8.34 6.28 2.14
N VAL A 88 7.32 5.45 2.34
CA VAL A 88 5.99 5.75 1.83
C VAL A 88 4.91 5.33 2.82
N ILE A 89 3.87 6.15 2.95
CA ILE A 89 2.78 5.85 3.86
C ILE A 89 1.48 5.57 3.11
N PHE A 90 0.63 4.73 3.69
CA PHE A 90 -0.63 4.37 3.06
C PHE A 90 -1.75 4.31 4.10
N ALA A 91 -2.99 4.35 3.62
CA ALA A 91 -4.15 4.29 4.52
C ALA A 91 -5.32 3.58 3.85
N SER A 92 -6.40 3.39 4.60
CA SER A 92 -7.59 2.71 4.08
C SER A 92 -8.85 3.26 4.73
N ASP A 93 -10.00 2.88 4.20
CA ASP A 93 -11.28 3.33 4.72
C ASP A 93 -11.64 2.58 6.00
N ASP A 94 -11.18 1.33 6.09
CA ASP A 94 -11.45 0.50 7.27
C ASP A 94 -10.24 -0.34 7.63
N GLU A 95 -10.01 -0.52 8.92
CA GLU A 95 -8.88 -1.30 9.40
C GLU A 95 -8.79 -2.64 8.66
N GLN A 96 -9.93 -3.27 8.45
CA GLN A 96 -9.98 -4.55 7.76
C GLN A 96 -9.22 -4.48 6.43
N ASP A 97 -9.49 -3.46 5.65
CA ASP A 97 -8.83 -3.28 4.36
C ASP A 97 -7.31 -3.35 4.53
N ARG A 98 -6.75 -2.44 5.32
CA ARG A 98 -5.32 -2.39 5.55
C ARG A 98 -4.76 -3.81 5.72
N ILE A 99 -5.48 -4.65 6.47
CA ILE A 99 -5.04 -6.01 6.70
C ILE A 99 -4.88 -6.77 5.39
N LEU A 100 -5.84 -6.60 4.49
CA LEU A 100 -5.80 -7.27 3.20
C LEU A 100 -4.65 -6.74 2.34
N TRP A 101 -4.35 -5.46 2.49
CA TRP A 101 -3.25 -4.84 1.75
C TRP A 101 -1.91 -5.24 2.31
N VAL A 102 -1.83 -5.36 3.64
CA VAL A 102 -0.60 -5.75 4.31
C VAL A 102 -0.26 -7.20 4.04
N GLN A 103 -1.28 -8.05 4.04
CA GLN A 103 -1.09 -9.47 3.79
C GLN A 103 -0.63 -9.73 2.35
N ALA A 104 -1.23 -9.01 1.42
CA ALA A 104 -0.88 -9.14 0.01
C ALA A 104 0.42 -8.42 -0.31
N MET A 105 0.48 -7.14 0.00
CA MET A 105 1.67 -6.34 -0.26
C MET A 105 2.90 -6.97 0.39
N TYR A 106 2.67 -7.71 1.48
CA TYR A 106 3.76 -8.37 2.19
C TYR A 106 4.43 -9.42 1.32
N ARG A 107 3.65 -10.39 0.86
CA ARG A 107 4.16 -11.45 0.03
C ARG A 107 4.76 -10.89 -1.26
N ALA A 108 4.15 -9.81 -1.77
CA ALA A 108 4.62 -9.18 -2.99
C ALA A 108 6.08 -8.78 -2.88
N THR A 109 6.44 -8.17 -1.76
CA THR A 109 7.81 -7.72 -1.52
C THR A 109 8.69 -8.88 -1.07
N GLY A 110 8.17 -9.70 -0.17
CA GLY A 110 8.92 -10.84 0.33
C GLY A 110 9.83 -10.47 1.49
N GLN A 111 9.46 -9.43 2.22
CA GLN A 111 10.24 -8.99 3.36
C GLN A 111 10.60 -10.16 4.27
N SER A 112 11.44 -9.89 5.27
CA SER A 112 11.87 -10.93 6.20
C SER A 112 10.97 -10.95 7.44
N HIS A 113 10.60 -9.77 7.92
CA HIS A 113 9.74 -9.65 9.09
C HIS A 113 8.28 -9.57 8.68
N LYS A 114 7.58 -10.70 8.78
CA LYS A 114 6.16 -10.74 8.41
C LYS A 114 5.34 -9.81 9.29
N PRO A 115 4.41 -9.09 8.67
CA PRO A 115 3.53 -8.15 9.38
C PRO A 115 2.52 -8.85 10.28
N VAL A 116 2.05 -8.14 11.31
CA VAL A 116 1.09 -8.70 12.23
C VAL A 116 0.02 -7.68 12.61
N PRO A 117 -1.25 -8.10 12.57
CA PRO A 117 -2.38 -7.24 12.91
C PRO A 117 -2.44 -6.89 14.38
N PRO A 118 -2.16 -5.62 14.71
CA PRO A 118 -2.17 -5.12 16.09
C PRO A 118 -3.58 -5.07 16.67
N THR A 119 -3.66 -4.94 17.99
CA THR A 119 -4.95 -4.87 18.68
C THR A 119 -4.91 -3.89 19.84
N GLN A 120 -5.80 -2.91 19.80
CA GLN A 120 -5.86 -1.90 20.86
C GLN A 120 -7.15 -2.02 21.65
N SER A 121 -7.02 -2.20 22.96
CA SER A 121 -8.18 -2.34 23.85
C SER A 121 -7.76 -2.30 25.31
N GLY A 122 -8.57 -1.65 26.14
CA GLY A 122 -8.27 -1.56 27.56
C GLY A 122 -9.51 -1.34 28.40
N PRO A 123 -9.32 -1.24 29.72
CA PRO A 123 -10.42 -1.03 30.67
C PRO A 123 -11.02 0.36 30.55
N SER A 124 -11.97 0.51 29.63
CA SER A 124 -12.64 1.79 29.41
C SER A 124 -13.75 2.01 30.44
N SER A 125 -14.12 3.27 30.65
CA SER A 125 -15.17 3.62 31.60
C SER A 125 -16.52 3.11 31.12
N GLY A 126 -17.28 2.49 32.03
CA GLY A 126 -18.58 1.97 31.69
C GLY A 126 -18.52 0.53 31.22
N GLY A 1 9.49 0.95 -16.56
CA GLY A 1 9.48 -0.22 -15.68
C GLY A 1 8.82 -1.41 -16.32
N SER A 2 7.53 -1.27 -16.63
CA SER A 2 6.77 -2.37 -17.24
C SER A 2 5.66 -1.82 -18.14
N SER A 3 5.09 -2.69 -18.96
CA SER A 3 4.02 -2.29 -19.86
C SER A 3 2.83 -3.25 -19.76
N GLY A 4 1.63 -2.69 -19.80
CA GLY A 4 0.43 -3.51 -19.71
C GLY A 4 -0.24 -3.40 -18.36
N SER A 5 -1.48 -3.88 -18.27
CA SER A 5 -2.22 -3.84 -17.01
C SER A 5 -2.74 -5.22 -16.65
N SER A 6 -1.89 -6.23 -16.79
CA SER A 6 -2.26 -7.61 -16.48
C SER A 6 -1.75 -8.00 -15.09
N GLY A 7 -2.64 -8.60 -14.29
CA GLY A 7 -2.26 -9.03 -12.96
C GLY A 7 -2.78 -8.08 -11.89
N MET A 8 -4.05 -8.24 -11.54
CA MET A 8 -4.67 -7.40 -10.51
C MET A 8 -5.12 -8.23 -9.32
N LYS A 9 -4.38 -8.13 -8.22
CA LYS A 9 -4.71 -8.88 -7.01
C LYS A 9 -5.69 -8.10 -6.14
N HIS A 10 -5.37 -6.82 -5.89
CA HIS A 10 -6.22 -5.96 -5.08
C HIS A 10 -6.36 -4.57 -5.69
N SER A 11 -7.37 -3.83 -5.26
CA SER A 11 -7.61 -2.49 -5.77
C SER A 11 -8.52 -1.71 -4.84
N GLY A 12 -8.64 -0.40 -5.09
CA GLY A 12 -9.48 0.44 -4.26
C GLY A 12 -8.82 1.76 -3.92
N TYR A 13 -9.63 2.79 -3.74
CA TYR A 13 -9.12 4.13 -3.42
C TYR A 13 -8.36 4.10 -2.10
N LEU A 14 -7.10 4.54 -2.13
CA LEU A 14 -6.26 4.57 -0.94
C LEU A 14 -5.44 5.86 -0.89
N TRP A 15 -5.08 6.27 0.32
CA TRP A 15 -4.29 7.48 0.51
C TRP A 15 -2.81 7.15 0.70
N ALA A 16 -1.97 7.62 -0.22
CA ALA A 16 -0.54 7.37 -0.15
C ALA A 16 0.25 8.63 -0.48
N ILE A 17 1.45 8.73 0.08
CA ILE A 17 2.31 9.89 -0.16
C ILE A 17 3.78 9.51 -0.05
N GLY A 18 4.53 9.77 -1.11
CA GLY A 18 5.95 9.46 -1.11
C GLY A 18 6.82 10.69 -1.32
N LYS A 19 8.11 10.46 -1.56
CA LYS A 19 9.04 11.56 -1.78
C LYS A 19 9.17 11.88 -3.26
N ASN A 20 9.10 10.85 -4.09
CA ASN A 20 9.21 11.03 -5.54
C ASN A 20 7.83 11.01 -6.20
N VAL A 21 6.95 10.14 -5.70
CA VAL A 21 5.61 10.02 -6.22
C VAL A 21 4.56 10.35 -5.16
N TRP A 22 3.34 10.62 -5.60
CA TRP A 22 2.25 10.94 -4.69
C TRP A 22 2.70 11.97 -3.65
N LYS A 23 3.63 12.82 -4.04
CA LYS A 23 4.14 13.86 -3.16
C LYS A 23 3.02 14.46 -2.32
N ARG A 24 1.80 14.42 -2.85
CA ARG A 24 0.64 14.96 -2.15
C ARG A 24 -0.17 13.85 -1.50
N TRP A 25 -0.86 14.18 -0.42
CA TRP A 25 -1.67 13.20 0.30
C TRP A 25 -3.13 13.26 -0.17
N LYS A 26 -3.45 12.47 -1.18
CA LYS A 26 -4.81 12.44 -1.72
C LYS A 26 -5.26 11.00 -1.93
N LYS A 27 -6.58 10.80 -1.92
CA LYS A 27 -7.14 9.47 -2.12
C LYS A 27 -7.23 9.12 -3.60
N ARG A 28 -6.30 8.28 -4.06
CA ARG A 28 -6.26 7.87 -5.45
C ARG A 28 -6.57 6.38 -5.59
N PHE A 29 -6.88 5.96 -6.81
CA PHE A 29 -7.20 4.55 -7.07
C PHE A 29 -5.92 3.72 -7.19
N PHE A 30 -5.57 3.06 -6.10
CA PHE A 30 -4.37 2.23 -6.08
C PHE A 30 -4.69 0.79 -6.46
N VAL A 31 -3.86 0.21 -7.31
CA VAL A 31 -4.07 -1.18 -7.76
C VAL A 31 -2.76 -1.97 -7.71
N LEU A 32 -2.82 -3.15 -7.10
CA LEU A 32 -1.64 -4.00 -6.98
C LEU A 32 -1.39 -4.76 -8.27
N VAL A 33 -0.21 -4.53 -8.86
CA VAL A 33 0.15 -5.20 -10.11
C VAL A 33 1.36 -6.11 -9.91
N GLN A 34 1.38 -7.22 -10.64
CA GLN A 34 2.48 -8.17 -10.55
C GLN A 34 3.48 -7.97 -11.67
N VAL A 35 4.60 -7.34 -11.36
CA VAL A 35 5.64 -7.08 -12.36
C VAL A 35 6.35 -8.37 -12.75
N SER A 36 6.94 -9.04 -11.76
CA SER A 36 7.65 -10.29 -12.01
C SER A 36 7.15 -11.39 -11.09
N GLN A 37 7.80 -12.55 -11.18
CA GLN A 37 7.42 -13.69 -10.34
C GLN A 37 7.44 -13.32 -8.86
N TYR A 38 8.43 -12.52 -8.48
CA TYR A 38 8.57 -12.09 -7.09
C TYR A 38 8.69 -10.57 -7.00
N THR A 39 7.98 -9.87 -7.88
CA THR A 39 8.02 -8.41 -7.89
C THR A 39 6.63 -7.83 -8.15
N PHE A 40 6.33 -6.72 -7.48
CA PHE A 40 5.04 -6.07 -7.62
C PHE A 40 5.19 -4.55 -7.59
N ALA A 41 4.13 -3.86 -8.01
CA ALA A 41 4.15 -2.40 -8.02
C ALA A 41 2.74 -1.83 -7.86
N MET A 42 2.64 -0.70 -7.16
CA MET A 42 1.35 -0.06 -6.94
C MET A 42 1.05 0.97 -8.02
N CYS A 43 0.22 0.60 -8.98
CA CYS A 43 -0.15 1.50 -10.07
C CYS A 43 -1.42 2.27 -9.74
N SER A 44 -1.37 3.59 -9.92
CA SER A 44 -2.52 4.44 -9.64
C SER A 44 -3.10 5.01 -10.93
N TYR A 45 -4.31 4.58 -11.27
CA TYR A 45 -4.96 5.04 -12.48
C TYR A 45 -6.05 6.07 -12.15
N ARG A 46 -6.16 7.10 -12.98
CA ARG A 46 -7.16 8.14 -12.77
C ARG A 46 -8.15 8.19 -13.94
N GLU A 47 -7.63 8.51 -15.12
CA GLU A 47 -8.47 8.60 -16.31
C GLU A 47 -9.10 7.25 -16.63
N LYS A 48 -10.31 7.28 -17.18
CA LYS A 48 -11.02 6.06 -17.54
C LYS A 48 -10.12 5.10 -18.31
N LYS A 49 -9.28 5.66 -19.18
CA LYS A 49 -8.36 4.86 -19.97
C LYS A 49 -7.10 5.65 -20.32
N ALA A 50 -5.99 5.29 -19.67
CA ALA A 50 -4.72 5.96 -19.91
C ALA A 50 -3.57 5.23 -19.23
N GLU A 51 -2.37 5.79 -19.36
CA GLU A 51 -1.19 5.18 -18.74
C GLU A 51 -1.03 5.65 -17.30
N PRO A 52 -0.55 4.74 -16.43
CA PRO A 52 -0.33 5.05 -15.02
C PRO A 52 0.83 6.00 -14.80
N GLN A 53 0.55 7.12 -14.15
CA GLN A 53 1.58 8.12 -13.87
C GLN A 53 2.50 7.66 -12.75
N GLU A 54 2.00 7.74 -11.51
CA GLU A 54 2.77 7.33 -10.35
C GLU A 54 2.84 5.81 -10.24
N LEU A 55 4.04 5.28 -10.10
CA LEU A 55 4.23 3.83 -9.98
C LEU A 55 5.31 3.51 -8.96
N LEU A 56 4.92 2.85 -7.88
CA LEU A 56 5.85 2.48 -6.82
C LEU A 56 6.13 0.98 -6.83
N GLN A 57 7.39 0.61 -7.01
CA GLN A 57 7.77 -0.79 -7.04
C GLN A 57 8.07 -1.30 -5.64
N LEU A 58 7.35 -2.34 -5.22
CA LEU A 58 7.53 -2.93 -3.90
C LEU A 58 8.63 -3.99 -3.92
N ASP A 59 9.64 -3.76 -4.75
CA ASP A 59 10.76 -4.69 -4.86
C ASP A 59 11.27 -5.11 -3.48
N GLY A 60 11.68 -4.13 -2.68
CA GLY A 60 12.17 -4.42 -1.35
C GLY A 60 11.30 -3.82 -0.26
N TYR A 61 10.53 -2.80 -0.62
CA TYR A 61 9.64 -2.13 0.33
C TYR A 61 9.07 -3.14 1.32
N THR A 62 8.92 -2.70 2.57
CA THR A 62 8.38 -3.56 3.63
C THR A 62 7.17 -2.92 4.29
N VAL A 63 5.98 -3.34 3.90
CA VAL A 63 4.75 -2.80 4.46
C VAL A 63 4.41 -3.49 5.77
N ASP A 64 3.97 -2.71 6.76
CA ASP A 64 3.60 -3.24 8.06
C ASP A 64 2.80 -2.23 8.86
N TYR A 65 1.93 -2.72 9.74
CA TYR A 65 1.11 -1.85 10.57
C TYR A 65 1.97 -0.83 11.31
N THR A 66 1.51 0.42 11.33
CA THR A 66 2.23 1.49 12.02
C THR A 66 1.27 2.49 12.63
N ASP A 67 1.82 3.42 13.42
CA ASP A 67 1.00 4.43 14.07
C ASP A 67 0.64 5.54 13.09
N PRO A 68 -0.43 6.30 13.42
CA PRO A 68 -0.91 7.40 12.58
C PRO A 68 0.05 8.58 12.56
N GLN A 69 0.53 8.94 11.38
CA GLN A 69 1.45 10.05 11.24
C GLN A 69 0.77 11.38 11.58
N PRO A 70 1.52 12.28 12.23
CA PRO A 70 1.01 13.59 12.64
C PRO A 70 0.77 14.51 11.45
N GLY A 71 -0.48 14.62 11.02
CA GLY A 71 -0.82 15.46 9.90
C GLY A 71 -1.83 14.82 8.97
N LEU A 72 -1.49 13.65 8.44
CA LEU A 72 -2.38 12.93 7.54
C LEU A 72 -3.75 12.69 8.18
N GLU A 73 -4.79 13.25 7.56
CA GLU A 73 -6.14 13.10 8.08
C GLU A 73 -7.04 12.39 7.05
N GLY A 74 -6.49 11.39 6.38
CA GLY A 74 -7.25 10.66 5.39
C GLY A 74 -7.23 9.16 5.63
N GLY A 75 -8.31 8.65 6.22
CA GLY A 75 -8.40 7.22 6.49
C GLY A 75 -8.19 6.91 7.96
N ARG A 76 -8.58 5.71 8.36
CA ARG A 76 -8.43 5.28 9.75
C ARG A 76 -7.16 4.47 9.95
N ALA A 77 -6.95 3.48 9.08
CA ALA A 77 -5.77 2.62 9.16
C ALA A 77 -4.56 3.33 8.57
N PHE A 78 -3.40 3.11 9.18
CA PHE A 78 -2.16 3.72 8.72
C PHE A 78 -1.08 2.67 8.50
N PHE A 79 -0.74 2.43 7.24
CA PHE A 79 0.28 1.44 6.89
C PHE A 79 1.30 2.03 5.93
N ASN A 80 2.58 2.01 6.33
CA ASN A 80 3.65 2.54 5.49
C ASN A 80 4.71 1.48 5.24
N ALA A 81 5.47 1.66 4.16
CA ALA A 81 6.52 0.73 3.81
C ALA A 81 7.90 1.36 3.97
N VAL A 82 8.91 0.53 4.23
CA VAL A 82 10.27 1.01 4.41
C VAL A 82 11.19 0.48 3.31
N LYS A 83 11.89 1.39 2.64
CA LYS A 83 12.81 1.02 1.57
C LYS A 83 14.24 1.40 1.92
N GLU A 84 15.20 0.72 1.29
CA GLU A 84 16.61 1.00 1.53
C GLU A 84 16.83 2.48 1.83
N GLY A 85 16.34 3.33 0.94
CA GLY A 85 16.50 4.77 1.11
C GLY A 85 15.24 5.53 0.78
N ASP A 86 14.11 4.82 0.68
CA ASP A 86 12.84 5.45 0.36
C ASP A 86 11.78 5.09 1.39
N THR A 87 10.83 5.99 1.60
CA THR A 87 9.76 5.77 2.56
C THR A 87 8.41 6.24 2.01
N VAL A 88 7.42 5.36 2.07
CA VAL A 88 6.08 5.69 1.59
C VAL A 88 5.01 5.27 2.59
N ILE A 89 4.00 6.11 2.76
CA ILE A 89 2.91 5.82 3.68
C ILE A 89 1.62 5.54 2.94
N PHE A 90 0.77 4.70 3.54
CA PHE A 90 -0.51 4.34 2.93
C PHE A 90 -1.61 4.30 3.98
N ALA A 91 -2.86 4.45 3.52
CA ALA A 91 -4.00 4.42 4.42
C ALA A 91 -5.23 3.82 3.73
N SER A 92 -6.19 3.37 4.53
CA SER A 92 -7.40 2.77 3.99
C SER A 92 -8.64 3.33 4.69
N ASP A 93 -9.79 3.18 4.05
CA ASP A 93 -11.05 3.68 4.60
C ASP A 93 -11.56 2.75 5.71
N ASP A 94 -11.31 1.46 5.55
CA ASP A 94 -11.74 0.47 6.53
C ASP A 94 -10.54 -0.25 7.14
N GLU A 95 -10.67 -0.64 8.41
CA GLU A 95 -9.59 -1.33 9.10
C GLU A 95 -9.26 -2.65 8.42
N GLN A 96 -10.29 -3.48 8.19
CA GLN A 96 -10.11 -4.77 7.55
C GLN A 96 -9.25 -4.63 6.29
N ASP A 97 -9.56 -3.62 5.47
CA ASP A 97 -8.82 -3.39 4.24
C ASP A 97 -7.32 -3.41 4.50
N ARG A 98 -6.86 -2.58 5.45
CA ARG A 98 -5.45 -2.51 5.79
C ARG A 98 -4.83 -3.89 5.84
N ILE A 99 -5.37 -4.76 6.69
CA ILE A 99 -4.87 -6.11 6.84
C ILE A 99 -4.72 -6.79 5.48
N LEU A 100 -5.79 -6.77 4.70
CA LEU A 100 -5.79 -7.39 3.37
C LEU A 100 -4.62 -6.89 2.55
N TRP A 101 -4.44 -5.58 2.51
CA TRP A 101 -3.35 -4.97 1.76
C TRP A 101 -1.99 -5.35 2.36
N VAL A 102 -1.94 -5.44 3.68
CA VAL A 102 -0.72 -5.80 4.37
C VAL A 102 -0.34 -7.26 4.11
N GLN A 103 -1.35 -8.11 3.99
CA GLN A 103 -1.12 -9.53 3.73
C GLN A 103 -0.64 -9.75 2.30
N ALA A 104 -1.23 -9.03 1.36
CA ALA A 104 -0.85 -9.14 -0.04
C ALA A 104 0.46 -8.41 -0.33
N MET A 105 0.51 -7.14 0.04
CA MET A 105 1.71 -6.32 -0.17
C MET A 105 2.93 -6.96 0.49
N TYR A 106 2.70 -7.64 1.62
CA TYR A 106 3.76 -8.30 2.35
C TYR A 106 4.47 -9.35 1.48
N ARG A 107 3.71 -10.34 1.04
CA ARG A 107 4.25 -11.39 0.20
C ARG A 107 4.80 -10.83 -1.10
N ALA A 108 4.17 -9.76 -1.59
CA ALA A 108 4.60 -9.12 -2.83
C ALA A 108 6.06 -8.68 -2.75
N THR A 109 6.42 -8.05 -1.63
CA THR A 109 7.78 -7.58 -1.43
C THR A 109 8.70 -8.72 -1.02
N GLY A 110 8.22 -9.56 -0.11
CA GLY A 110 9.02 -10.68 0.36
C GLY A 110 9.96 -10.30 1.49
N GLN A 111 9.53 -9.34 2.30
CA GLN A 111 10.34 -8.88 3.43
C GLN A 111 10.74 -10.05 4.32
N SER A 112 11.42 -9.74 5.42
CA SER A 112 11.86 -10.77 6.36
C SER A 112 10.95 -10.81 7.59
N HIS A 113 10.51 -9.64 8.03
CA HIS A 113 9.64 -9.54 9.20
C HIS A 113 8.17 -9.54 8.77
N LYS A 114 7.47 -10.63 9.06
CA LYS A 114 6.07 -10.75 8.71
C LYS A 114 5.21 -9.83 9.56
N PRO A 115 4.31 -9.08 8.91
CA PRO A 115 3.41 -8.14 9.59
C PRO A 115 2.35 -8.86 10.41
N VAL A 116 2.03 -8.29 11.58
CA VAL A 116 1.03 -8.88 12.46
C VAL A 116 0.01 -7.84 12.89
N PRO A 117 -1.28 -8.21 12.81
CA PRO A 117 -2.39 -7.32 13.19
C PRO A 117 -2.45 -7.08 14.69
N PRO A 118 -2.35 -5.80 15.09
CA PRO A 118 -2.40 -5.41 16.50
C PRO A 118 -3.78 -5.59 17.12
N THR A 119 -3.91 -5.25 18.39
CA THR A 119 -5.17 -5.37 19.09
C THR A 119 -5.93 -4.05 19.09
N GLN A 120 -6.74 -3.84 18.05
CA GLN A 120 -7.53 -2.61 17.94
C GLN A 120 -8.92 -2.80 18.54
N SER A 121 -9.00 -2.69 19.86
CA SER A 121 -10.27 -2.85 20.56
C SER A 121 -10.80 -1.49 21.03
N GLY A 122 -12.01 -1.15 20.60
CA GLY A 122 -12.62 0.11 20.99
C GLY A 122 -12.74 0.25 22.49
N PRO A 123 -13.27 1.40 22.93
CA PRO A 123 -13.47 1.68 24.36
C PRO A 123 -14.56 0.82 24.98
N SER A 124 -14.24 0.16 26.08
CA SER A 124 -15.18 -0.71 26.77
C SER A 124 -15.31 -0.32 28.24
N SER A 125 -14.16 -0.15 28.89
CA SER A 125 -14.14 0.23 30.31
C SER A 125 -13.46 1.58 30.51
N GLY A 126 -12.28 1.73 29.89
CA GLY A 126 -11.54 2.98 30.02
C GLY A 126 -10.04 2.76 30.08
N GLY A 1 6.17 -9.22 -19.17
CA GLY A 1 5.41 -8.38 -20.09
C GLY A 1 4.28 -9.13 -20.74
N SER A 2 3.06 -8.66 -20.53
CA SER A 2 1.88 -9.30 -21.11
C SER A 2 0.93 -8.27 -21.70
N SER A 3 0.02 -8.72 -22.55
CA SER A 3 -0.94 -7.83 -23.20
C SER A 3 -2.36 -8.12 -22.70
N GLY A 4 -2.73 -9.40 -22.71
CA GLY A 4 -4.05 -9.79 -22.27
C GLY A 4 -4.27 -9.52 -20.79
N SER A 5 -3.70 -10.38 -19.94
CA SER A 5 -3.85 -10.23 -18.50
C SER A 5 -2.51 -9.88 -17.85
N SER A 6 -2.55 -9.05 -16.82
CA SER A 6 -1.34 -8.63 -16.12
C SER A 6 -1.29 -9.24 -14.72
N GLY A 7 -2.39 -9.10 -13.98
CA GLY A 7 -2.44 -9.65 -12.64
C GLY A 7 -2.95 -8.65 -11.63
N MET A 8 -4.10 -8.93 -11.04
CA MET A 8 -4.70 -8.03 -10.05
C MET A 8 -4.97 -8.78 -8.74
N LYS A 9 -4.69 -8.12 -7.62
CA LYS A 9 -4.91 -8.72 -6.31
C LYS A 9 -5.82 -7.85 -5.46
N HIS A 10 -5.47 -6.58 -5.34
CA HIS A 10 -6.26 -5.63 -4.56
C HIS A 10 -6.35 -4.28 -5.25
N SER A 11 -7.56 -3.73 -5.35
CA SER A 11 -7.77 -2.45 -5.99
C SER A 11 -8.77 -1.61 -5.21
N GLY A 12 -8.56 -0.29 -5.20
CA GLY A 12 -9.45 0.59 -4.48
C GLY A 12 -8.78 1.89 -4.09
N TYR A 13 -9.58 2.88 -3.71
CA TYR A 13 -9.05 4.18 -3.29
C TYR A 13 -8.24 4.06 -2.01
N LEU A 14 -7.08 4.72 -1.99
CA LEU A 14 -6.21 4.69 -0.82
C LEU A 14 -5.36 5.96 -0.74
N TRP A 15 -5.11 6.41 0.48
CA TRP A 15 -4.31 7.62 0.69
C TRP A 15 -2.84 7.27 0.87
N ALA A 16 -2.01 7.73 -0.05
CA ALA A 16 -0.57 7.47 0.02
C ALA A 16 0.22 8.71 -0.36
N ILE A 17 1.46 8.79 0.14
CA ILE A 17 2.33 9.92 -0.14
C ILE A 17 3.80 9.50 -0.13
N GLY A 18 4.52 9.88 -1.18
CA GLY A 18 5.92 9.54 -1.28
C GLY A 18 6.80 10.75 -1.48
N LYS A 19 8.10 10.52 -1.62
CA LYS A 19 9.06 11.61 -1.82
C LYS A 19 9.19 11.96 -3.31
N ASN A 20 9.28 10.93 -4.14
CA ASN A 20 9.41 11.13 -5.58
C ASN A 20 8.05 11.07 -6.26
N VAL A 21 7.14 10.26 -5.70
CA VAL A 21 5.81 10.11 -6.25
C VAL A 21 4.75 10.36 -5.18
N TRP A 22 3.56 10.78 -5.62
CA TRP A 22 2.46 11.04 -4.70
C TRP A 22 2.87 12.04 -3.64
N LYS A 23 3.77 12.96 -4.00
CA LYS A 23 4.24 13.98 -3.07
C LYS A 23 3.08 14.60 -2.30
N ARG A 24 1.90 14.60 -2.91
CA ARG A 24 0.71 15.16 -2.28
C ARG A 24 -0.14 14.07 -1.65
N TRP A 25 -0.72 14.38 -0.49
CA TRP A 25 -1.56 13.42 0.22
C TRP A 25 -3.01 13.51 -0.24
N LYS A 26 -3.38 12.65 -1.18
CA LYS A 26 -4.73 12.63 -1.71
C LYS A 26 -5.21 11.20 -1.94
N LYS A 27 -6.52 11.01 -1.96
CA LYS A 27 -7.11 9.69 -2.18
C LYS A 27 -7.20 9.39 -3.67
N ARG A 28 -6.49 8.34 -4.10
CA ARG A 28 -6.49 7.94 -5.51
C ARG A 28 -6.64 6.43 -5.63
N PHE A 29 -7.12 5.99 -6.79
CA PHE A 29 -7.31 4.56 -7.04
C PHE A 29 -5.97 3.84 -7.14
N PHE A 30 -5.76 2.87 -6.26
CA PHE A 30 -4.52 2.10 -6.25
C PHE A 30 -4.77 0.65 -6.65
N VAL A 31 -3.87 0.09 -7.45
CA VAL A 31 -3.99 -1.28 -7.90
C VAL A 31 -2.67 -2.02 -7.77
N LEU A 32 -2.73 -3.24 -7.22
CA LEU A 32 -1.53 -4.05 -7.03
C LEU A 32 -1.25 -4.90 -8.27
N VAL A 33 -0.25 -4.50 -9.04
CA VAL A 33 0.11 -5.23 -10.25
C VAL A 33 1.35 -6.10 -10.01
N GLN A 34 1.29 -7.34 -10.51
CA GLN A 34 2.40 -8.27 -10.35
C GLN A 34 3.36 -8.18 -11.53
N VAL A 35 4.42 -7.39 -11.38
CA VAL A 35 5.41 -7.22 -12.44
C VAL A 35 6.15 -8.52 -12.71
N SER A 36 6.85 -9.03 -11.69
CA SER A 36 7.61 -10.27 -11.83
C SER A 36 7.04 -11.34 -10.91
N GLN A 37 7.48 -12.58 -11.12
CA GLN A 37 7.02 -13.70 -10.30
C GLN A 37 7.16 -13.38 -8.82
N TYR A 38 8.13 -12.55 -8.48
CA TYR A 38 8.36 -12.16 -7.09
C TYR A 38 8.54 -10.65 -6.96
N THR A 39 7.96 -9.91 -7.91
CA THR A 39 8.05 -8.46 -7.90
C THR A 39 6.71 -7.82 -8.24
N PHE A 40 6.30 -6.83 -7.45
CA PHE A 40 5.04 -6.15 -7.66
C PHE A 40 5.23 -4.63 -7.66
N ALA A 41 4.21 -3.91 -8.07
CA ALA A 41 4.26 -2.45 -8.12
C ALA A 41 2.89 -1.83 -7.90
N MET A 42 2.84 -0.69 -7.24
CA MET A 42 1.59 0.00 -6.97
C MET A 42 1.28 1.01 -8.07
N CYS A 43 0.35 0.65 -8.96
CA CYS A 43 -0.04 1.52 -10.05
C CYS A 43 -1.28 2.33 -9.70
N SER A 44 -1.12 3.65 -9.65
CA SER A 44 -2.23 4.53 -9.32
C SER A 44 -2.86 5.12 -10.58
N TYR A 45 -4.18 5.02 -10.66
CA TYR A 45 -4.92 5.53 -11.82
C TYR A 45 -5.86 6.65 -11.41
N ARG A 46 -5.67 7.83 -11.99
CA ARG A 46 -6.50 8.98 -11.69
C ARG A 46 -7.70 9.05 -12.63
N GLU A 47 -7.44 8.81 -13.91
CA GLU A 47 -8.49 8.85 -14.93
C GLU A 47 -9.25 7.53 -14.98
N LYS A 48 -10.32 7.49 -15.77
CA LYS A 48 -11.12 6.29 -15.91
C LYS A 48 -10.24 5.09 -16.30
N LYS A 49 -9.42 5.28 -17.33
CA LYS A 49 -8.53 4.22 -17.80
C LYS A 49 -7.40 4.80 -18.64
N ALA A 50 -6.20 4.86 -18.07
CA ALA A 50 -5.04 5.39 -18.78
C ALA A 50 -3.75 4.99 -18.07
N GLU A 51 -2.64 5.05 -18.81
CA GLU A 51 -1.34 4.70 -18.25
C GLU A 51 -1.12 5.37 -16.90
N PRO A 52 -0.47 4.64 -15.98
CA PRO A 52 -0.19 5.15 -14.63
C PRO A 52 0.86 6.26 -14.64
N GLN A 53 0.60 7.31 -13.86
CA GLN A 53 1.51 8.44 -13.78
C GLN A 53 2.51 8.25 -12.63
N GLU A 54 2.08 7.55 -11.60
CA GLU A 54 2.93 7.30 -10.44
C GLU A 54 2.98 5.81 -10.11
N LEU A 55 4.14 5.20 -10.35
CA LEU A 55 4.32 3.77 -10.07
C LEU A 55 5.43 3.55 -9.06
N LEU A 56 5.13 2.79 -8.01
CA LEU A 56 6.09 2.50 -6.97
C LEU A 56 6.35 1.00 -6.85
N GLN A 57 7.53 0.57 -7.25
CA GLN A 57 7.90 -0.84 -7.19
C GLN A 57 8.19 -1.28 -5.76
N LEU A 58 7.46 -2.29 -5.29
CA LEU A 58 7.64 -2.79 -3.93
C LEU A 58 8.64 -3.93 -3.91
N ASP A 59 9.69 -3.81 -4.71
CA ASP A 59 10.73 -4.83 -4.78
C ASP A 59 11.57 -4.83 -3.52
N GLY A 60 11.73 -3.66 -2.91
CA GLY A 60 12.51 -3.55 -1.70
C GLY A 60 11.77 -2.84 -0.59
N TYR A 61 10.45 -2.68 -0.76
CA TYR A 61 9.64 -2.01 0.24
C TYR A 61 9.10 -3.00 1.26
N THR A 62 8.99 -2.55 2.51
CA THR A 62 8.50 -3.39 3.59
C THR A 62 7.27 -2.77 4.25
N VAL A 63 6.09 -3.22 3.81
CA VAL A 63 4.84 -2.71 4.36
C VAL A 63 4.47 -3.42 5.66
N ASP A 64 3.89 -2.68 6.59
CA ASP A 64 3.49 -3.25 7.88
C ASP A 64 2.61 -2.28 8.65
N TYR A 65 2.01 -2.76 9.73
CA TYR A 65 1.13 -1.93 10.55
C TYR A 65 1.94 -0.94 11.37
N THR A 66 1.49 0.31 11.39
CA THR A 66 2.16 1.37 12.13
C THR A 66 1.16 2.39 12.68
N ASP A 67 1.54 3.06 13.76
CA ASP A 67 0.68 4.06 14.38
C ASP A 67 0.35 5.19 13.39
N PRO A 68 -0.73 5.91 13.67
CA PRO A 68 -1.18 7.03 12.82
C PRO A 68 -0.24 8.23 12.89
N GLN A 69 0.40 8.53 11.76
CA GLN A 69 1.34 9.65 11.70
C GLN A 69 0.61 10.97 11.97
N PRO A 70 1.30 11.88 12.67
CA PRO A 70 0.76 13.20 13.01
C PRO A 70 0.61 14.10 11.79
N GLY A 71 -0.62 14.37 11.40
CA GLY A 71 -0.88 15.22 10.24
C GLY A 71 -1.88 14.61 9.28
N LEU A 72 -1.48 13.50 8.66
CA LEU A 72 -2.35 12.81 7.71
C LEU A 72 -3.73 12.57 8.30
N GLU A 73 -4.73 13.26 7.76
CA GLU A 73 -6.10 13.11 8.22
C GLU A 73 -6.96 12.38 7.20
N GLY A 74 -6.36 11.39 6.54
CA GLY A 74 -7.10 10.63 5.54
C GLY A 74 -7.07 9.14 5.82
N GLY A 75 -8.25 8.53 5.88
CA GLY A 75 -8.35 7.11 6.14
C GLY A 75 -8.18 6.78 7.61
N ARG A 76 -8.64 5.60 8.01
CA ARG A 76 -8.54 5.16 9.39
C ARG A 76 -7.28 4.34 9.62
N ALA A 77 -7.07 3.35 8.75
CA ALA A 77 -5.90 2.49 8.86
C ALA A 77 -4.65 3.21 8.40
N PHE A 78 -3.51 2.85 8.99
CA PHE A 78 -2.23 3.47 8.65
C PHE A 78 -1.17 2.40 8.40
N PHE A 79 -0.74 2.28 7.15
CA PHE A 79 0.28 1.30 6.78
C PHE A 79 1.32 1.92 5.85
N ASN A 80 2.57 1.92 6.29
CA ASN A 80 3.66 2.49 5.50
C ASN A 80 4.69 1.42 5.15
N ALA A 81 5.48 1.69 4.11
CA ALA A 81 6.50 0.74 3.67
C ALA A 81 7.89 1.34 3.85
N VAL A 82 8.86 0.49 4.19
CA VAL A 82 10.23 0.92 4.38
C VAL A 82 11.13 0.48 3.23
N LYS A 83 11.94 1.40 2.73
CA LYS A 83 12.84 1.12 1.63
C LYS A 83 14.28 1.47 1.99
N GLU A 84 15.24 0.80 1.34
CA GLU A 84 16.65 1.05 1.60
C GLU A 84 16.89 2.52 1.92
N GLY A 85 16.35 3.40 1.08
CA GLY A 85 16.52 4.83 1.28
C GLY A 85 15.28 5.62 0.94
N ASP A 86 14.15 4.92 0.84
CA ASP A 86 12.88 5.57 0.51
C ASP A 86 11.82 5.22 1.54
N THR A 87 10.85 6.12 1.71
CA THR A 87 9.77 5.91 2.66
C THR A 87 8.43 6.36 2.08
N VAL A 88 7.42 5.50 2.21
CA VAL A 88 6.09 5.81 1.69
C VAL A 88 5.01 5.35 2.67
N ILE A 89 3.98 6.18 2.84
CA ILE A 89 2.88 5.86 3.74
C ILE A 89 1.60 5.59 2.97
N PHE A 90 0.72 4.78 3.55
CA PHE A 90 -0.55 4.44 2.91
C PHE A 90 -1.68 4.38 3.94
N ALA A 91 -2.91 4.51 3.47
CA ALA A 91 -4.07 4.47 4.34
C ALA A 91 -5.28 3.86 3.63
N SER A 92 -6.24 3.38 4.41
CA SER A 92 -7.44 2.77 3.86
C SER A 92 -8.69 3.35 4.50
N ASP A 93 -9.85 2.94 4.00
CA ASP A 93 -11.12 3.42 4.52
C ASP A 93 -11.46 2.74 5.84
N ASP A 94 -11.02 1.49 5.99
CA ASP A 94 -11.27 0.72 7.21
C ASP A 94 -10.10 -0.20 7.53
N GLU A 95 -9.95 -0.53 8.80
CA GLU A 95 -8.86 -1.40 9.23
C GLU A 95 -9.00 -2.79 8.62
N GLN A 96 -10.18 -3.37 8.75
CA GLN A 96 -10.45 -4.70 8.21
C GLN A 96 -9.93 -4.81 6.78
N ASP A 97 -9.81 -3.67 6.10
CA ASP A 97 -9.33 -3.64 4.73
C ASP A 97 -7.81 -3.56 4.68
N ARG A 98 -7.23 -2.77 5.59
CA ARG A 98 -5.79 -2.61 5.66
C ARG A 98 -5.09 -3.96 5.74
N ILE A 99 -5.63 -4.85 6.56
CA ILE A 99 -5.05 -6.18 6.72
C ILE A 99 -4.89 -6.89 5.38
N LEU A 100 -6.00 -6.99 4.65
CA LEU A 100 -5.98 -7.64 3.34
C LEU A 100 -4.84 -7.10 2.48
N TRP A 101 -4.60 -5.80 2.56
CA TRP A 101 -3.54 -5.16 1.80
C TRP A 101 -2.16 -5.53 2.36
N VAL A 102 -2.02 -5.43 3.67
CA VAL A 102 -0.76 -5.76 4.33
C VAL A 102 -0.30 -7.17 3.99
N GLN A 103 -1.22 -8.13 4.15
CA GLN A 103 -0.91 -9.53 3.86
C GLN A 103 -0.36 -9.67 2.44
N ALA A 104 -1.04 -9.08 1.47
CA ALA A 104 -0.61 -9.15 0.09
C ALA A 104 0.68 -8.36 -0.14
N MET A 105 0.61 -7.05 0.06
CA MET A 105 1.78 -6.19 -0.12
C MET A 105 2.99 -6.77 0.57
N TYR A 106 2.76 -7.56 1.62
CA TYR A 106 3.84 -8.19 2.36
C TYR A 106 4.55 -9.23 1.52
N ARG A 107 3.80 -10.25 1.10
CA ARG A 107 4.36 -11.33 0.29
C ARG A 107 4.94 -10.78 -1.01
N ALA A 108 4.25 -9.80 -1.60
CA ALA A 108 4.70 -9.19 -2.84
C ALA A 108 6.17 -8.80 -2.76
N THR A 109 6.53 -8.06 -1.72
CA THR A 109 7.91 -7.63 -1.53
C THR A 109 8.79 -8.78 -1.06
N GLY A 110 8.31 -9.53 -0.08
CA GLY A 110 9.06 -10.64 0.44
C GLY A 110 9.95 -10.26 1.61
N GLN A 111 9.55 -9.21 2.33
CA GLN A 111 10.31 -8.73 3.47
C GLN A 111 10.59 -9.86 4.46
N SER A 112 11.35 -9.56 5.51
CA SER A 112 11.67 -10.56 6.53
C SER A 112 10.80 -10.38 7.76
N HIS A 113 10.55 -9.12 8.12
CA HIS A 113 9.72 -8.82 9.29
C HIS A 113 8.25 -8.93 8.95
N LYS A 114 7.69 -10.12 9.14
CA LYS A 114 6.28 -10.36 8.86
C LYS A 114 5.40 -9.41 9.67
N PRO A 115 4.50 -8.70 8.96
CA PRO A 115 3.58 -7.74 9.59
C PRO A 115 2.52 -8.43 10.44
N VAL A 116 2.26 -7.88 11.63
CA VAL A 116 1.28 -8.45 12.53
C VAL A 116 0.20 -7.42 12.87
N PRO A 117 -1.07 -7.78 12.60
CA PRO A 117 -2.21 -6.91 12.88
C PRO A 117 -2.48 -6.74 14.37
N PRO A 118 -2.54 -5.47 14.81
CA PRO A 118 -2.79 -5.14 16.23
C PRO A 118 -4.21 -5.48 16.65
N THR A 119 -4.42 -5.55 17.96
CA THR A 119 -5.74 -5.86 18.51
C THR A 119 -6.38 -7.02 17.76
N GLN A 120 -5.60 -8.08 17.54
CA GLN A 120 -6.10 -9.26 16.84
C GLN A 120 -7.47 -9.65 17.35
N SER A 121 -8.34 -10.10 16.44
CA SER A 121 -9.69 -10.51 16.79
C SER A 121 -9.67 -11.48 17.97
N GLY A 122 -9.03 -12.62 17.78
CA GLY A 122 -8.94 -13.61 18.85
C GLY A 122 -7.65 -14.40 18.80
N PRO A 123 -7.22 -14.88 19.98
CA PRO A 123 -5.98 -15.66 20.09
C PRO A 123 -6.10 -17.04 19.45
N SER A 124 -7.31 -17.39 19.04
CA SER A 124 -7.55 -18.68 18.41
C SER A 124 -7.06 -19.83 19.29
N SER A 125 -7.01 -19.58 20.60
CA SER A 125 -6.55 -20.58 21.56
C SER A 125 -7.16 -21.94 21.24
N GLY A 126 -8.40 -21.94 20.78
CA GLY A 126 -9.07 -23.18 20.45
C GLY A 126 -10.57 -23.10 20.65
N GLY A 1 6.89 -18.29 -14.74
CA GLY A 1 6.12 -19.50 -14.55
C GLY A 1 5.25 -19.84 -15.73
N SER A 2 4.05 -20.34 -15.47
CA SER A 2 3.12 -20.72 -16.53
C SER A 2 2.14 -19.58 -16.82
N SER A 3 1.94 -19.30 -18.10
CA SER A 3 1.04 -18.23 -18.52
C SER A 3 -0.38 -18.49 -18.01
N GLY A 4 -1.06 -17.42 -17.62
CA GLY A 4 -2.42 -17.55 -17.12
C GLY A 4 -2.49 -17.33 -15.62
N SER A 5 -1.88 -16.26 -15.15
CA SER A 5 -1.89 -15.93 -13.72
C SER A 5 -2.54 -14.58 -13.47
N SER A 6 -3.52 -14.55 -12.58
CA SER A 6 -4.23 -13.32 -12.25
C SER A 6 -3.25 -12.18 -12.02
N GLY A 7 -3.42 -11.10 -12.78
CA GLY A 7 -2.56 -9.95 -12.65
C GLY A 7 -2.91 -9.08 -11.47
N MET A 8 -4.11 -8.51 -11.49
CA MET A 8 -4.57 -7.65 -10.41
C MET A 8 -4.83 -8.45 -9.14
N LYS A 9 -4.37 -7.94 -8.01
CA LYS A 9 -4.55 -8.60 -6.73
C LYS A 9 -5.62 -7.92 -5.90
N HIS A 10 -5.53 -6.60 -5.80
CA HIS A 10 -6.49 -5.82 -5.03
C HIS A 10 -6.47 -4.36 -5.47
N SER A 11 -7.65 -3.81 -5.72
CA SER A 11 -7.77 -2.41 -6.14
C SER A 11 -8.75 -1.65 -5.26
N GLY A 12 -8.54 -0.35 -5.13
CA GLY A 12 -9.41 0.47 -4.31
C GLY A 12 -8.78 1.81 -3.95
N TYR A 13 -9.62 2.81 -3.73
CA TYR A 13 -9.14 4.14 -3.39
C TYR A 13 -8.37 4.13 -2.07
N LEU A 14 -7.12 4.58 -2.13
CA LEU A 14 -6.27 4.62 -0.94
C LEU A 14 -5.44 5.90 -0.90
N TRP A 15 -4.97 6.25 0.29
CA TRP A 15 -4.16 7.46 0.46
C TRP A 15 -2.69 7.12 0.63
N ALA A 16 -1.86 7.65 -0.25
CA ALA A 16 -0.43 7.40 -0.20
C ALA A 16 0.37 8.66 -0.54
N ILE A 17 1.55 8.78 0.05
CA ILE A 17 2.41 9.95 -0.19
C ILE A 17 3.88 9.57 -0.08
N GLY A 18 4.62 9.83 -1.15
CA GLY A 18 6.04 9.51 -1.15
C GLY A 18 6.91 10.74 -1.37
N LYS A 19 8.16 10.52 -1.76
CA LYS A 19 9.09 11.61 -2.00
C LYS A 19 9.18 11.93 -3.50
N ASN A 20 9.29 10.89 -4.31
CA ASN A 20 9.39 11.05 -5.76
C ASN A 20 8.00 11.09 -6.39
N VAL A 21 7.11 10.23 -5.91
CA VAL A 21 5.75 10.17 -6.44
C VAL A 21 4.72 10.43 -5.34
N TRP A 22 3.52 10.79 -5.74
CA TRP A 22 2.44 11.06 -4.78
C TRP A 22 2.91 12.05 -3.72
N LYS A 23 3.83 12.94 -4.09
CA LYS A 23 4.35 13.93 -3.17
C LYS A 23 3.23 14.54 -2.33
N ARG A 24 2.02 14.55 -2.89
CA ARG A 24 0.87 15.11 -2.19
C ARG A 24 0.02 14.00 -1.58
N TRP A 25 -0.66 14.32 -0.47
CA TRP A 25 -1.50 13.34 0.21
C TRP A 25 -2.92 13.38 -0.36
N LYS A 26 -3.15 12.61 -1.43
CA LYS A 26 -4.45 12.54 -2.06
C LYS A 26 -4.93 11.10 -2.19
N LYS A 27 -6.24 10.92 -2.28
CA LYS A 27 -6.82 9.59 -2.42
C LYS A 27 -7.16 9.28 -3.88
N ARG A 28 -6.47 8.29 -4.45
CA ARG A 28 -6.70 7.90 -5.83
C ARG A 28 -6.82 6.39 -5.95
N PHE A 29 -7.26 5.93 -7.12
CA PHE A 29 -7.42 4.50 -7.37
C PHE A 29 -6.06 3.80 -7.42
N PHE A 30 -5.84 2.90 -6.46
CA PHE A 30 -4.59 2.16 -6.39
C PHE A 30 -4.81 0.68 -6.71
N VAL A 31 -4.07 0.18 -7.69
CA VAL A 31 -4.17 -1.22 -8.10
C VAL A 31 -2.86 -1.96 -7.91
N LEU A 32 -2.93 -3.15 -7.31
CA LEU A 32 -1.73 -3.95 -7.07
C LEU A 32 -1.37 -4.76 -8.30
N VAL A 33 -0.22 -4.46 -8.89
CA VAL A 33 0.25 -5.17 -10.08
C VAL A 33 1.40 -6.11 -9.73
N GLN A 34 1.45 -7.24 -10.42
CA GLN A 34 2.51 -8.23 -10.20
C GLN A 34 3.56 -8.16 -11.28
N VAL A 35 4.56 -7.30 -11.08
CA VAL A 35 5.65 -7.14 -12.04
C VAL A 35 6.28 -8.48 -12.38
N SER A 36 6.72 -9.21 -11.36
CA SER A 36 7.35 -10.51 -11.56
C SER A 36 6.94 -11.48 -10.46
N GLN A 37 7.53 -12.67 -10.48
CA GLN A 37 7.23 -13.69 -9.49
C GLN A 37 7.18 -13.09 -8.09
N TYR A 38 8.30 -12.55 -7.63
CA TYR A 38 8.38 -11.94 -6.30
C TYR A 38 8.57 -10.43 -6.41
N THR A 39 7.84 -9.82 -7.34
CA THR A 39 7.93 -8.37 -7.54
C THR A 39 6.56 -7.79 -7.86
N PHE A 40 6.24 -6.66 -7.23
CA PHE A 40 4.97 -5.99 -7.44
C PHE A 40 5.14 -4.48 -7.48
N ALA A 41 4.12 -3.78 -7.97
CA ALA A 41 4.17 -2.32 -8.05
C ALA A 41 2.77 -1.73 -7.90
N MET A 42 2.70 -0.57 -7.25
CA MET A 42 1.43 0.11 -7.04
C MET A 42 1.13 1.10 -8.16
N CYS A 43 0.12 0.79 -8.97
CA CYS A 43 -0.26 1.65 -10.08
C CYS A 43 -1.47 2.50 -9.72
N SER A 44 -1.29 3.83 -9.75
CA SER A 44 -2.37 4.75 -9.42
C SER A 44 -2.96 5.36 -10.68
N TYR A 45 -4.18 4.96 -11.02
CA TYR A 45 -4.86 5.48 -12.20
C TYR A 45 -5.61 6.77 -11.89
N ARG A 46 -5.12 7.88 -12.42
CA ARG A 46 -5.74 9.18 -12.20
C ARG A 46 -7.16 9.20 -12.75
N GLU A 47 -7.43 8.31 -13.69
CA GLU A 47 -8.77 8.23 -14.30
C GLU A 47 -9.17 6.78 -14.52
N LYS A 48 -10.42 6.57 -14.93
CA LYS A 48 -10.93 5.23 -15.18
C LYS A 48 -10.10 4.52 -16.25
N LYS A 49 -9.78 5.24 -17.32
CA LYS A 49 -8.98 4.67 -18.40
C LYS A 49 -7.56 5.22 -18.36
N ALA A 50 -7.43 6.51 -18.05
CA ALA A 50 -6.13 7.14 -17.99
C ALA A 50 -5.07 6.18 -17.47
N GLU A 51 -3.95 6.10 -18.19
CA GLU A 51 -2.86 5.20 -17.80
C GLU A 51 -2.23 5.66 -16.49
N PRO A 52 -1.72 4.69 -15.71
CA PRO A 52 -1.10 4.96 -14.42
C PRO A 52 0.24 5.68 -14.57
N GLN A 53 0.28 6.95 -14.19
CA GLN A 53 1.49 7.75 -14.28
C GLN A 53 2.45 7.41 -13.14
N GLU A 54 2.05 7.73 -11.92
CA GLU A 54 2.89 7.46 -10.76
C GLU A 54 2.82 5.99 -10.37
N LEU A 55 3.93 5.29 -10.55
CA LEU A 55 4.00 3.86 -10.23
C LEU A 55 5.16 3.58 -9.28
N LEU A 56 4.86 2.87 -8.19
CA LEU A 56 5.87 2.53 -7.19
C LEU A 56 6.18 1.04 -7.22
N GLN A 57 7.46 0.70 -7.19
CA GLN A 57 7.89 -0.69 -7.21
C GLN A 57 8.17 -1.20 -5.80
N LEU A 58 7.42 -2.21 -5.36
CA LEU A 58 7.59 -2.78 -4.03
C LEU A 58 8.59 -3.92 -4.07
N ASP A 59 9.61 -3.79 -4.90
CA ASP A 59 10.65 -4.82 -5.02
C ASP A 59 11.33 -5.05 -3.67
N GLY A 60 11.52 -3.98 -2.92
CA GLY A 60 12.16 -4.09 -1.62
C GLY A 60 11.31 -3.54 -0.50
N TYR A 61 10.49 -2.54 -0.82
CA TYR A 61 9.62 -1.92 0.17
C TYR A 61 9.13 -2.95 1.19
N THR A 62 9.02 -2.53 2.45
CA THR A 62 8.56 -3.42 3.50
C THR A 62 7.36 -2.83 4.24
N VAL A 63 6.16 -3.24 3.82
CA VAL A 63 4.94 -2.75 4.44
C VAL A 63 4.61 -3.53 5.70
N ASP A 64 4.08 -2.84 6.71
CA ASP A 64 3.72 -3.47 7.97
C ASP A 64 2.87 -2.54 8.82
N TYR A 65 2.27 -3.09 9.88
CA TYR A 65 1.43 -2.30 10.76
C TYR A 65 2.26 -1.26 11.53
N THR A 66 1.86 0.00 11.41
CA THR A 66 2.57 1.09 12.08
C THR A 66 1.59 2.04 12.77
N ASP A 67 2.13 2.92 13.59
CA ASP A 67 1.30 3.88 14.31
C ASP A 67 0.83 5.01 13.39
N PRO A 68 -0.24 5.69 13.78
CA PRO A 68 -0.81 6.80 13.00
C PRO A 68 0.09 8.03 12.99
N GLN A 69 0.56 8.40 11.81
CA GLN A 69 1.45 9.56 11.67
C GLN A 69 0.67 10.85 11.86
N PRO A 70 1.26 11.80 12.59
CA PRO A 70 0.65 13.10 12.86
C PRO A 70 0.57 13.98 11.61
N GLY A 71 -0.63 14.10 11.06
CA GLY A 71 -0.82 14.90 9.86
C GLY A 71 -1.80 14.29 8.89
N LEU A 72 -1.49 13.08 8.42
CA LEU A 72 -2.36 12.39 7.48
C LEU A 72 -3.70 12.04 8.12
N GLU A 73 -4.77 12.57 7.56
CA GLU A 73 -6.12 12.32 8.07
C GLU A 73 -6.86 11.31 7.19
N GLY A 74 -7.04 11.66 5.92
CA GLY A 74 -7.73 10.78 5.00
C GLY A 74 -7.44 9.32 5.27
N GLY A 75 -8.38 8.64 5.94
CA GLY A 75 -8.20 7.24 6.24
C GLY A 75 -8.11 6.98 7.73
N ARG A 76 -8.53 5.79 8.15
CA ARG A 76 -8.50 5.42 9.56
C ARG A 76 -7.23 4.63 9.89
N ALA A 77 -6.98 3.57 9.13
CA ALA A 77 -5.81 2.74 9.34
C ALA A 77 -4.57 3.37 8.72
N PHE A 78 -3.40 3.00 9.24
CA PHE A 78 -2.14 3.54 8.75
C PHE A 78 -1.15 2.41 8.48
N PHE A 79 -0.51 2.46 7.31
CA PHE A 79 0.46 1.45 6.93
C PHE A 79 1.50 2.03 5.98
N ASN A 80 2.77 1.99 6.39
CA ASN A 80 3.86 2.52 5.59
C ASN A 80 4.85 1.42 5.24
N ALA A 81 5.66 1.65 4.21
CA ALA A 81 6.66 0.69 3.77
C ALA A 81 8.07 1.22 3.99
N VAL A 82 9.01 0.31 4.26
CA VAL A 82 10.39 0.70 4.49
C VAL A 82 11.27 0.29 3.31
N LYS A 83 11.95 1.27 2.73
CA LYS A 83 12.84 1.02 1.60
C LYS A 83 14.27 1.44 1.90
N GLU A 84 15.22 0.84 1.22
CA GLU A 84 16.64 1.15 1.42
C GLU A 84 16.81 2.63 1.75
N GLY A 85 16.31 3.50 0.88
CA GLY A 85 16.43 4.92 1.09
C GLY A 85 15.14 5.66 0.75
N ASP A 86 14.03 4.93 0.70
CA ASP A 86 12.74 5.54 0.38
C ASP A 86 11.70 5.17 1.43
N THR A 87 10.78 6.09 1.68
CA THR A 87 9.73 5.89 2.68
C THR A 87 8.38 6.37 2.16
N VAL A 88 7.40 5.47 2.13
CA VAL A 88 6.07 5.82 1.66
C VAL A 88 5.00 5.35 2.65
N ILE A 89 4.07 6.24 2.97
CA ILE A 89 3.00 5.93 3.92
C ILE A 89 1.68 5.71 3.18
N PHE A 90 0.90 4.75 3.65
CA PHE A 90 -0.39 4.45 3.04
C PHE A 90 -1.49 4.40 4.09
N ALA A 91 -2.73 4.63 3.66
CA ALA A 91 -3.87 4.62 4.56
C ALA A 91 -5.09 3.99 3.90
N SER A 92 -6.00 3.44 4.71
CA SER A 92 -7.20 2.81 4.20
C SER A 92 -8.44 3.45 4.80
N ASP A 93 -9.61 3.04 4.31
CA ASP A 93 -10.88 3.57 4.80
C ASP A 93 -11.43 2.71 5.93
N ASP A 94 -11.24 1.40 5.81
CA ASP A 94 -11.72 0.46 6.82
C ASP A 94 -10.55 -0.21 7.52
N GLU A 95 -10.86 -0.91 8.62
CA GLU A 95 -9.82 -1.60 9.39
C GLU A 95 -9.55 -2.99 8.82
N GLN A 96 -10.59 -3.60 8.25
CA GLN A 96 -10.47 -4.93 7.67
C GLN A 96 -9.61 -4.89 6.40
N ASP A 97 -10.05 -4.11 5.43
CA ASP A 97 -9.33 -3.99 4.17
C ASP A 97 -7.83 -3.79 4.41
N ARG A 98 -7.50 -3.06 5.46
CA ARG A 98 -6.11 -2.80 5.81
C ARG A 98 -5.31 -4.09 5.84
N ILE A 99 -5.59 -4.93 6.82
CA ILE A 99 -4.89 -6.20 6.96
C ILE A 99 -4.75 -6.90 5.61
N LEU A 100 -5.84 -6.95 4.86
CA LEU A 100 -5.83 -7.58 3.55
C LEU A 100 -4.69 -7.04 2.68
N TRP A 101 -4.54 -5.73 2.68
CA TRP A 101 -3.49 -5.08 1.90
C TRP A 101 -2.11 -5.45 2.44
N VAL A 102 -1.96 -5.41 3.76
CA VAL A 102 -0.70 -5.75 4.40
C VAL A 102 -0.27 -7.18 4.08
N GLN A 103 -1.23 -8.09 4.14
CA GLN A 103 -0.96 -9.50 3.86
C GLN A 103 -0.44 -9.68 2.43
N ALA A 104 -1.13 -9.07 1.47
CA ALA A 104 -0.74 -9.16 0.07
C ALA A 104 0.57 -8.39 -0.18
N MET A 105 0.54 -7.08 0.07
CA MET A 105 1.71 -6.24 -0.12
C MET A 105 2.95 -6.88 0.49
N TYR A 106 2.75 -7.61 1.60
CA TYR A 106 3.85 -8.26 2.28
C TYR A 106 4.53 -9.29 1.39
N ARG A 107 3.73 -10.20 0.83
CA ARG A 107 4.25 -11.24 -0.05
C ARG A 107 4.83 -10.63 -1.31
N ALA A 108 4.22 -9.54 -1.78
CA ALA A 108 4.68 -8.86 -2.98
C ALA A 108 6.16 -8.53 -2.90
N THR A 109 6.55 -7.79 -1.85
CA THR A 109 7.94 -7.41 -1.66
C THR A 109 8.79 -8.60 -1.25
N GLY A 110 8.24 -9.44 -0.36
CA GLY A 110 8.97 -10.61 0.10
C GLY A 110 9.93 -10.29 1.23
N GLN A 111 9.59 -9.29 2.04
CA GLN A 111 10.43 -8.89 3.15
C GLN A 111 10.74 -10.07 4.05
N SER A 112 11.60 -9.84 5.05
CA SER A 112 11.98 -10.89 5.98
C SER A 112 11.07 -10.90 7.20
N HIS A 113 10.75 -9.70 7.70
CA HIS A 113 9.89 -9.57 8.86
C HIS A 113 8.42 -9.50 8.45
N LYS A 114 7.71 -10.59 8.66
CA LYS A 114 6.29 -10.65 8.30
C LYS A 114 5.46 -9.78 9.23
N PRO A 115 4.53 -9.02 8.65
CA PRO A 115 3.64 -8.12 9.41
C PRO A 115 2.63 -8.88 10.25
N VAL A 116 2.32 -8.35 11.42
CA VAL A 116 1.35 -8.97 12.31
C VAL A 116 0.31 -7.97 12.80
N PRO A 117 -0.95 -8.39 12.83
CA PRO A 117 -2.06 -7.54 13.28
C PRO A 117 -2.02 -7.27 14.77
N PRO A 118 -2.09 -5.98 15.14
CA PRO A 118 -2.06 -5.55 16.55
C PRO A 118 -3.33 -5.95 17.30
N THR A 119 -3.33 -5.70 18.60
CA THR A 119 -4.49 -6.03 19.43
C THR A 119 -5.25 -4.76 19.82
N GLN A 120 -5.39 -3.85 18.87
CA GLN A 120 -6.10 -2.59 19.12
C GLN A 120 -7.39 -2.84 19.88
N SER A 121 -7.81 -1.87 20.67
CA SER A 121 -9.03 -1.98 21.46
C SER A 121 -10.16 -1.18 20.83
N GLY A 122 -11.14 -1.89 20.26
CA GLY A 122 -12.26 -1.23 19.63
C GLY A 122 -13.49 -1.20 20.51
N PRO A 123 -14.60 -0.70 19.97
CA PRO A 123 -15.87 -0.60 20.69
C PRO A 123 -16.50 -1.97 20.96
N SER A 124 -15.90 -3.01 20.37
CA SER A 124 -16.40 -4.37 20.55
C SER A 124 -16.83 -4.61 21.98
N SER A 125 -18.07 -5.07 22.15
CA SER A 125 -18.61 -5.34 23.48
C SER A 125 -18.93 -6.82 23.63
N GLY A 126 -19.52 -7.17 24.79
CA GLY A 126 -19.87 -8.56 25.05
C GLY A 126 -18.69 -9.36 25.58
N GLY A 1 3.18 -5.55 -18.45
CA GLY A 1 2.60 -6.88 -18.67
C GLY A 1 2.00 -7.02 -20.05
N SER A 2 2.23 -8.16 -20.69
CA SER A 2 1.71 -8.42 -22.03
C SER A 2 0.41 -9.22 -21.95
N SER A 3 -0.22 -9.40 -23.11
CA SER A 3 -1.48 -10.14 -23.18
C SER A 3 -1.45 -11.36 -22.25
N GLY A 4 -2.60 -11.69 -21.68
CA GLY A 4 -2.68 -12.82 -20.78
C GLY A 4 -3.22 -12.45 -19.41
N SER A 5 -2.33 -12.34 -18.43
CA SER A 5 -2.73 -11.99 -17.08
C SER A 5 -1.80 -10.93 -16.49
N SER A 6 -2.37 -9.79 -16.11
CA SER A 6 -1.60 -8.69 -15.55
C SER A 6 -1.19 -9.01 -14.11
N GLY A 7 -2.17 -9.41 -13.30
CA GLY A 7 -1.89 -9.72 -11.91
C GLY A 7 -2.60 -8.79 -10.95
N MET A 8 -3.88 -9.04 -10.72
CA MET A 8 -4.67 -8.21 -9.81
C MET A 8 -5.00 -8.96 -8.53
N LYS A 9 -4.31 -8.61 -7.45
CA LYS A 9 -4.53 -9.26 -6.15
C LYS A 9 -5.61 -8.53 -5.37
N HIS A 10 -5.65 -7.21 -5.50
CA HIS A 10 -6.64 -6.40 -4.79
C HIS A 10 -6.60 -4.95 -5.29
N SER A 11 -7.77 -4.41 -5.60
CA SER A 11 -7.87 -3.03 -6.07
C SER A 11 -8.77 -2.20 -5.16
N GLY A 12 -8.55 -0.89 -5.17
CA GLY A 12 -9.35 0.00 -4.34
C GLY A 12 -8.63 1.30 -4.04
N TYR A 13 -9.42 2.36 -3.82
CA TYR A 13 -8.86 3.67 -3.53
C TYR A 13 -8.16 3.67 -2.17
N LEU A 14 -7.03 4.36 -2.10
CA LEU A 14 -6.25 4.43 -0.86
C LEU A 14 -5.50 5.76 -0.78
N TRP A 15 -5.10 6.13 0.44
CA TRP A 15 -4.36 7.37 0.64
C TRP A 15 -2.89 7.09 0.89
N ALA A 16 -2.03 7.57 -0.01
CA ALA A 16 -0.60 7.37 0.11
C ALA A 16 0.17 8.63 -0.26
N ILE A 17 1.35 8.79 0.31
CA ILE A 17 2.19 9.95 0.03
C ILE A 17 3.68 9.60 0.09
N GLY A 18 4.38 9.90 -0.99
CA GLY A 18 5.80 9.61 -1.04
C GLY A 18 6.65 10.85 -1.25
N LYS A 19 7.96 10.66 -1.36
CA LYS A 19 8.88 11.78 -1.56
C LYS A 19 9.09 12.05 -3.05
N ASN A 20 8.98 11.00 -3.85
CA ASN A 20 9.16 11.12 -5.30
C ASN A 20 7.82 11.13 -6.01
N VAL A 21 6.86 10.40 -5.47
CA VAL A 21 5.52 10.33 -6.06
C VAL A 21 4.44 10.52 -5.00
N TRP A 22 3.29 11.01 -5.43
CA TRP A 22 2.17 11.24 -4.51
C TRP A 22 2.54 12.28 -3.46
N LYS A 23 3.45 13.17 -3.81
CA LYS A 23 3.89 14.22 -2.90
C LYS A 23 2.73 14.71 -2.03
N ARG A 24 1.55 14.81 -2.64
CA ARG A 24 0.36 15.27 -1.92
C ARG A 24 -0.43 14.09 -1.37
N TRP A 25 -0.96 14.25 -0.17
CA TRP A 25 -1.73 13.20 0.48
C TRP A 25 -3.18 13.21 0.00
N LYS A 26 -3.46 12.43 -1.05
CA LYS A 26 -4.80 12.35 -1.60
C LYS A 26 -5.18 10.91 -1.89
N LYS A 27 -6.49 10.64 -1.94
CA LYS A 27 -6.99 9.30 -2.21
C LYS A 27 -7.05 9.04 -3.71
N ARG A 28 -6.33 8.02 -4.16
CA ARG A 28 -6.29 7.65 -5.58
C ARG A 28 -6.47 6.16 -5.76
N PHE A 29 -7.15 5.77 -6.84
CA PHE A 29 -7.40 4.37 -7.13
C PHE A 29 -6.09 3.59 -7.22
N PHE A 30 -5.74 2.90 -6.14
CA PHE A 30 -4.51 2.11 -6.10
C PHE A 30 -4.75 0.69 -6.56
N VAL A 31 -3.86 0.18 -7.39
CA VAL A 31 -3.99 -1.19 -7.91
C VAL A 31 -2.66 -1.93 -7.80
N LEU A 32 -2.69 -3.09 -7.14
CA LEU A 32 -1.49 -3.90 -6.97
C LEU A 32 -1.22 -4.75 -8.21
N VAL A 33 -0.21 -4.36 -8.98
CA VAL A 33 0.15 -5.08 -10.19
C VAL A 33 1.31 -6.03 -9.93
N GLN A 34 1.24 -7.22 -10.51
CA GLN A 34 2.29 -8.22 -10.34
C GLN A 34 3.27 -8.19 -11.52
N VAL A 35 4.40 -7.53 -11.33
CA VAL A 35 5.41 -7.42 -12.36
C VAL A 35 6.06 -8.78 -12.64
N SER A 36 6.55 -9.42 -11.60
CA SER A 36 7.21 -10.72 -11.73
C SER A 36 6.68 -11.69 -10.68
N GLN A 37 7.24 -12.90 -10.65
CA GLN A 37 6.84 -13.93 -9.70
C GLN A 37 6.91 -13.40 -8.28
N TYR A 38 8.00 -12.73 -7.96
CA TYR A 38 8.19 -12.18 -6.62
C TYR A 38 8.40 -10.66 -6.67
N THR A 39 7.73 -10.02 -7.63
CA THR A 39 7.83 -8.57 -7.79
C THR A 39 6.48 -7.94 -8.06
N PHE A 40 6.22 -6.80 -7.45
CA PHE A 40 4.96 -6.10 -7.62
C PHE A 40 5.16 -4.58 -7.62
N ALA A 41 4.15 -3.86 -8.06
CA ALA A 41 4.21 -2.40 -8.11
C ALA A 41 2.84 -1.77 -7.90
N MET A 42 2.82 -0.61 -7.24
CA MET A 42 1.57 0.08 -6.97
C MET A 42 1.26 1.11 -8.08
N CYS A 43 0.37 0.74 -8.98
CA CYS A 43 -0.01 1.61 -10.07
C CYS A 43 -1.26 2.43 -9.73
N SER A 44 -1.11 3.75 -9.73
CA SER A 44 -2.23 4.63 -9.40
C SER A 44 -2.90 5.14 -10.67
N TYR A 45 -3.54 4.23 -11.39
CA TYR A 45 -4.24 4.58 -12.62
C TYR A 45 -5.20 5.74 -12.40
N ARG A 46 -4.79 6.94 -12.84
CA ARG A 46 -5.61 8.12 -12.70
C ARG A 46 -7.02 7.89 -13.25
N GLU A 47 -7.10 7.13 -14.33
CA GLU A 47 -8.38 6.83 -14.96
C GLU A 47 -8.47 5.35 -15.33
N LYS A 48 -9.67 4.92 -15.71
CA LYS A 48 -9.91 3.54 -16.09
C LYS A 48 -8.85 3.07 -17.10
N LYS A 49 -8.61 3.89 -18.11
CA LYS A 49 -7.62 3.57 -19.13
C LYS A 49 -6.34 4.39 -18.95
N ALA A 50 -6.52 5.68 -18.69
CA ALA A 50 -5.38 6.58 -18.49
C ALA A 50 -4.24 5.87 -17.77
N GLU A 51 -3.07 5.85 -18.40
CA GLU A 51 -1.90 5.20 -17.82
C GLU A 51 -1.65 5.71 -16.40
N PRO A 52 -1.00 4.86 -15.58
CA PRO A 52 -0.68 5.20 -14.19
C PRO A 52 0.39 6.28 -14.09
N GLN A 53 -0.04 7.52 -13.84
CA GLN A 53 0.87 8.64 -13.72
C GLN A 53 2.01 8.31 -12.77
N GLU A 54 1.66 7.95 -11.53
CA GLU A 54 2.66 7.61 -10.52
C GLU A 54 2.75 6.10 -10.33
N LEU A 55 3.96 5.60 -10.20
CA LEU A 55 4.19 4.17 -10.01
C LEU A 55 5.30 3.92 -8.99
N LEU A 56 5.01 3.08 -8.00
CA LEU A 56 5.98 2.75 -6.97
C LEU A 56 6.21 1.24 -6.88
N GLN A 57 7.37 0.80 -7.36
CA GLN A 57 7.70 -0.62 -7.34
C GLN A 57 7.97 -1.10 -5.92
N LEU A 58 7.44 -2.28 -5.57
CA LEU A 58 7.62 -2.84 -4.24
C LEU A 58 8.69 -3.92 -4.25
N ASP A 59 9.72 -3.72 -5.07
CA ASP A 59 10.81 -4.68 -5.17
C ASP A 59 11.79 -4.52 -4.01
N GLY A 60 11.25 -4.36 -2.80
CA GLY A 60 12.08 -4.20 -1.62
C GLY A 60 11.34 -3.54 -0.48
N TYR A 61 10.38 -2.69 -0.81
CA TYR A 61 9.61 -1.98 0.20
C TYR A 61 9.07 -2.95 1.25
N THR A 62 9.20 -2.56 2.52
CA THR A 62 8.72 -3.40 3.62
C THR A 62 7.52 -2.77 4.31
N VAL A 63 6.33 -3.25 3.97
CA VAL A 63 5.10 -2.73 4.56
C VAL A 63 4.78 -3.46 5.87
N ASP A 64 4.26 -2.71 6.84
CA ASP A 64 3.91 -3.28 8.13
C ASP A 64 3.15 -2.25 8.98
N TYR A 65 2.08 -2.71 9.62
CA TYR A 65 1.27 -1.83 10.46
C TYR A 65 2.14 -0.92 11.31
N THR A 66 1.97 0.39 11.13
CA THR A 66 2.75 1.38 11.87
C THR A 66 1.83 2.38 12.58
N ASP A 67 2.40 3.15 13.50
CA ASP A 67 1.64 4.14 14.23
C ASP A 67 1.05 5.18 13.29
N PRO A 68 -0.04 5.82 13.74
CA PRO A 68 -0.74 6.85 12.95
C PRO A 68 0.09 8.13 12.81
N GLN A 69 0.17 8.64 11.58
CA GLN A 69 0.93 9.86 11.30
C GLN A 69 0.13 11.10 11.71
N PRO A 70 0.81 12.04 12.37
CA PRO A 70 0.18 13.29 12.82
C PRO A 70 -0.17 14.21 11.66
N GLY A 71 -1.34 13.99 11.06
CA GLY A 71 -1.77 14.81 9.95
C GLY A 71 -2.71 14.07 9.01
N LEU A 72 -2.31 12.88 8.58
CA LEU A 72 -3.13 12.07 7.68
C LEU A 72 -4.42 11.64 8.36
N GLU A 73 -5.55 12.04 7.79
CA GLU A 73 -6.85 11.69 8.34
C GLU A 73 -7.73 11.07 7.27
N GLY A 74 -7.51 11.44 6.02
CA GLY A 74 -8.29 10.90 4.92
C GLY A 74 -8.68 9.45 5.14
N GLY A 75 -7.71 8.64 5.58
CA GLY A 75 -7.97 7.24 5.83
C GLY A 75 -7.89 6.88 7.29
N ARG A 76 -8.45 5.73 7.65
CA ARG A 76 -8.45 5.27 9.04
C ARG A 76 -7.16 4.52 9.36
N ALA A 77 -7.03 3.32 8.78
CA ALA A 77 -5.85 2.50 8.99
C ALA A 77 -4.58 3.21 8.53
N PHE A 78 -3.45 2.83 9.12
CA PHE A 78 -2.17 3.45 8.79
C PHE A 78 -1.11 2.37 8.51
N PHE A 79 -0.67 2.29 7.27
CA PHE A 79 0.34 1.31 6.89
C PHE A 79 1.36 1.92 5.94
N ASN A 80 2.63 1.91 6.35
CA ASN A 80 3.70 2.47 5.54
C ASN A 80 4.75 1.40 5.21
N ALA A 81 5.56 1.67 4.18
CA ALA A 81 6.59 0.74 3.76
C ALA A 81 7.98 1.34 3.95
N VAL A 82 8.93 0.50 4.38
CA VAL A 82 10.29 0.95 4.59
C VAL A 82 11.21 0.50 3.47
N LYS A 83 11.95 1.44 2.89
CA LYS A 83 12.87 1.13 1.81
C LYS A 83 14.29 1.55 2.16
N GLU A 84 15.27 0.90 1.53
CA GLU A 84 16.68 1.20 1.78
C GLU A 84 16.87 2.68 2.09
N GLY A 85 16.40 3.53 1.18
CA GLY A 85 16.53 4.96 1.36
C GLY A 85 15.26 5.71 1.00
N ASP A 86 14.15 4.99 0.89
CA ASP A 86 12.88 5.60 0.54
C ASP A 86 11.81 5.24 1.56
N THR A 87 10.85 6.14 1.77
CA THR A 87 9.78 5.92 2.72
C THR A 87 8.44 6.39 2.15
N VAL A 88 7.41 5.55 2.30
CA VAL A 88 6.08 5.88 1.81
C VAL A 88 5.00 5.38 2.76
N ILE A 89 4.07 6.25 3.11
CA ILE A 89 2.98 5.89 4.01
C ILE A 89 1.67 5.69 3.24
N PHE A 90 0.88 4.72 3.70
CA PHE A 90 -0.40 4.42 3.05
C PHE A 90 -1.51 4.31 4.09
N ALA A 91 -2.76 4.42 3.63
CA ALA A 91 -3.91 4.34 4.51
C ALA A 91 -5.10 3.70 3.79
N SER A 92 -6.09 3.27 4.58
CA SER A 92 -7.28 2.64 4.01
C SER A 92 -8.54 3.18 4.69
N ASP A 93 -9.67 3.04 4.00
CA ASP A 93 -10.94 3.51 4.53
C ASP A 93 -11.24 2.87 5.88
N ASP A 94 -11.11 1.55 5.96
CA ASP A 94 -11.35 0.82 7.20
C ASP A 94 -10.19 -0.13 7.51
N GLU A 95 -10.00 -0.39 8.81
CA GLU A 95 -8.92 -1.28 9.24
C GLU A 95 -9.00 -2.62 8.52
N GLN A 96 -10.14 -3.28 8.63
CA GLN A 96 -10.34 -4.58 7.98
C GLN A 96 -9.85 -4.55 6.54
N ASP A 97 -9.77 -3.35 5.97
CA ASP A 97 -9.32 -3.18 4.60
C ASP A 97 -7.80 -3.23 4.51
N ARG A 98 -7.13 -2.34 5.25
CA ARG A 98 -5.68 -2.29 5.27
C ARG A 98 -5.08 -3.67 5.46
N ILE A 99 -5.84 -4.55 6.10
CA ILE A 99 -5.39 -5.91 6.36
C ILE A 99 -5.08 -6.64 5.05
N LEU A 100 -6.11 -6.79 4.22
CA LEU A 100 -5.95 -7.48 2.93
C LEU A 100 -4.80 -6.88 2.13
N TRP A 101 -4.65 -5.57 2.21
CA TRP A 101 -3.58 -4.87 1.50
C TRP A 101 -2.22 -5.21 2.10
N VAL A 102 -2.13 -5.16 3.42
CA VAL A 102 -0.88 -5.47 4.11
C VAL A 102 -0.43 -6.90 3.83
N GLN A 103 -1.39 -7.83 3.86
CA GLN A 103 -1.08 -9.23 3.61
C GLN A 103 -0.52 -9.43 2.20
N ALA A 104 -1.13 -8.75 1.23
CA ALA A 104 -0.69 -8.84 -0.15
C ALA A 104 0.66 -8.16 -0.34
N MET A 105 0.75 -6.91 0.05
CA MET A 105 1.98 -6.14 -0.08
C MET A 105 3.15 -6.87 0.58
N TYR A 106 2.86 -7.54 1.69
CA TYR A 106 3.88 -8.27 2.42
C TYR A 106 4.51 -9.34 1.55
N ARG A 107 3.68 -10.24 1.03
CA ARG A 107 4.15 -11.33 0.18
C ARG A 107 4.74 -10.78 -1.12
N ALA A 108 4.10 -9.75 -1.67
CA ALA A 108 4.56 -9.14 -2.91
C ALA A 108 6.01 -8.68 -2.79
N THR A 109 6.34 -8.07 -1.66
CA THR A 109 7.70 -7.59 -1.42
C THR A 109 8.61 -8.73 -0.96
N GLY A 110 8.12 -9.53 -0.03
CA GLY A 110 8.90 -10.64 0.47
C GLY A 110 9.84 -10.24 1.60
N GLN A 111 9.39 -9.30 2.42
CA GLN A 111 10.20 -8.81 3.54
C GLN A 111 10.55 -9.96 4.49
N SER A 112 11.34 -9.64 5.51
CA SER A 112 11.74 -10.63 6.49
C SER A 112 10.75 -10.69 7.66
N HIS A 113 10.33 -9.53 8.12
CA HIS A 113 9.39 -9.44 9.24
C HIS A 113 7.95 -9.44 8.73
N LYS A 114 7.24 -10.53 9.00
CA LYS A 114 5.85 -10.66 8.57
C LYS A 114 4.94 -9.79 9.43
N PRO A 115 3.97 -9.12 8.77
CA PRO A 115 3.01 -8.25 9.46
C PRO A 115 2.02 -9.03 10.32
N VAL A 116 1.56 -8.40 11.39
CA VAL A 116 0.61 -9.03 12.30
C VAL A 116 -0.56 -8.11 12.60
N PRO A 117 -1.78 -8.62 12.38
CA PRO A 117 -3.02 -7.86 12.62
C PRO A 117 -3.27 -7.63 14.11
N PRO A 118 -3.14 -6.36 14.53
CA PRO A 118 -3.36 -5.98 15.94
C PRO A 118 -4.82 -6.08 16.34
N THR A 119 -5.06 -6.12 17.65
CA THR A 119 -6.42 -6.22 18.17
C THR A 119 -6.47 -5.90 19.66
N GLN A 120 -7.41 -5.06 20.05
CA GLN A 120 -7.56 -4.66 21.45
C GLN A 120 -8.90 -5.12 22.00
N SER A 121 -8.88 -6.23 22.75
CA SER A 121 -10.09 -6.78 23.33
C SER A 121 -11.24 -6.79 22.32
N GLY A 122 -10.91 -7.13 21.08
CA GLY A 122 -11.91 -7.17 20.03
C GLY A 122 -12.24 -5.80 19.48
N PRO A 123 -12.34 -5.69 18.15
CA PRO A 123 -12.65 -4.43 17.48
C PRO A 123 -14.09 -3.98 17.72
N SER A 124 -15.03 -4.91 17.59
CA SER A 124 -16.44 -4.61 17.79
C SER A 124 -16.62 -3.57 18.88
N SER A 125 -17.51 -2.61 18.64
CA SER A 125 -17.78 -1.55 19.61
C SER A 125 -19.27 -1.29 19.72
N GLY A 126 -19.73 -1.05 20.95
CA GLY A 126 -21.14 -0.78 21.18
C GLY A 126 -21.50 0.67 20.96
N GLY A 1 -3.72 -1.63 -24.90
CA GLY A 1 -2.35 -1.87 -24.48
C GLY A 1 -1.81 -3.19 -25.00
N SER A 2 -0.68 -3.62 -24.46
CA SER A 2 -0.05 -4.87 -24.88
C SER A 2 0.20 -5.78 -23.68
N SER A 3 -0.67 -5.68 -22.68
CA SER A 3 -0.54 -6.50 -21.48
C SER A 3 -1.83 -7.27 -21.21
N GLY A 4 -1.69 -8.43 -20.57
CA GLY A 4 -2.86 -9.24 -20.25
C GLY A 4 -3.45 -8.91 -18.90
N SER A 5 -4.71 -9.24 -18.71
CA SER A 5 -5.40 -8.97 -17.45
C SER A 5 -5.16 -10.10 -16.45
N SER A 6 -4.06 -10.00 -15.70
CA SER A 6 -3.72 -11.01 -14.71
C SER A 6 -2.65 -10.48 -13.76
N GLY A 7 -2.61 -11.05 -12.56
CA GLY A 7 -1.62 -10.63 -11.57
C GLY A 7 -2.23 -9.74 -10.50
N MET A 8 -3.17 -8.89 -10.91
CA MET A 8 -3.83 -7.98 -9.98
C MET A 8 -4.28 -8.71 -8.72
N LYS A 9 -3.75 -8.30 -7.57
CA LYS A 9 -4.10 -8.92 -6.30
C LYS A 9 -5.25 -8.17 -5.62
N HIS A 10 -5.06 -6.86 -5.43
CA HIS A 10 -6.07 -6.03 -4.80
C HIS A 10 -6.13 -4.65 -5.44
N SER A 11 -7.28 -4.00 -5.35
CA SER A 11 -7.47 -2.68 -5.92
C SER A 11 -8.46 -1.86 -5.10
N GLY A 12 -8.49 -0.55 -5.35
CA GLY A 12 -9.40 0.32 -4.62
C GLY A 12 -8.75 1.65 -4.26
N TYR A 13 -9.58 2.63 -3.93
CA TYR A 13 -9.09 3.95 -3.55
C TYR A 13 -8.32 3.90 -2.24
N LEU A 14 -7.19 4.61 -2.19
CA LEU A 14 -6.36 4.65 -1.00
C LEU A 14 -5.57 5.95 -0.92
N TRP A 15 -5.10 6.28 0.27
CA TRP A 15 -4.33 7.50 0.47
C TRP A 15 -2.86 7.18 0.74
N ALA A 16 -1.98 7.71 -0.10
CA ALA A 16 -0.55 7.48 0.05
C ALA A 16 0.25 8.71 -0.35
N ILE A 17 1.49 8.79 0.14
CA ILE A 17 2.36 9.92 -0.16
C ILE A 17 3.83 9.52 -0.08
N GLY A 18 4.56 9.76 -1.16
CA GLY A 18 5.97 9.42 -1.19
C GLY A 18 6.85 10.62 -1.49
N LYS A 19 8.08 10.36 -1.91
CA LYS A 19 9.02 11.41 -2.23
C LYS A 19 9.15 11.60 -3.74
N ASN A 20 9.06 10.50 -4.47
CA ASN A 20 9.15 10.53 -5.93
C ASN A 20 7.77 10.56 -6.56
N VAL A 21 6.82 9.89 -5.94
CA VAL A 21 5.45 9.83 -6.44
C VAL A 21 4.45 10.15 -5.33
N TRP A 22 3.28 10.65 -5.72
CA TRP A 22 2.23 10.99 -4.76
C TRP A 22 2.73 12.03 -3.76
N LYS A 23 3.57 12.95 -4.23
CA LYS A 23 4.12 14.00 -3.38
C LYS A 23 3.05 14.54 -2.43
N ARG A 24 1.81 14.57 -2.92
CA ARG A 24 0.69 15.07 -2.12
C ARG A 24 -0.10 13.92 -1.50
N TRP A 25 -0.81 14.20 -0.42
CA TRP A 25 -1.60 13.20 0.26
C TRP A 25 -3.05 13.23 -0.22
N LYS A 26 -3.33 12.51 -1.29
CA LYS A 26 -4.68 12.46 -1.85
C LYS A 26 -5.11 11.02 -2.08
N LYS A 27 -6.42 10.80 -2.13
CA LYS A 27 -6.97 9.47 -2.35
C LYS A 27 -7.05 9.15 -3.84
N ARG A 28 -6.30 8.16 -4.28
CA ARG A 28 -6.29 7.75 -5.68
C ARG A 28 -6.53 6.25 -5.82
N PHE A 29 -6.76 5.81 -7.05
CA PHE A 29 -7.01 4.40 -7.31
C PHE A 29 -5.72 3.59 -7.23
N PHE A 30 -5.51 2.94 -6.10
CA PHE A 30 -4.32 2.13 -5.89
C PHE A 30 -4.56 0.67 -6.29
N VAL A 31 -3.82 0.20 -7.28
CA VAL A 31 -3.94 -1.17 -7.75
C VAL A 31 -2.61 -1.91 -7.67
N LEU A 32 -2.62 -3.03 -6.96
CA LEU A 32 -1.41 -3.85 -6.80
C LEU A 32 -1.16 -4.70 -8.04
N VAL A 33 -0.21 -4.29 -8.86
CA VAL A 33 0.13 -5.01 -10.08
C VAL A 33 1.28 -5.97 -9.84
N GLN A 34 1.28 -7.10 -10.55
CA GLN A 34 2.33 -8.10 -10.41
C GLN A 34 3.28 -8.05 -11.60
N VAL A 35 4.41 -7.36 -11.42
CA VAL A 35 5.40 -7.24 -12.47
C VAL A 35 6.07 -8.58 -12.76
N SER A 36 6.58 -9.22 -11.71
CA SER A 36 7.25 -10.51 -11.85
C SER A 36 6.76 -11.49 -10.78
N GLN A 37 7.38 -12.66 -10.75
CA GLN A 37 7.02 -13.68 -9.78
C GLN A 37 7.04 -13.13 -8.36
N TYR A 38 8.20 -12.68 -7.92
CA TYR A 38 8.36 -12.13 -6.58
C TYR A 38 8.57 -10.62 -6.64
N THR A 39 7.86 -9.96 -7.55
CA THR A 39 7.96 -8.52 -7.71
C THR A 39 6.61 -7.89 -8.04
N PHE A 40 6.29 -6.81 -7.34
CA PHE A 40 5.02 -6.11 -7.56
C PHE A 40 5.21 -4.60 -7.55
N ALA A 41 4.18 -3.88 -7.97
CA ALA A 41 4.23 -2.43 -8.00
C ALA A 41 2.85 -1.81 -7.82
N MET A 42 2.80 -0.63 -7.20
CA MET A 42 1.54 0.05 -6.96
C MET A 42 1.26 1.08 -8.06
N CYS A 43 0.37 0.72 -8.98
CA CYS A 43 0.02 1.62 -10.08
C CYS A 43 -1.22 2.44 -9.73
N SER A 44 -1.10 3.76 -9.87
CA SER A 44 -2.20 4.66 -9.57
C SER A 44 -2.80 5.24 -10.85
N TYR A 45 -4.04 4.86 -11.13
CA TYR A 45 -4.73 5.34 -12.32
C TYR A 45 -5.78 6.40 -11.97
N ARG A 46 -5.33 7.65 -11.93
CA ARG A 46 -6.23 8.76 -11.61
C ARG A 46 -7.53 8.66 -12.40
N GLU A 47 -7.43 8.85 -13.71
CA GLU A 47 -8.60 8.78 -14.57
C GLU A 47 -9.20 7.38 -14.58
N LYS A 48 -10.28 7.20 -15.33
CA LYS A 48 -10.95 5.90 -15.42
C LYS A 48 -9.95 4.81 -15.79
N LYS A 49 -9.47 4.86 -17.03
CA LYS A 49 -8.51 3.89 -17.52
C LYS A 49 -7.46 4.54 -18.42
N ALA A 50 -6.25 4.68 -17.91
CA ALA A 50 -5.17 5.28 -18.68
C ALA A 50 -3.82 5.02 -18.01
N GLU A 51 -2.75 5.19 -18.78
CA GLU A 51 -1.40 4.97 -18.27
C GLU A 51 -1.28 5.46 -16.82
N PRO A 52 -0.54 4.69 -16.01
CA PRO A 52 -0.33 5.01 -14.59
C PRO A 52 0.55 6.24 -14.40
N GLN A 53 0.01 7.27 -13.77
CA GLN A 53 0.76 8.51 -13.52
C GLN A 53 1.83 8.29 -12.47
N GLU A 54 1.49 7.55 -11.42
CA GLU A 54 2.42 7.27 -10.34
C GLU A 54 2.61 5.76 -10.15
N LEU A 55 3.86 5.34 -9.99
CA LEU A 55 4.17 3.94 -9.81
C LEU A 55 5.21 3.75 -8.71
N LEU A 56 4.98 2.75 -7.85
CA LEU A 56 5.91 2.47 -6.76
C LEU A 56 6.18 0.97 -6.66
N GLN A 57 7.38 0.56 -7.05
CA GLN A 57 7.76 -0.84 -6.99
C GLN A 57 8.06 -1.27 -5.56
N LEU A 58 7.36 -2.31 -5.11
CA LEU A 58 7.55 -2.82 -3.75
C LEU A 58 8.47 -4.04 -3.76
N ASP A 59 9.51 -4.00 -4.59
CA ASP A 59 10.46 -5.09 -4.68
C ASP A 59 11.28 -5.21 -3.40
N GLY A 60 11.55 -4.07 -2.77
CA GLY A 60 12.33 -4.08 -1.54
C GLY A 60 11.60 -3.40 -0.41
N TYR A 61 10.43 -2.84 -0.70
CA TYR A 61 9.64 -2.14 0.31
C TYR A 61 9.06 -3.14 1.32
N THR A 62 8.97 -2.71 2.57
CA THR A 62 8.44 -3.56 3.64
C THR A 62 7.23 -2.91 4.30
N VAL A 63 6.04 -3.34 3.90
CA VAL A 63 4.80 -2.80 4.45
C VAL A 63 4.44 -3.50 5.76
N ASP A 64 4.09 -2.71 6.76
CA ASP A 64 3.71 -3.24 8.07
C ASP A 64 2.88 -2.24 8.86
N TYR A 65 2.28 -2.71 9.94
CA TYR A 65 1.44 -1.85 10.79
C TYR A 65 2.29 -0.82 11.53
N THR A 66 1.92 0.45 11.40
CA THR A 66 2.64 1.52 12.06
C THR A 66 1.68 2.54 12.68
N ASP A 67 2.15 3.25 13.69
CA ASP A 67 1.34 4.25 14.38
C ASP A 67 0.89 5.34 13.40
N PRO A 68 -0.18 6.06 13.77
CA PRO A 68 -0.73 7.13 12.95
C PRO A 68 0.19 8.35 12.89
N GLN A 69 0.56 8.74 11.67
CA GLN A 69 1.44 9.89 11.47
C GLN A 69 0.71 11.19 11.77
N PRO A 70 1.40 12.11 12.47
CA PRO A 70 0.84 13.41 12.83
C PRO A 70 0.66 14.33 11.62
N GLY A 71 -0.54 14.29 11.04
CA GLY A 71 -0.83 15.12 9.89
C GLY A 71 -1.81 14.47 8.93
N LEU A 72 -1.55 13.22 8.59
CA LEU A 72 -2.42 12.48 7.68
C LEU A 72 -3.74 12.12 8.36
N GLU A 73 -4.83 12.67 7.83
CA GLU A 73 -6.16 12.41 8.39
C GLU A 73 -6.92 11.40 7.53
N GLY A 74 -7.20 11.78 6.29
CA GLY A 74 -7.92 10.89 5.39
C GLY A 74 -7.52 9.44 5.56
N GLY A 75 -8.45 8.62 6.02
CA GLY A 75 -8.17 7.20 6.22
C GLY A 75 -7.99 6.85 7.67
N ARG A 76 -8.54 5.71 8.09
CA ARG A 76 -8.44 5.27 9.47
C ARG A 76 -7.14 4.50 9.70
N ALA A 77 -7.02 3.36 9.03
CA ALA A 77 -5.83 2.52 9.15
C ALA A 77 -4.60 3.23 8.61
N PHE A 78 -3.48 3.09 9.30
CA PHE A 78 -2.23 3.72 8.90
C PHE A 78 -1.15 2.68 8.64
N PHE A 79 -0.78 2.52 7.38
CA PHE A 79 0.25 1.54 7.00
C PHE A 79 1.24 2.16 6.02
N ASN A 80 2.53 2.07 6.34
CA ASN A 80 3.57 2.61 5.48
C ASN A 80 4.64 1.56 5.18
N ALA A 81 5.42 1.80 4.15
CA ALA A 81 6.48 0.87 3.75
C ALA A 81 7.85 1.53 3.84
N VAL A 82 8.88 0.72 4.06
CA VAL A 82 10.25 1.22 4.17
C VAL A 82 11.12 0.69 3.04
N LYS A 83 11.96 1.56 2.50
CA LYS A 83 12.86 1.18 1.41
C LYS A 83 14.30 1.57 1.73
N GLU A 84 15.25 0.89 1.08
CA GLU A 84 16.66 1.17 1.30
C GLU A 84 16.88 2.65 1.59
N GLY A 85 16.31 3.51 0.74
CA GLY A 85 16.46 4.94 0.92
C GLY A 85 15.19 5.70 0.60
N ASP A 86 14.08 4.98 0.53
CA ASP A 86 12.79 5.60 0.22
C ASP A 86 11.75 5.23 1.26
N THR A 87 10.79 6.13 1.47
CA THR A 87 9.74 5.90 2.45
C THR A 87 8.39 6.36 1.91
N VAL A 88 7.38 5.50 2.04
CA VAL A 88 6.04 5.81 1.56
C VAL A 88 4.98 5.41 2.59
N ILE A 89 3.94 6.22 2.72
CA ILE A 89 2.87 5.94 3.67
C ILE A 89 1.57 5.61 2.93
N PHE A 90 0.73 4.82 3.58
CA PHE A 90 -0.55 4.43 3.01
C PHE A 90 -1.65 4.37 4.07
N ALA A 91 -2.90 4.46 3.63
CA ALA A 91 -4.03 4.42 4.54
C ALA A 91 -5.25 3.79 3.88
N SER A 92 -6.22 3.39 4.69
CA SER A 92 -7.44 2.77 4.18
C SER A 92 -8.66 3.31 4.90
N ASP A 93 -9.84 2.95 4.40
CA ASP A 93 -11.10 3.40 4.99
C ASP A 93 -11.47 2.53 6.19
N ASP A 94 -11.38 1.21 6.00
CA ASP A 94 -11.72 0.27 7.07
C ASP A 94 -10.47 -0.44 7.56
N GLU A 95 -10.53 -0.93 8.80
CA GLU A 95 -9.39 -1.64 9.39
C GLU A 95 -9.17 -2.98 8.71
N GLN A 96 -10.26 -3.61 8.29
CA GLN A 96 -10.19 -4.91 7.61
C GLN A 96 -9.35 -4.81 6.34
N ASP A 97 -9.48 -3.70 5.64
CA ASP A 97 -8.74 -3.48 4.40
C ASP A 97 -7.23 -3.51 4.67
N ARG A 98 -6.81 -2.75 5.66
CA ARG A 98 -5.39 -2.68 6.01
C ARG A 98 -4.76 -4.07 6.02
N ILE A 99 -5.46 -5.02 6.63
CA ILE A 99 -4.97 -6.39 6.70
C ILE A 99 -4.93 -7.04 5.32
N LEU A 100 -5.95 -6.77 4.51
CA LEU A 100 -6.03 -7.32 3.16
C LEU A 100 -4.90 -6.79 2.29
N TRP A 101 -4.51 -5.55 2.54
CA TRP A 101 -3.43 -4.91 1.77
C TRP A 101 -2.06 -5.29 2.34
N VAL A 102 -1.99 -5.36 3.67
CA VAL A 102 -0.73 -5.71 4.34
C VAL A 102 -0.33 -7.15 4.05
N GLN A 103 -1.32 -8.05 4.04
CA GLN A 103 -1.06 -9.46 3.76
C GLN A 103 -0.63 -9.66 2.32
N ALA A 104 -1.35 -9.03 1.39
CA ALA A 104 -1.04 -9.14 -0.03
C ALA A 104 0.27 -8.43 -0.36
N MET A 105 0.36 -7.17 0.05
CA MET A 105 1.57 -6.37 -0.20
C MET A 105 2.80 -7.04 0.40
N TYR A 106 2.61 -7.71 1.53
CA TYR A 106 3.70 -8.39 2.20
C TYR A 106 4.38 -9.40 1.28
N ARG A 107 3.60 -10.36 0.79
CA ARG A 107 4.11 -11.38 -0.11
C ARG A 107 4.74 -10.75 -1.35
N ALA A 108 4.09 -9.72 -1.87
CA ALA A 108 4.58 -9.02 -3.06
C ALA A 108 6.05 -8.64 -2.89
N THR A 109 6.37 -7.99 -1.78
CA THR A 109 7.73 -7.56 -1.51
C THR A 109 8.61 -8.74 -1.12
N GLY A 110 8.06 -9.63 -0.31
CA GLY A 110 8.81 -10.80 0.14
C GLY A 110 9.77 -10.48 1.27
N GLN A 111 9.41 -9.50 2.09
CA GLN A 111 10.24 -9.10 3.21
C GLN A 111 10.57 -10.29 4.09
N SER A 112 11.51 -10.10 5.01
CA SER A 112 11.92 -11.17 5.92
C SER A 112 10.94 -11.29 7.09
N HIS A 113 10.53 -10.15 7.63
CA HIS A 113 9.60 -10.13 8.75
C HIS A 113 8.16 -10.37 8.27
N LYS A 114 7.24 -10.50 9.21
CA LYS A 114 5.84 -10.74 8.88
C LYS A 114 4.94 -9.75 9.62
N PRO A 115 4.04 -9.10 8.88
CA PRO A 115 3.10 -8.14 9.44
C PRO A 115 2.04 -8.79 10.32
N VAL A 116 1.87 -8.26 11.53
CA VAL A 116 0.88 -8.80 12.47
C VAL A 116 -0.17 -7.75 12.82
N PRO A 117 -1.43 -8.19 12.87
CA PRO A 117 -2.56 -7.31 13.19
C PRO A 117 -2.55 -6.87 14.65
N PRO A 118 -2.66 -5.54 14.87
CA PRO A 118 -2.67 -4.96 16.21
C PRO A 118 -3.94 -5.28 16.98
N THR A 119 -4.09 -4.67 18.15
CA THR A 119 -5.26 -4.90 18.98
C THR A 119 -5.80 -3.59 19.54
N GLN A 120 -7.03 -3.24 19.17
CA GLN A 120 -7.66 -2.01 19.64
C GLN A 120 -9.04 -2.30 20.22
N SER A 121 -9.11 -2.45 21.54
CA SER A 121 -10.37 -2.72 22.22
C SER A 121 -10.41 -2.03 23.58
N GLY A 122 -11.18 -0.96 23.66
CA GLY A 122 -11.31 -0.21 24.91
C GLY A 122 -12.19 1.00 24.77
N PRO A 123 -11.90 2.05 25.56
CA PRO A 123 -12.66 3.30 25.54
C PRO A 123 -12.45 4.09 24.26
N SER A 124 -13.55 4.41 23.59
CA SER A 124 -13.50 5.16 22.33
C SER A 124 -14.56 6.25 22.30
N SER A 125 -14.31 7.30 21.52
CA SER A 125 -15.25 8.42 21.41
C SER A 125 -15.95 8.67 22.74
N GLY A 126 -15.17 8.61 23.83
CA GLY A 126 -15.74 8.84 25.14
C GLY A 126 -14.77 8.53 26.26
#